data_8KIA
#
_entry.id   8KIA
#
_cell.length_a   1.00
_cell.length_b   1.00
_cell.length_c   1.00
_cell.angle_alpha   90.00
_cell.angle_beta   90.00
_cell.angle_gamma   90.00
#
_symmetry.space_group_name_H-M   'P 1'
#
_entity_poly.entity_id   1
_entity_poly.type   'polypeptide(L)'
_entity_poly.pdbx_seq_one_letter_code
;DVFFSHWTSKYKERNPTEIAYSEDIERIIDSLVTDEITKEEIIHFLFGNFCFHIETMNDQHIADKFKGYQSSCINLKIEP
KVDLADLKDHLIQKQQIWESLYGKHLEKIMLRIREKKKKEKEIPDITTAFNQNAAEYEEKYPNCFTNDLSETKTNFSMTW
SPSFEKIELSSEVDYNNAIINKFRESFKSSSRVIYNSPYSCINNQTNKARDITNLVRLCLTELSCDTTKMEKQELEDEID
INTGSIKVERTKKSKEWNKQGSCLTRNKNEFCMKETGRENKTIYFKGLAVMNIGMSSKKRILKKEEIKERISKGLEYDTS
ERQADPNDDYSSIDMSSLTHMKKLIRHDNEDSLSWCERIKDSLFVLHNGDIREEGKITSVYNNYAKNPECLYIQDSVLKT
ELETCKKINKLCNDLAIYHYSEDMMQFSKGLMVADRYMTKESFKILTTANTSMMLLAFKGDGMNTGGSGVPYIALHIVDE
DMSDQFNICYTKEIYSYFRNGSNYIYIMRPQRLNQVRLLSLFKTPSKVPVCFAQFSKKANEMEKWLKNKDIEKVNVFSMT
MTVKQILINIVFSSVMIGTVTKLSRMGIFDFMRYAGFLPLSDYSNIKEYIRDKFDPDITNVADIYFVNGIKKLLFRMEDL
NLSTNAKPVVVDHENDIIGGITDLNIKCPITGSTLLTLEDLYNNVYLAIYMMPKSLHNHVHNLTSLLNVPAEWELKFRKE
LGFNIFEDIYPKKAMFDDKDLFSINGALNVKALSDYYLGNIENVGLMRSEIENKEDFLSPCYKISTLKSSKKCSQSNIIS
TDEIIECLQNAKIQDIENWKGNNLAIIKGLIRTYNEEKNRLVEFFEDNCVNSLYLVEKLKEIINSGSITVGKSVTSKFIR
NNHPLTVETYLKTKLYYRNNVTVLKSKKVSEELYDLVKQFHNMMEIDLDSVMNLGKGTEGKKHTFLQMLEFVMSKAKNVT
GSVDFLVSVFEKMQRTKTDREIYLMSMKVKMMLYFIEHTFKHVAQSDPSEAISISGDNKIRALSTLSLDTITSYNDILNK
NSKKSRLAFLSADQSKWSASDLTYKYVLAIILNPILTTGEASLMIECILMYVKLKKVCIPTDIFLNLRKAQGTFGQNETA
IGLLTKGLTTNTYPVSMNWLQGNLNYLSSVYHSCAMKAYHKTLECYKDCDFQTRWIVHSDDNATSLIASGEVDKMLTDFS
SSSLPEMLFRSIEAHFKSFCITLNPKKSYASSSEVEFISERIVNGAIIPLYCRHLANCCTESSHISYFDDLMSLSIHVTM
LLRKGCPNEVIPFAYGAVQVQALSIYSMLPGEVNDSIRIFKKLGVSLKSNEIPTNMGGWLTSPIEPLSILGPSSNDQIIY
YNVIRDFLNKKSLEEVKDSVSSSSYLQMRFRELKGKYEKGTLEEKDKKMIFLINLFEKASVSEDSDVLTIGMKFQTMLTQ
IIKLPNFINENALNKMSSYKDFSKLYPNLKKNEDLYKSTKNLKIDEDAILEEDELYEKIASSLEMESVHDIMIKNPETIL
IAPLNDRDFLLSQLFMYTSPSKRNQLSNQSTEKLALDRVLRSKARTFVDISSTVKMTYEENMEKKILEMLKFDLDSYCSF
KTCVNLVIKDVNFSMLIPILDSAYPCESRKRDNYNFRWFQTEKWIPVVEGSPGLVVMHAVYGSNYIENLGLKNIPLTDDS
INVLTSTFGTGLIMEDVKSLVKGKDSFETEAFSNSNECQRLVKACNYMIAAQNRLLAINTCFTRKSFPFYSKFNLGRGFI
SNTLALLSTIYSKEES
;
_entity_poly.pdbx_strand_id   A
#
# COMPACT_ATOMS: atom_id res chain seq x y z
N VAL A 2 -40.42 -10.07 17.25
CA VAL A 2 -40.65 -9.36 15.99
C VAL A 2 -39.49 -9.58 15.03
N PHE A 3 -39.76 -9.33 13.74
CA PHE A 3 -38.83 -9.35 12.61
C PHE A 3 -38.22 -10.72 12.32
N PHE A 4 -38.67 -11.79 12.98
CA PHE A 4 -38.31 -13.18 12.71
C PHE A 4 -36.80 -13.40 12.82
N SER A 5 -36.33 -13.30 14.06
CA SER A 5 -34.92 -13.54 14.36
C SER A 5 -34.53 -14.97 14.02
N HIS A 6 -33.76 -15.13 12.95
CA HIS A 6 -33.36 -16.44 12.45
C HIS A 6 -32.32 -17.04 13.37
N TRP A 7 -32.42 -18.34 13.61
CA TRP A 7 -31.43 -19.02 14.42
C TRP A 7 -30.27 -19.43 13.53
N THR A 8 -29.18 -18.67 13.61
CA THR A 8 -28.14 -18.71 12.59
C THR A 8 -26.97 -19.66 12.93
N SER A 9 -27.25 -20.90 13.33
CA SER A 9 -26.23 -21.92 13.53
C SER A 9 -26.92 -23.26 13.74
N LYS A 10 -26.11 -24.30 13.93
CA LYS A 10 -26.59 -25.61 14.35
C LYS A 10 -26.00 -26.04 15.68
N TYR A 11 -25.42 -25.11 16.44
CA TYR A 11 -24.74 -25.38 17.71
C TYR A 11 -25.61 -25.00 18.90
N LYS A 12 -26.89 -25.35 18.84
CA LYS A 12 -27.88 -24.93 19.84
C LYS A 12 -27.55 -25.47 21.22
N GLU A 13 -27.12 -26.74 21.30
CA GLU A 13 -26.88 -27.35 22.59
C GLU A 13 -25.52 -27.00 23.19
N ARG A 14 -24.67 -26.29 22.46
CA ARG A 14 -23.31 -26.05 22.92
C ARG A 14 -23.25 -24.89 23.90
N ASN A 15 -22.31 -24.98 24.84
CA ASN A 15 -22.10 -23.99 25.89
C ASN A 15 -20.66 -23.52 25.86
N PRO A 16 -20.37 -22.25 26.15
CA PRO A 16 -18.98 -21.81 26.26
C PRO A 16 -18.17 -22.51 27.35
N THR A 17 -18.82 -22.95 28.42
CA THR A 17 -18.13 -23.60 29.53
C THR A 17 -18.43 -25.08 29.55
N GLU A 18 -17.37 -25.89 29.60
CA GLU A 18 -17.34 -27.34 29.85
C GLU A 18 -17.94 -28.18 28.72
N ILE A 19 -18.52 -27.56 27.69
CA ILE A 19 -18.88 -28.27 26.47
C ILE A 19 -17.90 -27.91 25.35
N ALA A 20 -17.21 -26.77 25.47
CA ALA A 20 -16.11 -26.43 24.59
C ALA A 20 -14.95 -27.40 24.80
N TYR A 21 -14.04 -27.42 23.83
CA TYR A 21 -12.99 -28.44 23.78
C TYR A 21 -11.94 -28.25 24.87
N SER A 22 -11.77 -27.04 25.40
CA SER A 22 -10.76 -26.78 26.41
C SER A 22 -11.42 -26.42 27.74
N GLU A 23 -10.59 -26.30 28.77
CA GLU A 23 -11.02 -25.98 30.13
C GLU A 23 -10.44 -24.65 30.61
N ASP A 24 -10.44 -23.64 29.73
CA ASP A 24 -9.81 -22.36 30.05
C ASP A 24 -10.68 -21.51 30.98
N ILE A 25 -12.00 -21.68 30.92
CA ILE A 25 -12.91 -20.67 31.46
C ILE A 25 -12.97 -20.73 32.97
N GLU A 26 -12.78 -21.91 33.58
CA GLU A 26 -12.86 -21.97 35.04
C GLU A 26 -11.64 -21.30 35.68
N ARG A 27 -10.48 -21.37 35.03
CA ARG A 27 -9.36 -20.60 35.56
C ARG A 27 -9.36 -19.17 35.07
N ILE A 28 -10.15 -18.85 34.05
CA ILE A 28 -10.53 -17.46 33.80
C ILE A 28 -11.28 -16.89 35.00
N ILE A 29 -12.22 -17.66 35.54
CA ILE A 29 -12.89 -17.28 36.80
C ILE A 29 -11.88 -17.18 37.94
N ASP A 30 -10.98 -18.16 38.04
CA ASP A 30 -10.02 -18.20 39.15
C ASP A 30 -9.01 -17.07 39.07
N SER A 31 -8.80 -16.51 37.88
CA SER A 31 -8.00 -15.29 37.74
C SER A 31 -8.83 -14.03 37.90
N LEU A 32 -10.13 -14.07 37.63
CA LEU A 32 -10.98 -12.89 37.73
C LEU A 32 -11.55 -12.68 39.12
N VAL A 33 -11.43 -13.64 40.03
CA VAL A 33 -11.97 -13.46 41.38
C VAL A 33 -11.05 -12.53 42.16
N THR A 34 -11.63 -11.48 42.72
CA THR A 34 -10.92 -10.53 43.55
C THR A 34 -11.43 -10.63 44.98
N ASP A 35 -10.97 -9.73 45.85
CA ASP A 35 -11.54 -9.62 47.18
C ASP A 35 -12.98 -9.12 47.08
N GLU A 36 -13.79 -9.54 48.06
CA GLU A 36 -15.22 -9.26 48.25
C GLU A 36 -16.09 -9.62 47.05
N ILE A 37 -15.57 -10.37 46.07
CA ILE A 37 -16.34 -10.90 44.95
C ILE A 37 -15.97 -12.37 44.81
N THR A 38 -16.96 -13.25 44.94
CA THR A 38 -16.71 -14.68 44.92
C THR A 38 -17.21 -15.30 43.63
N LYS A 39 -17.00 -16.62 43.53
CA LYS A 39 -17.16 -17.36 42.28
C LYS A 39 -18.59 -17.32 41.78
N GLU A 40 -19.56 -17.54 42.66
CA GLU A 40 -20.96 -17.60 42.25
C GLU A 40 -21.43 -16.27 41.69
N GLU A 41 -21.06 -15.17 42.36
CA GLU A 41 -21.46 -13.85 41.89
C GLU A 41 -20.77 -13.47 40.59
N ILE A 42 -19.48 -13.84 40.45
CA ILE A 42 -18.76 -13.42 39.24
C ILE A 42 -19.24 -14.19 38.01
N ILE A 43 -19.50 -15.51 38.13
CA ILE A 43 -20.05 -16.22 36.98
C ILE A 43 -21.50 -15.83 36.74
N HIS A 44 -22.23 -15.47 37.80
CA HIS A 44 -23.61 -15.03 37.63
C HIS A 44 -23.67 -13.72 36.85
N PHE A 45 -22.77 -12.78 37.14
CA PHE A 45 -22.65 -11.57 36.33
C PHE A 45 -22.22 -11.94 34.91
N LEU A 46 -21.23 -12.83 34.80
CA LEU A 46 -20.55 -13.08 33.53
C LEU A 46 -21.48 -13.74 32.52
N PHE A 47 -22.46 -14.50 33.00
CA PHE A 47 -23.43 -15.15 32.12
C PHE A 47 -24.87 -14.71 32.37
N GLY A 48 -25.09 -13.64 33.12
CA GLY A 48 -26.43 -13.09 33.22
C GLY A 48 -26.46 -11.59 33.04
N ASN A 49 -25.38 -11.02 32.50
CA ASN A 49 -25.40 -9.62 32.13
C ASN A 49 -26.30 -9.33 30.94
N PHE A 50 -26.68 -10.35 30.17
CA PHE A 50 -27.49 -10.17 28.97
C PHE A 50 -28.90 -9.69 29.28
N CYS A 51 -29.37 -9.89 30.51
CA CYS A 51 -30.73 -9.53 30.87
C CYS A 51 -30.93 -8.03 31.02
N PHE A 52 -29.88 -7.22 30.88
CA PHE A 52 -30.08 -5.79 30.69
C PHE A 52 -30.72 -5.52 29.34
N HIS A 53 -30.50 -6.39 28.35
CA HIS A 53 -31.17 -6.33 27.06
C HIS A 53 -32.19 -7.46 27.01
N ILE A 54 -33.42 -7.15 27.41
CA ILE A 54 -34.53 -8.10 27.29
C ILE A 54 -35.74 -7.51 26.58
N GLU A 55 -35.90 -6.20 26.54
CA GLU A 55 -37.11 -5.60 26.03
C GLU A 55 -37.19 -5.59 24.50
N THR A 56 -36.10 -5.92 23.81
CA THR A 56 -36.08 -5.97 22.36
C THR A 56 -35.67 -7.35 21.86
N MET A 57 -35.79 -8.36 22.72
CA MET A 57 -35.43 -9.73 22.39
C MET A 57 -36.67 -10.60 22.28
N ASN A 58 -36.55 -11.68 21.50
CA ASN A 58 -37.67 -12.59 21.32
C ASN A 58 -37.74 -13.58 22.47
N ASP A 59 -38.93 -14.18 22.61
CA ASP A 59 -39.14 -15.18 23.65
C ASP A 59 -38.30 -16.42 23.42
N GLN A 60 -38.13 -16.83 22.15
CA GLN A 60 -37.30 -18.00 21.89
C GLN A 60 -35.83 -17.71 22.14
N HIS A 61 -35.39 -16.48 21.86
CA HIS A 61 -34.01 -16.10 22.16
C HIS A 61 -33.76 -16.07 23.67
N ILE A 62 -34.69 -15.49 24.43
CA ILE A 62 -34.46 -15.40 25.88
C ILE A 62 -34.59 -16.77 26.53
N ALA A 63 -35.45 -17.64 25.98
CA ALA A 63 -35.54 -19.01 26.49
C ALA A 63 -34.25 -19.78 26.23
N ASP A 64 -33.67 -19.60 25.02
CA ASP A 64 -32.40 -20.23 24.71
C ASP A 64 -31.28 -19.74 25.63
N LYS A 65 -31.23 -18.43 25.87
CA LYS A 65 -30.18 -17.88 26.71
C LYS A 65 -30.37 -18.29 28.18
N PHE A 66 -31.61 -18.41 28.63
CA PHE A 66 -31.85 -18.88 30.00
C PHE A 66 -31.48 -20.34 30.16
N LYS A 67 -31.78 -21.19 29.16
CA LYS A 67 -31.36 -22.59 29.24
C LYS A 67 -29.83 -22.70 29.21
N GLY A 68 -29.17 -21.85 28.43
CA GLY A 68 -27.72 -21.80 28.49
C GLY A 68 -27.20 -21.35 29.83
N TYR A 69 -27.92 -20.43 30.48
CA TYR A 69 -27.56 -19.98 31.83
C TYR A 69 -27.68 -21.11 32.85
N GLN A 70 -28.77 -21.87 32.79
CA GLN A 70 -28.92 -23.01 33.71
C GLN A 70 -27.87 -24.07 33.44
N SER A 71 -27.54 -24.30 32.16
CA SER A 71 -26.50 -25.26 31.81
C SER A 71 -25.14 -24.82 32.33
N SER A 72 -24.83 -23.53 32.22
CA SER A 72 -23.55 -23.01 32.72
C SER A 72 -23.47 -23.07 34.23
N CYS A 73 -24.59 -22.80 34.91
CA CYS A 73 -24.61 -22.90 36.36
C CYS A 73 -24.49 -24.34 36.84
N ILE A 74 -25.06 -25.28 36.07
CA ILE A 74 -24.90 -26.70 36.38
C ILE A 74 -23.46 -27.13 36.16
N ASN A 75 -22.83 -26.64 35.08
CA ASN A 75 -21.45 -26.96 34.79
C ASN A 75 -20.50 -26.42 35.85
N LEU A 76 -20.76 -25.22 36.34
CA LEU A 76 -19.86 -24.58 37.30
C LEU A 76 -20.18 -24.96 38.76
N LYS A 77 -21.14 -25.87 38.97
CA LYS A 77 -21.58 -26.36 40.27
C LYS A 77 -22.09 -25.26 41.18
N ILE A 78 -22.66 -24.20 40.60
CA ILE A 78 -23.21 -23.10 41.35
C ILE A 78 -24.73 -23.13 41.22
N GLU A 79 -25.41 -22.38 42.08
CA GLU A 79 -26.87 -22.41 42.12
C GLU A 79 -27.45 -21.62 40.95
N PRO A 80 -28.24 -22.26 40.08
CA PRO A 80 -28.86 -21.52 38.98
C PRO A 80 -29.99 -20.63 39.45
N LYS A 81 -30.24 -19.57 38.71
CA LYS A 81 -31.39 -18.72 38.95
C LYS A 81 -32.43 -18.94 37.86
N VAL A 82 -33.66 -19.28 38.27
CA VAL A 82 -34.70 -19.68 37.35
C VAL A 82 -35.78 -18.60 37.20
N ASP A 83 -35.56 -17.42 37.79
CA ASP A 83 -36.58 -16.38 37.77
C ASP A 83 -35.96 -15.05 37.36
N LEU A 84 -36.73 -14.31 36.54
CA LEU A 84 -36.33 -12.97 36.14
C LEU A 84 -36.26 -12.04 37.34
N ALA A 85 -37.25 -12.16 38.25
CA ALA A 85 -37.27 -11.32 39.45
C ALA A 85 -36.09 -11.63 40.36
N ASP A 86 -35.71 -12.90 40.45
CA ASP A 86 -34.52 -13.26 41.21
C ASP A 86 -33.25 -12.75 40.53
N LEU A 87 -33.28 -12.67 39.19
CA LEU A 87 -32.10 -12.13 38.50
C LEU A 87 -31.97 -10.63 38.73
N LYS A 88 -33.09 -9.89 38.77
CA LYS A 88 -33.03 -8.47 39.14
C LYS A 88 -32.62 -8.31 40.60
N ASP A 89 -33.09 -9.23 41.46
CA ASP A 89 -32.72 -9.27 42.86
C ASP A 89 -31.25 -9.62 43.04
N HIS A 90 -30.61 -10.16 41.99
CA HIS A 90 -29.16 -10.23 41.96
C HIS A 90 -28.52 -8.99 41.32
N LEU A 91 -29.21 -8.37 40.35
CA LEU A 91 -28.70 -7.17 39.69
C LEU A 91 -28.51 -6.00 40.62
N ILE A 92 -29.24 -5.94 41.74
CA ILE A 92 -29.03 -4.85 42.68
C ILE A 92 -27.63 -4.94 43.31
N GLN A 93 -27.23 -6.13 43.80
CA GLN A 93 -25.89 -6.26 44.33
C GLN A 93 -24.84 -6.21 43.23
N LYS A 94 -25.22 -6.62 42.02
CA LYS A 94 -24.37 -6.43 40.85
C LYS A 94 -24.02 -4.97 40.64
N GLN A 95 -25.04 -4.10 40.64
CA GLN A 95 -24.77 -2.68 40.39
C GLN A 95 -23.95 -2.10 41.53
N GLN A 96 -24.24 -2.47 42.79
CA GLN A 96 -23.45 -1.80 43.84
C GLN A 96 -22.02 -2.33 43.95
N ILE A 97 -21.74 -3.58 43.58
CA ILE A 97 -20.38 -4.07 43.80
C ILE A 97 -19.54 -3.88 42.52
N TRP A 98 -20.18 -3.84 41.33
CA TRP A 98 -19.40 -3.57 40.13
C TRP A 98 -19.35 -2.08 39.79
N GLU A 99 -20.10 -1.23 40.50
CA GLU A 99 -19.75 0.19 40.44
C GLU A 99 -18.68 0.56 41.46
N SER A 100 -18.32 -0.38 42.34
CA SER A 100 -17.30 -0.10 43.34
C SER A 100 -15.89 -0.33 42.77
N LEU A 101 -15.80 -0.98 41.62
CA LEU A 101 -14.51 -1.25 40.99
C LEU A 101 -13.89 0.04 40.44
N TYR A 102 -14.73 0.98 40.04
CA TYR A 102 -14.34 2.26 39.48
C TYR A 102 -13.57 3.08 40.51
N GLY A 103 -14.03 3.05 41.77
CA GLY A 103 -13.40 3.77 42.85
C GLY A 103 -12.02 3.25 43.22
N LYS A 104 -11.87 1.93 43.29
CA LYS A 104 -10.56 1.33 43.58
C LYS A 104 -9.62 1.55 42.40
N HIS A 105 -10.16 1.49 41.19
CA HIS A 105 -9.34 1.67 40.00
C HIS A 105 -8.78 3.08 39.89
N LEU A 106 -9.57 4.08 40.29
CA LEU A 106 -9.09 5.47 40.25
C LEU A 106 -7.92 5.67 41.19
N GLU A 107 -7.98 5.08 42.38
CA GLU A 107 -6.86 5.15 43.31
C GLU A 107 -5.67 4.33 42.83
N LYS A 108 -5.94 3.25 42.10
CA LYS A 108 -4.84 2.46 41.54
C LYS A 108 -4.09 3.24 40.47
N ILE A 109 -4.80 3.91 39.57
CA ILE A 109 -4.10 4.75 38.60
C ILE A 109 -3.53 6.00 39.26
N MET A 110 -4.08 6.42 40.41
CA MET A 110 -3.46 7.49 41.20
C MET A 110 -2.08 7.06 41.68
N LEU A 111 -1.99 5.87 42.28
CA LEU A 111 -0.72 5.36 42.78
C LEU A 111 0.26 5.13 41.64
N ARG A 112 -0.22 4.59 40.52
CA ARG A 112 0.64 4.33 39.37
C ARG A 112 1.15 5.63 38.77
N ILE A 113 0.31 6.68 38.78
CA ILE A 113 0.72 8.01 38.38
C ILE A 113 1.81 8.53 39.32
N ARG A 114 1.70 8.23 40.62
CA ARG A 114 2.72 8.68 41.57
C ARG A 114 4.09 8.05 41.29
N GLU A 115 4.16 6.71 41.14
CA GLU A 115 5.53 6.22 40.90
C GLU A 115 5.98 6.47 39.47
N LYS A 116 5.07 6.64 38.50
CA LYS A 116 5.51 6.98 37.16
C LYS A 116 6.02 8.41 37.08
N LYS A 117 5.45 9.30 37.90
CA LYS A 117 6.04 10.61 38.10
C LYS A 117 7.39 10.50 38.78
N LYS A 118 7.53 9.56 39.71
CA LYS A 118 8.84 9.32 40.30
C LYS A 118 9.74 8.49 39.38
N LYS A 119 10.99 8.39 39.82
CA LYS A 119 12.14 7.55 39.44
C LYS A 119 12.50 7.52 37.96
N GLU A 120 11.92 8.38 37.12
CA GLU A 120 12.21 8.24 35.70
C GLU A 120 13.56 8.87 35.33
N LYS A 121 13.62 10.21 35.30
CA LYS A 121 14.77 11.10 35.41
C LYS A 121 14.28 12.53 35.23
N GLU A 122 15.16 13.52 35.41
CA GLU A 122 14.87 14.90 35.07
C GLU A 122 15.98 15.44 34.17
N ILE A 123 15.67 15.64 32.90
CA ILE A 123 16.62 16.18 31.93
C ILE A 123 16.42 17.69 31.86
N PRO A 124 17.44 18.50 32.10
CA PRO A 124 17.24 19.96 32.08
C PRO A 124 17.02 20.53 30.70
N ASP A 125 17.75 20.05 29.69
CA ASP A 125 17.74 20.68 28.38
C ASP A 125 17.99 19.60 27.32
N ILE A 126 17.49 19.87 26.11
CA ILE A 126 17.61 18.91 25.01
C ILE A 126 19.06 18.73 24.59
N THR A 127 19.90 19.75 24.80
CA THR A 127 21.35 19.57 24.59
C THR A 127 21.92 18.54 25.56
N THR A 128 21.46 18.57 26.82
CA THR A 128 21.86 17.55 27.78
C THR A 128 21.31 16.18 27.40
N ALA A 129 20.10 16.15 26.83
CA ALA A 129 19.52 14.89 26.36
C ALA A 129 20.32 14.30 25.19
N PHE A 130 20.74 15.17 24.27
CA PHE A 130 21.58 14.76 23.14
C PHE A 130 22.93 14.27 23.62
N ASN A 131 23.51 14.95 24.62
CA ASN A 131 24.77 14.53 25.20
C ASN A 131 24.63 13.17 25.88
N GLN A 132 23.51 12.95 26.57
CA GLN A 132 23.26 11.66 27.20
C GLN A 132 23.09 10.55 26.17
N ASN A 133 22.41 10.85 25.06
CA ASN A 133 22.23 9.86 24.01
C ASN A 133 23.55 9.50 23.34
N ALA A 134 24.37 10.51 23.06
CA ALA A 134 25.70 10.27 22.49
C ALA A 134 26.57 9.51 23.49
N ALA A 135 26.40 9.80 24.79
CA ALA A 135 27.16 9.09 25.81
C ALA A 135 26.78 7.61 25.86
N GLU A 136 25.47 7.32 25.92
CA GLU A 136 25.04 5.93 26.03
C GLU A 136 25.37 5.15 24.77
N TYR A 137 25.38 5.82 23.62
CA TYR A 137 25.92 5.18 22.43
C TYR A 137 27.43 4.96 22.54
N GLU A 138 28.13 5.83 23.28
CA GLU A 138 29.59 5.69 23.38
C GLU A 138 29.98 4.49 24.25
N GLU A 139 29.33 4.28 25.41
CA GLU A 139 29.61 2.99 26.02
C GLU A 139 28.77 1.84 25.46
N LYS A 140 27.86 2.10 24.52
CA LYS A 140 27.31 0.97 23.76
C LYS A 140 28.36 0.42 22.81
N TYR A 141 29.02 1.29 22.05
CA TYR A 141 30.12 0.93 21.17
C TYR A 141 31.22 1.97 21.29
N PRO A 142 32.40 1.60 21.78
CA PRO A 142 33.44 2.58 22.08
C PRO A 142 34.25 2.97 20.86
N ASN A 143 35.04 4.03 21.03
CA ASN A 143 36.02 4.57 20.08
C ASN A 143 35.39 5.02 18.76
N CYS A 144 34.12 5.41 18.77
CA CYS A 144 33.49 5.96 17.58
C CYS A 144 33.76 7.47 17.51
N PHE A 145 32.99 8.14 16.64
CA PHE A 145 32.94 9.59 16.50
C PHE A 145 34.28 10.17 16.05
N THR A 146 34.67 11.31 16.66
CA THR A 146 35.91 12.05 16.47
C THR A 146 35.96 12.75 15.12
N ASN A 147 36.97 13.60 14.91
CA ASN A 147 37.04 14.50 13.77
C ASN A 147 37.79 13.89 12.58
N ASP A 148 37.97 12.58 12.56
CA ASP A 148 38.63 11.92 11.43
C ASP A 148 37.55 11.52 10.42
N LEU A 149 37.25 12.44 9.51
CA LEU A 149 36.18 12.24 8.54
C LEU A 149 36.56 11.33 7.39
N SER A 150 37.85 11.04 7.22
CA SER A 150 38.32 10.30 6.04
C SER A 150 37.86 8.85 6.06
N GLU A 151 37.52 8.33 7.24
CA GLU A 151 36.97 6.98 7.35
C GLU A 151 35.45 6.96 7.33
N THR A 152 34.80 8.09 7.08
CA THR A 152 33.34 8.11 6.98
C THR A 152 32.92 7.67 5.58
N LYS A 153 31.62 7.72 5.31
CA LYS A 153 31.08 7.34 4.02
C LYS A 153 30.87 8.59 3.17
N THR A 154 30.41 8.40 1.93
CA THR A 154 30.30 9.48 0.98
C THR A 154 29.07 10.33 1.28
N ASN A 155 29.24 11.65 1.37
CA ASN A 155 28.19 12.54 1.84
C ASN A 155 27.19 12.91 0.75
N PHE A 156 27.66 13.02 -0.51
CA PHE A 156 26.76 13.32 -1.61
C PHE A 156 26.24 12.07 -2.31
N SER A 157 26.62 10.89 -1.81
CA SER A 157 26.22 9.57 -2.30
C SER A 157 26.68 9.38 -3.74
N MET A 158 25.77 9.06 -4.65
CA MET A 158 26.13 8.75 -6.03
C MET A 158 25.56 9.80 -6.98
N THR A 159 25.37 11.00 -6.46
CA THR A 159 24.65 12.04 -7.20
C THR A 159 25.58 13.13 -7.69
N TRP A 160 25.84 13.17 -8.99
CA TRP A 160 26.92 14.00 -9.52
C TRP A 160 26.40 14.76 -10.72
N SER A 161 26.46 16.08 -10.70
CA SER A 161 26.07 16.82 -11.89
C SER A 161 26.98 18.01 -12.18
N PRO A 162 28.17 17.80 -12.76
CA PRO A 162 28.91 18.92 -13.34
C PRO A 162 28.17 19.50 -14.54
N SER A 163 27.71 20.74 -14.41
CA SER A 163 26.99 21.42 -15.47
C SER A 163 27.94 21.67 -16.65
N PHE A 164 27.49 21.34 -17.85
CA PHE A 164 28.38 21.21 -19.00
C PHE A 164 28.10 22.29 -20.03
N GLU A 165 29.16 22.89 -20.54
CA GLU A 165 29.08 24.00 -21.49
C GLU A 165 29.68 23.61 -22.84
N LYS A 166 29.39 22.40 -23.30
CA LYS A 166 30.01 21.88 -24.51
C LYS A 166 28.96 21.31 -25.46
N ILE A 167 29.39 20.84 -26.63
CA ILE A 167 28.49 20.22 -27.59
C ILE A 167 29.09 18.91 -28.07
N ASN A 176 26.41 10.16 -28.21
CA ASN A 176 26.85 9.06 -27.37
C ASN A 176 28.29 8.68 -27.71
N ASN A 177 28.54 8.41 -28.99
CA ASN A 177 29.87 8.01 -29.43
C ASN A 177 30.85 9.18 -29.49
N ALA A 178 30.35 10.42 -29.41
CA ALA A 178 31.25 11.57 -29.38
C ALA A 178 31.96 11.68 -28.03
N ILE A 179 31.24 11.38 -26.94
CA ILE A 179 31.78 11.59 -25.60
C ILE A 179 32.90 10.60 -25.31
N ILE A 180 32.78 9.35 -25.81
CA ILE A 180 33.79 8.35 -25.52
C ILE A 180 35.10 8.66 -26.23
N ASN A 181 35.04 9.12 -27.48
CA ASN A 181 36.28 9.50 -28.16
C ASN A 181 36.82 10.82 -27.64
N LYS A 182 35.95 11.70 -27.12
CA LYS A 182 36.41 12.90 -26.46
C LYS A 182 37.21 12.56 -25.20
N PHE A 183 36.72 11.60 -24.42
CA PHE A 183 37.45 11.22 -23.22
C PHE A 183 38.70 10.41 -23.55
N ARG A 184 38.68 9.66 -24.66
CA ARG A 184 39.89 8.99 -25.11
C ARG A 184 40.94 10.00 -25.56
N GLU A 185 40.49 11.09 -26.21
CA GLU A 185 41.41 12.17 -26.59
C GLU A 185 41.99 12.85 -25.35
N SER A 186 41.15 13.07 -24.33
CA SER A 186 41.63 13.78 -23.15
C SER A 186 42.48 12.90 -22.24
N PHE A 187 42.30 11.58 -22.32
CA PHE A 187 43.00 10.65 -21.44
C PHE A 187 44.34 10.18 -21.99
N LYS A 188 44.68 10.51 -23.25
CA LYS A 188 45.91 10.04 -23.85
C LYS A 188 47.04 11.05 -23.74
N SER A 189 46.85 12.10 -22.95
CA SER A 189 47.92 13.07 -22.75
C SER A 189 48.87 12.59 -21.66
N SER A 190 49.85 13.45 -21.34
CA SER A 190 50.82 13.13 -20.31
C SER A 190 50.19 13.16 -18.93
N SER A 191 50.75 12.37 -18.02
CA SER A 191 50.17 12.22 -16.68
C SER A 191 50.63 13.35 -15.78
N ARG A 192 49.68 14.15 -15.30
CA ARG A 192 49.91 15.19 -14.30
C ARG A 192 48.88 15.05 -13.19
N VAL A 193 48.71 13.82 -12.70
CA VAL A 193 47.62 13.48 -11.80
C VAL A 193 47.90 14.05 -10.40
N ILE A 194 46.93 14.79 -9.88
CA ILE A 194 46.98 15.32 -8.52
C ILE A 194 45.96 14.58 -7.67
N TYR A 195 46.42 14.08 -6.52
CA TYR A 195 45.59 13.48 -5.50
C TYR A 195 45.19 14.53 -4.48
N ASN A 196 44.15 14.23 -3.71
CA ASN A 196 43.66 15.15 -2.68
C ASN A 196 43.33 14.38 -1.41
N SER A 197 43.43 15.07 -0.28
CA SER A 197 42.93 14.53 0.97
C SER A 197 41.40 14.56 0.96
N PRO A 198 40.75 13.66 1.71
CA PRO A 198 39.28 13.70 1.77
C PRO A 198 38.69 14.99 2.33
N TYR A 199 39.36 15.63 3.30
CA TYR A 199 38.92 16.92 3.79
C TYR A 199 40.12 17.83 4.04
N SER A 200 41.05 17.87 3.09
CA SER A 200 42.26 18.71 3.10
C SER A 200 43.13 18.47 4.34
N THR A 206 47.65 5.96 -0.33
CA THR A 206 46.93 6.33 -1.55
C THR A 206 47.11 5.28 -2.63
N ASN A 207 47.36 4.04 -2.22
CA ASN A 207 47.57 2.95 -3.18
C ASN A 207 46.28 2.60 -3.90
N LYS A 208 45.15 2.73 -3.22
CA LYS A 208 43.85 2.47 -3.85
C LYS A 208 43.56 3.47 -4.96
N ALA A 209 43.92 4.74 -4.74
CA ALA A 209 43.74 5.75 -5.78
C ALA A 209 44.64 5.47 -6.99
N ARG A 210 45.87 5.01 -6.74
CA ARG A 210 46.77 4.64 -7.83
C ARG A 210 46.23 3.47 -8.62
N ASP A 211 45.69 2.46 -7.93
CA ASP A 211 45.13 1.29 -8.61
C ASP A 211 43.89 1.65 -9.42
N ILE A 212 43.02 2.50 -8.86
CA ILE A 212 41.83 2.94 -9.58
C ILE A 212 42.20 3.77 -10.80
N THR A 213 43.20 4.65 -10.66
CA THR A 213 43.66 5.46 -11.78
C THR A 213 44.27 4.60 -12.89
N ASN A 214 45.09 3.61 -12.52
CA ASN A 214 45.67 2.70 -13.50
C ASN A 214 44.58 1.88 -14.21
N LEU A 215 43.59 1.43 -13.44
CA LEU A 215 42.46 0.69 -14.00
C LEU A 215 41.69 1.54 -15.00
N VAL A 216 41.45 2.81 -14.68
CA VAL A 216 40.62 3.62 -15.55
C VAL A 216 41.38 4.08 -16.79
N ARG A 217 42.71 4.29 -16.69
CA ARG A 217 43.42 4.62 -17.92
C ARG A 217 43.61 3.40 -18.81
N LEU A 218 43.72 2.20 -18.24
CA LEU A 218 43.71 0.99 -19.07
C LEU A 218 42.38 0.85 -19.79
N CYS A 219 41.27 0.91 -19.05
CA CYS A 219 39.98 0.65 -19.69
C CYS A 219 39.49 1.83 -20.54
N LEU A 220 40.15 2.99 -20.45
CA LEU A 220 39.88 4.06 -21.40
C LEU A 220 40.72 3.92 -22.67
N THR A 221 42.05 3.79 -22.51
CA THR A 221 42.92 3.82 -23.68
C THR A 221 42.84 2.53 -24.48
N GLU A 222 42.85 1.37 -23.81
CA GLU A 222 43.08 0.11 -24.49
C GLU A 222 41.82 -0.72 -24.73
N LEU A 223 40.86 -0.68 -23.81
CA LEU A 223 39.68 -1.54 -23.92
C LEU A 223 38.46 -0.83 -24.49
N SER A 224 38.48 0.48 -24.61
CA SER A 224 37.38 1.22 -25.21
C SER A 224 37.78 1.68 -26.61
N CYS A 225 36.93 1.42 -27.59
CA CYS A 225 37.21 1.78 -28.98
C CYS A 225 36.01 2.47 -29.62
N LEU A 264 36.66 -6.76 -29.68
CA LEU A 264 35.47 -7.39 -29.14
C LEU A 264 34.58 -6.38 -28.42
N THR A 265 33.39 -6.16 -28.97
CA THR A 265 32.42 -5.23 -28.41
C THR A 265 31.02 -5.76 -28.69
N ARG A 266 30.20 -5.85 -27.63
CA ARG A 266 28.86 -6.39 -27.74
C ARG A 266 27.84 -5.32 -27.40
N ASN A 267 26.73 -5.32 -28.14
CA ASN A 267 25.58 -4.42 -27.95
C ASN A 267 25.95 -2.95 -28.02
N LYS A 268 27.06 -2.64 -28.71
CA LYS A 268 27.58 -1.30 -28.98
C LYS A 268 28.05 -0.54 -27.74
N ASN A 269 27.92 -1.14 -26.54
CA ASN A 269 28.25 -0.40 -25.33
C ASN A 269 29.00 -1.21 -24.27
N GLU A 270 28.88 -2.54 -24.23
CA GLU A 270 29.50 -3.35 -23.18
C GLU A 270 30.56 -4.25 -23.80
N PHE A 271 31.71 -4.37 -23.13
CA PHE A 271 32.78 -5.19 -23.67
C PHE A 271 33.64 -5.74 -22.55
N CYS A 272 34.35 -6.82 -22.86
CA CYS A 272 35.08 -7.61 -21.89
C CYS A 272 36.58 -7.53 -22.15
N MET A 273 37.34 -8.22 -21.31
CA MET A 273 38.80 -8.21 -21.36
C MET A 273 39.23 -9.68 -21.27
N LYS A 274 39.52 -10.28 -22.43
CA LYS A 274 39.91 -11.67 -22.50
C LYS A 274 41.28 -11.86 -23.12
N GLU A 275 41.58 -11.21 -24.23
CA GLU A 275 42.87 -11.36 -24.90
C GLU A 275 43.64 -10.04 -24.78
N THR A 276 44.35 -9.89 -23.66
CA THR A 276 45.19 -8.73 -23.39
C THR A 276 46.52 -9.20 -22.84
N GLY A 277 47.36 -8.23 -22.47
CA GLY A 277 48.64 -8.57 -21.86
C GLY A 277 48.50 -8.95 -20.40
N ARG A 278 49.51 -9.70 -19.93
CA ARG A 278 49.47 -10.22 -18.57
C ARG A 278 49.58 -9.12 -17.52
N GLU A 279 50.27 -8.02 -17.84
CA GLU A 279 50.30 -6.88 -16.93
C GLU A 279 48.93 -6.22 -16.84
N ASN A 280 48.19 -6.20 -17.94
CA ASN A 280 46.81 -5.71 -17.93
C ASN A 280 45.93 -6.62 -17.08
N LYS A 281 46.15 -7.94 -17.18
CA LYS A 281 45.43 -8.88 -16.30
C LYS A 281 45.75 -8.62 -14.83
N THR A 282 47.02 -8.41 -14.49
CA THR A 282 47.40 -8.22 -13.09
C THR A 282 46.81 -6.94 -12.51
N ILE A 283 46.89 -5.83 -13.24
CA ILE A 283 46.40 -4.60 -12.63
C ILE A 283 44.89 -4.48 -12.75
N TYR A 284 44.27 -5.16 -13.73
CA TYR A 284 42.82 -5.30 -13.74
C TYR A 284 42.33 -6.09 -12.54
N PHE A 285 43.02 -7.20 -12.21
CA PHE A 285 42.66 -7.99 -11.05
C PHE A 285 42.91 -7.23 -9.77
N LYS A 286 43.96 -6.40 -9.75
CA LYS A 286 44.22 -5.56 -8.58
C LYS A 286 43.13 -4.51 -8.39
N GLY A 287 42.63 -3.93 -9.47
CA GLY A 287 41.52 -2.99 -9.36
C GLY A 287 40.24 -3.65 -8.89
N LEU A 288 39.91 -4.82 -9.45
CA LEU A 288 38.71 -5.53 -9.01
C LEU A 288 38.87 -6.08 -7.59
N ALA A 289 40.10 -6.33 -7.15
CA ALA A 289 40.32 -6.71 -5.76
C ALA A 289 40.23 -5.52 -4.83
N VAL A 290 40.59 -4.33 -5.32
CA VAL A 290 40.40 -3.11 -4.56
C VAL A 290 38.91 -2.84 -4.35
N MET A 291 38.11 -3.05 -5.40
CA MET A 291 36.67 -2.94 -5.23
C MET A 291 35.99 -4.22 -4.77
N ASN A 292 36.77 -5.27 -4.47
CA ASN A 292 36.35 -6.49 -3.80
C ASN A 292 35.25 -7.22 -4.56
N ILE A 293 35.57 -7.72 -5.76
CA ILE A 293 34.68 -8.62 -6.47
C ILE A 293 35.41 -9.93 -6.73
N HIS A 340 31.35 -4.92 14.98
CA HIS A 340 30.77 -3.75 14.31
C HIS A 340 31.86 -2.88 13.69
N MET A 341 31.55 -2.29 12.54
CA MET A 341 32.45 -1.40 11.81
C MET A 341 31.76 -0.06 11.55
N LYS A 342 31.12 0.49 12.58
CA LYS A 342 30.34 1.71 12.44
C LYS A 342 31.16 2.92 12.88
N LYS A 343 31.15 3.96 12.05
CA LYS A 343 31.80 5.21 12.36
C LYS A 343 30.75 6.32 12.31
N LEU A 344 30.77 7.21 13.30
CA LEU A 344 29.70 8.18 13.48
C LEU A 344 30.28 9.60 13.52
N ILE A 345 29.38 10.57 13.51
CA ILE A 345 29.71 11.99 13.62
C ILE A 345 28.81 12.59 14.70
N ARG A 346 29.42 13.33 15.63
CA ARG A 346 28.65 13.99 16.69
C ARG A 346 27.82 15.13 16.13
N HIS A 347 26.74 15.45 16.84
CA HIS A 347 25.74 16.39 16.37
C HIS A 347 26.15 17.86 16.52
N ASP A 348 27.24 18.16 17.20
CA ASP A 348 27.63 19.53 17.47
C ASP A 348 29.07 19.81 17.03
N ASN A 349 29.43 19.37 15.82
CA ASN A 349 30.78 19.56 15.30
C ASN A 349 30.80 20.82 14.43
N GLU A 350 31.51 21.85 14.91
CA GLU A 350 31.58 23.11 14.19
C GLU A 350 32.32 22.97 12.87
N ASP A 351 33.34 22.10 12.83
CA ASP A 351 34.03 21.83 11.57
C ASP A 351 33.10 21.15 10.57
N SER A 352 32.24 20.25 11.05
CA SER A 352 31.29 19.59 10.16
C SER A 352 30.26 20.56 9.62
N LEU A 353 29.74 21.45 10.47
CA LEU A 353 28.74 22.41 9.99
C LEU A 353 29.35 23.42 9.04
N SER A 354 30.58 23.88 9.31
CA SER A 354 31.25 24.80 8.39
C SER A 354 31.57 24.12 7.07
N TRP A 355 32.02 22.86 7.12
CA TRP A 355 32.27 22.09 5.91
C TRP A 355 31.01 21.91 5.10
N CYS A 356 29.89 21.61 5.75
CA CYS A 356 28.63 21.43 5.03
C CYS A 356 28.10 22.74 4.45
N GLU A 357 28.35 23.87 5.13
CA GLU A 357 28.06 25.17 4.54
C GLU A 357 28.86 25.39 3.26
N ARG A 358 30.15 25.02 3.29
CA ARG A 358 30.98 25.09 2.09
C ARG A 358 30.46 24.20 0.98
N ILE A 359 30.01 22.98 1.35
CA ILE A 359 29.38 22.04 0.42
C ILE A 359 28.19 22.71 -0.25
N LYS A 360 27.36 23.40 0.54
CA LYS A 360 26.18 24.07 0.02
C LYS A 360 26.55 25.15 -0.99
N ASP A 361 27.31 26.17 -0.56
CA ASP A 361 27.55 27.34 -1.44
C ASP A 361 28.32 26.93 -2.69
N SER A 362 29.23 25.97 -2.55
CA SER A 362 29.93 25.46 -3.71
C SER A 362 29.00 24.66 -4.62
N LEU A 363 27.97 24.00 -4.06
CA LEU A 363 26.97 23.33 -4.89
C LEU A 363 26.13 24.32 -5.69
N PHE A 364 25.82 25.47 -5.07
CA PHE A 364 25.12 26.54 -5.79
C PHE A 364 25.96 27.06 -6.96
N VAL A 365 27.24 27.32 -6.71
CA VAL A 365 28.13 27.81 -7.77
C VAL A 365 28.32 26.74 -8.85
N LEU A 366 28.33 25.47 -8.44
CA LEU A 366 28.43 24.37 -9.40
C LEU A 366 27.17 24.30 -10.27
N HIS A 367 26.00 24.44 -9.68
CA HIS A 367 24.75 24.33 -10.42
C HIS A 367 24.47 25.54 -11.29
N ASN A 368 25.11 26.68 -11.04
CA ASN A 368 24.90 27.83 -11.92
C ASN A 368 25.83 27.81 -13.14
N GLY A 369 25.83 26.74 -13.92
CA GLY A 369 26.74 26.68 -15.04
C GLY A 369 26.30 25.96 -16.30
N ASP A 370 25.03 25.55 -16.37
CA ASP A 370 24.60 24.72 -17.49
C ASP A 370 24.15 25.57 -18.68
N ILE A 371 24.38 25.02 -19.88
CA ILE A 371 23.97 25.69 -21.11
C ILE A 371 22.86 24.94 -21.85
N ARG A 372 22.44 23.78 -21.36
CA ARG A 372 21.36 23.05 -22.02
C ARG A 372 20.04 23.80 -21.87
N GLU A 373 19.28 23.85 -22.95
CA GLU A 373 17.99 24.52 -22.95
C GLU A 373 16.87 23.63 -23.47
N GLU A 374 17.18 22.41 -23.89
CA GLU A 374 16.17 21.48 -24.39
C GLU A 374 16.41 20.11 -23.76
N GLY A 375 15.40 19.27 -23.84
CA GLY A 375 15.51 17.94 -23.27
C GLY A 375 14.17 17.24 -23.29
N LYS A 376 14.05 16.26 -22.39
CA LYS A 376 12.81 15.51 -22.22
C LYS A 376 12.04 16.04 -21.02
N ILE A 377 12.68 16.01 -19.85
CA ILE A 377 12.11 16.55 -18.61
C ILE A 377 11.81 18.03 -18.75
N THR A 378 12.75 18.77 -19.34
CA THR A 378 12.55 20.19 -19.59
C THR A 378 11.36 20.43 -20.50
N SER A 379 11.19 19.57 -21.52
CA SER A 379 10.07 19.72 -22.45
C SER A 379 8.73 19.48 -21.78
N VAL A 380 8.60 18.40 -21.00
CA VAL A 380 7.30 18.09 -20.41
C VAL A 380 6.96 19.08 -19.28
N TYR A 381 7.94 19.39 -18.42
CA TYR A 381 7.70 20.35 -17.35
C TYR A 381 7.48 21.75 -17.91
N ASN A 382 8.09 22.06 -19.05
CA ASN A 382 7.91 23.36 -19.65
C ASN A 382 6.56 23.48 -20.35
N ASN A 383 6.05 22.36 -20.90
CA ASN A 383 4.71 22.39 -21.45
C ASN A 383 3.71 22.60 -20.32
N TYR A 384 3.94 21.95 -19.18
CA TYR A 384 3.04 22.14 -18.06
C TYR A 384 3.24 23.46 -17.32
N ALA A 385 4.37 24.14 -17.49
CA ALA A 385 4.67 25.25 -16.58
C ALA A 385 4.95 26.59 -17.24
N LYS A 386 5.51 26.64 -18.46
CA LYS A 386 5.67 27.95 -19.11
C LYS A 386 4.33 28.55 -19.46
N ASN A 387 3.37 27.71 -19.86
CA ASN A 387 2.00 28.16 -20.12
C ASN A 387 1.06 27.26 -19.33
N PRO A 388 0.93 27.49 -18.02
CA PRO A 388 0.07 26.65 -17.19
C PRO A 388 -1.38 27.09 -17.10
N GLU A 389 -1.74 28.23 -17.70
CA GLU A 389 -3.13 28.68 -17.69
C GLU A 389 -4.04 27.81 -18.54
N CYS A 390 -3.48 26.98 -19.44
CA CYS A 390 -4.26 25.97 -20.11
C CYS A 390 -4.75 24.88 -19.15
N LEU A 391 -4.08 24.74 -18.00
CA LEU A 391 -4.57 23.93 -16.89
C LEU A 391 -5.74 24.56 -16.17
N TYR A 392 -6.05 25.82 -16.44
CA TYR A 392 -7.05 26.58 -15.72
C TYR A 392 -8.29 26.74 -16.59
N ILE A 393 -9.27 27.48 -16.07
CA ILE A 393 -10.40 27.96 -16.86
C ILE A 393 -10.56 29.48 -16.73
N GLN A 394 -10.59 29.98 -15.50
CA GLN A 394 -10.68 31.42 -15.26
C GLN A 394 -9.27 31.96 -15.13
N ASP A 395 -8.67 32.31 -16.27
CA ASP A 395 -7.30 32.79 -16.28
C ASP A 395 -7.20 34.23 -15.78
N SER A 396 -8.14 35.07 -16.18
CA SER A 396 -8.00 36.51 -16.01
C SER A 396 -8.43 37.00 -14.63
N VAL A 397 -8.85 36.12 -13.74
CA VAL A 397 -9.27 36.56 -12.41
C VAL A 397 -8.07 36.72 -11.50
N LEU A 398 -6.90 36.22 -11.92
CA LEU A 398 -5.70 36.23 -11.11
C LEU A 398 -4.51 36.60 -11.99
N LYS A 399 -3.78 37.64 -11.58
CA LYS A 399 -2.66 38.16 -12.35
C LYS A 399 -1.40 38.33 -11.51
N THR A 400 -1.31 37.65 -10.36
CA THR A 400 -0.09 37.59 -9.57
C THR A 400 0.36 36.16 -9.31
N GLU A 401 -0.12 35.19 -10.08
CA GLU A 401 0.10 33.79 -9.77
C GLU A 401 0.82 33.05 -10.88
N LEU A 402 0.28 33.14 -12.11
CA LEU A 402 0.76 32.33 -13.22
C LEU A 402 2.19 32.70 -13.60
N GLU A 403 2.48 34.00 -13.61
CA GLU A 403 3.82 34.46 -13.95
C GLU A 403 4.84 34.09 -12.88
N THR A 404 4.43 34.01 -11.61
CA THR A 404 5.37 33.58 -10.59
C THR A 404 5.59 32.07 -10.62
N CYS A 405 4.57 31.31 -11.03
CA CYS A 405 4.79 29.90 -11.35
C CYS A 405 5.77 29.76 -12.51
N LYS A 406 5.64 30.62 -13.52
CA LYS A 406 6.61 30.68 -14.60
C LYS A 406 8.00 31.09 -14.08
N LYS A 407 8.04 31.91 -13.03
CA LYS A 407 9.32 32.33 -12.45
C LYS A 407 10.04 31.16 -11.80
N ILE A 408 9.31 30.32 -11.06
CA ILE A 408 9.95 29.13 -10.49
C ILE A 408 10.32 28.15 -11.59
N ASN A 409 9.52 28.08 -12.67
CA ASN A 409 9.90 27.27 -13.82
C ASN A 409 11.20 27.76 -14.45
N LYS A 410 11.33 29.08 -14.60
CA LYS A 410 12.55 29.67 -15.16
C LYS A 410 13.74 29.46 -14.23
N LEU A 411 13.49 29.51 -12.91
CA LEU A 411 14.56 29.23 -11.95
C LEU A 411 15.04 27.78 -12.07
N CYS A 412 14.11 26.84 -12.18
CA CYS A 412 14.47 25.43 -12.34
C CYS A 412 15.21 25.21 -13.66
N ASN A 413 14.85 25.97 -14.70
CA ASN A 413 15.60 25.92 -15.94
C ASN A 413 17.00 26.51 -15.79
N ASP A 414 17.14 27.58 -15.00
CA ASP A 414 18.43 28.26 -14.88
C ASP A 414 19.43 27.45 -14.07
N LEU A 415 19.03 26.84 -12.96
CA LEU A 415 19.94 25.90 -12.32
C LEU A 415 19.82 24.48 -12.84
N ALA A 416 19.04 24.27 -13.91
CA ALA A 416 18.96 23.00 -14.64
C ALA A 416 18.52 21.85 -13.74
N ILE A 417 17.42 22.06 -13.00
CA ILE A 417 16.89 21.00 -12.16
C ILE A 417 16.27 19.90 -13.01
N TYR A 418 15.54 20.28 -14.06
CA TYR A 418 14.99 19.31 -14.99
C TYR A 418 16.08 18.56 -15.74
N HIS A 419 17.14 19.27 -16.14
CA HIS A 419 18.26 18.62 -16.83
C HIS A 419 19.00 17.69 -15.89
N TYR A 420 19.15 18.09 -14.63
CA TYR A 420 19.72 17.25 -13.59
C TYR A 420 18.91 15.96 -13.42
N SER A 421 17.58 16.11 -13.41
CA SER A 421 16.67 14.98 -13.36
C SER A 421 16.82 14.08 -14.58
N GLU A 422 17.06 14.68 -15.75
CA GLU A 422 17.32 13.92 -16.96
C GLU A 422 18.56 13.06 -16.83
N ASP A 423 19.64 13.63 -16.26
CA ASP A 423 20.85 12.83 -16.05
C ASP A 423 20.59 11.70 -15.06
N MET A 424 19.76 11.93 -14.04
CA MET A 424 19.48 10.84 -13.11
C MET A 424 18.59 9.75 -13.73
N MET A 425 17.68 10.11 -14.63
CA MET A 425 16.90 9.07 -15.29
C MET A 425 17.79 8.22 -16.20
N GLN A 426 18.66 8.87 -16.99
CA GLN A 426 19.55 8.10 -17.85
C GLN A 426 20.58 7.31 -17.03
N PHE A 427 21.02 7.88 -15.90
CA PHE A 427 21.85 7.21 -14.91
C PHE A 427 21.23 5.88 -14.46
N SER A 428 20.03 5.97 -13.87
CA SER A 428 19.40 4.81 -13.27
C SER A 428 18.94 3.81 -14.33
N LYS A 429 18.49 4.29 -15.49
CA LYS A 429 18.10 3.39 -16.56
C LYS A 429 19.30 2.65 -17.13
N GLY A 430 20.45 3.33 -17.22
CA GLY A 430 21.66 2.67 -17.66
C GLY A 430 22.13 1.60 -16.69
N LEU A 431 22.05 1.88 -15.39
CA LEU A 431 22.41 0.84 -14.41
C LEU A 431 21.39 -0.31 -14.43
N MET A 432 20.12 0.01 -14.70
CA MET A 432 19.09 -1.01 -14.78
C MET A 432 19.34 -1.97 -15.95
N VAL A 433 19.70 -1.44 -17.11
CA VAL A 433 20.08 -2.33 -18.21
C VAL A 433 21.48 -2.88 -18.03
N ALA A 434 22.29 -2.31 -17.15
CA ALA A 434 23.59 -2.89 -16.85
C ALA A 434 23.45 -4.14 -15.99
N ASP A 435 22.39 -4.22 -15.19
CA ASP A 435 22.06 -5.49 -14.52
C ASP A 435 21.54 -6.46 -15.56
N ARG A 436 22.41 -7.35 -16.04
CA ARG A 436 22.08 -8.31 -17.09
C ARG A 436 23.05 -9.48 -16.97
N TYR A 437 23.13 -10.28 -18.03
CA TYR A 437 23.96 -11.48 -18.08
C TYR A 437 25.44 -11.19 -18.34
N MET A 438 25.86 -9.93 -18.21
CA MET A 438 27.25 -9.55 -18.33
C MET A 438 28.10 -10.15 -17.21
N THR A 439 29.37 -10.42 -17.53
CA THR A 439 30.26 -11.18 -16.67
C THR A 439 31.07 -10.25 -15.76
N LYS A 440 31.93 -10.85 -14.94
CA LYS A 440 32.74 -10.05 -14.03
C LYS A 440 33.91 -9.38 -14.75
N GLU A 441 34.37 -9.95 -15.86
CA GLU A 441 35.45 -9.39 -16.64
C GLU A 441 34.96 -8.46 -17.73
N SER A 442 33.66 -8.26 -17.85
CA SER A 442 33.07 -7.32 -18.78
C SER A 442 32.67 -6.05 -18.03
N PHE A 443 32.50 -4.97 -18.79
CA PHE A 443 32.11 -3.69 -18.21
C PHE A 443 31.45 -2.84 -19.28
N LYS A 444 30.70 -1.84 -18.82
CA LYS A 444 29.80 -1.04 -19.64
C LYS A 444 30.14 0.44 -19.52
N ILE A 445 29.99 1.14 -20.65
CA ILE A 445 30.11 2.59 -20.74
C ILE A 445 28.70 3.16 -20.67
N LEU A 446 28.51 4.18 -19.84
CA LEU A 446 27.22 4.85 -19.72
C LEU A 446 27.41 6.35 -19.85
N THR A 447 26.74 6.94 -20.84
CA THR A 447 26.75 8.38 -21.05
C THR A 447 25.31 8.87 -21.07
N THR A 448 25.04 9.93 -20.33
CA THR A 448 23.69 10.48 -20.22
C THR A 448 23.44 11.44 -21.39
N ALA A 449 22.36 12.21 -21.30
CA ALA A 449 22.08 13.23 -22.29
C ALA A 449 23.04 14.43 -22.16
N ASN A 450 23.75 14.53 -21.04
CA ASN A 450 24.71 15.62 -20.87
C ASN A 450 25.97 15.34 -21.69
N THR A 451 26.78 16.38 -21.84
CA THR A 451 27.83 16.34 -22.85
C THR A 451 29.05 15.55 -22.40
N SER A 452 29.31 15.45 -21.09
CA SER A 452 30.59 14.89 -20.67
C SER A 452 30.47 13.98 -19.46
N MET A 453 29.31 13.38 -19.23
CA MET A 453 29.20 12.33 -18.23
C MET A 453 29.85 11.06 -18.75
N MET A 454 30.48 10.30 -17.85
CA MET A 454 30.72 8.89 -18.14
C MET A 454 30.75 8.06 -16.86
N LEU A 455 30.10 6.90 -16.94
CA LEU A 455 30.10 5.89 -15.91
C LEU A 455 30.66 4.60 -16.49
N LEU A 456 31.41 3.85 -15.69
CA LEU A 456 32.03 2.61 -16.15
C LEU A 456 31.61 1.47 -15.22
N ALA A 457 30.48 0.84 -15.54
CA ALA A 457 29.87 -0.14 -14.65
C ALA A 457 30.51 -1.51 -14.83
N PHE A 458 30.98 -2.09 -13.72
CA PHE A 458 31.45 -3.46 -13.68
C PHE A 458 30.31 -4.36 -13.19
N LYS A 459 30.64 -5.60 -12.87
CA LYS A 459 29.63 -6.55 -12.37
C LYS A 459 29.19 -6.19 -10.95
N SER A 468 24.52 -8.26 -5.45
CA SER A 468 24.25 -7.09 -4.61
C SER A 468 23.94 -5.87 -5.45
N GLY A 469 24.62 -5.76 -6.59
CA GLY A 469 24.44 -4.63 -7.49
C GLY A 469 25.66 -4.47 -8.37
N VAL A 470 25.87 -3.24 -8.84
CA VAL A 470 26.95 -2.97 -9.79
C VAL A 470 27.74 -1.74 -9.35
N PRO A 471 29.07 -1.83 -9.29
CA PRO A 471 29.90 -0.66 -9.04
C PRO A 471 30.31 0.01 -10.34
N TYR A 472 30.75 1.26 -10.24
CA TYR A 472 31.12 2.01 -11.43
C TYR A 472 32.12 3.10 -11.10
N ILE A 473 32.93 3.44 -12.11
CA ILE A 473 33.92 4.51 -12.04
C ILE A 473 33.31 5.73 -12.73
N ALA A 474 33.72 6.92 -12.33
CA ALA A 474 33.16 8.17 -12.83
C ALA A 474 34.19 8.96 -13.63
N LEU A 475 33.77 9.51 -14.76
CA LEU A 475 34.53 10.50 -15.51
C LEU A 475 33.70 11.75 -15.72
N HIS A 476 34.24 12.89 -15.25
CA HIS A 476 33.59 14.18 -15.39
C HIS A 476 34.60 15.26 -15.79
N ILE A 477 34.06 16.30 -16.41
CA ILE A 477 34.79 17.39 -17.05
C ILE A 477 34.48 18.67 -16.29
N VAL A 478 35.51 19.36 -15.82
CA VAL A 478 35.34 20.65 -15.16
C VAL A 478 36.27 21.67 -15.81
N ASP A 479 35.76 22.88 -16.05
CA ASP A 479 36.58 23.90 -16.67
C ASP A 479 37.54 24.56 -15.68
N GLU A 480 38.38 25.45 -16.18
CA GLU A 480 39.36 26.14 -15.34
C GLU A 480 38.69 27.20 -14.46
N ASP A 481 37.60 27.79 -14.92
CA ASP A 481 37.00 28.94 -14.25
C ASP A 481 36.41 28.54 -12.89
N MET A 482 35.75 27.39 -12.83
CA MET A 482 35.06 26.93 -11.63
C MET A 482 35.42 25.48 -11.29
N SER A 483 36.57 25.31 -10.65
CA SER A 483 37.01 23.98 -10.26
C SER A 483 37.27 23.85 -8.76
N ASP A 484 37.69 24.93 -8.11
CA ASP A 484 38.00 24.87 -6.68
C ASP A 484 36.75 24.60 -5.84
N GLN A 485 35.62 25.22 -6.19
CA GLN A 485 34.39 24.93 -5.47
C GLN A 485 33.89 23.52 -5.76
N PHE A 486 34.23 22.97 -6.92
CA PHE A 486 33.93 21.57 -7.20
C PHE A 486 34.79 20.67 -6.30
N ASN A 487 36.04 21.08 -6.08
CA ASN A 487 36.91 20.33 -5.16
C ASN A 487 36.38 20.38 -3.73
N ILE A 488 35.84 21.52 -3.30
CA ILE A 488 35.25 21.58 -1.94
C ILE A 488 33.98 20.75 -1.86
N CYS A 489 33.15 20.78 -2.90
CA CYS A 489 31.94 19.96 -2.90
C CYS A 489 32.21 18.47 -2.86
N TYR A 490 33.12 17.98 -3.69
CA TYR A 490 33.20 16.55 -3.94
C TYR A 490 34.38 15.94 -3.18
N THR A 491 34.79 16.61 -2.10
CA THR A 491 36.09 16.34 -1.49
C THR A 491 36.18 14.96 -0.84
N LYS A 492 35.04 14.44 -0.37
CA LYS A 492 35.06 13.10 0.21
C LYS A 492 35.17 12.03 -0.87
N GLU A 493 34.60 12.29 -2.05
CA GLU A 493 34.41 11.26 -3.06
C GLU A 493 35.28 11.48 -4.28
N ILE A 494 36.38 12.22 -4.15
CA ILE A 494 37.32 12.42 -5.25
C ILE A 494 38.57 11.60 -4.99
N TYR A 495 38.93 10.74 -5.94
CA TYR A 495 40.21 10.05 -5.88
C TYR A 495 41.33 10.91 -6.46
N SER A 496 41.10 11.50 -7.63
CA SER A 496 42.14 12.25 -8.31
C SER A 496 41.54 13.23 -9.31
N TYR A 497 42.39 14.13 -9.79
CA TYR A 497 42.02 15.00 -10.91
C TYR A 497 43.28 15.39 -11.63
N PHE A 498 43.15 15.76 -12.90
CA PHE A 498 44.31 16.25 -13.63
C PHE A 498 43.91 17.20 -14.75
N ARG A 499 44.92 17.89 -15.28
CA ARG A 499 44.78 19.03 -16.17
C ARG A 499 45.03 18.61 -17.61
N ASN A 500 44.21 19.14 -18.54
CA ASN A 500 44.45 19.02 -19.97
C ASN A 500 44.00 20.33 -20.61
N GLY A 501 44.97 21.17 -20.96
CA GLY A 501 44.66 22.48 -21.54
C GLY A 501 43.98 23.38 -20.52
N SER A 502 42.78 23.83 -20.87
CA SER A 502 41.91 24.54 -19.93
C SER A 502 40.80 23.66 -19.39
N ASN A 503 41.05 22.35 -19.25
CA ASN A 503 40.03 21.40 -18.85
C ASN A 503 40.57 20.50 -17.75
N TYR A 504 39.65 19.91 -16.99
CA TYR A 504 39.99 19.10 -15.83
C TYR A 504 39.24 17.79 -15.88
N ILE A 505 39.97 16.69 -15.81
CA ILE A 505 39.42 15.35 -15.75
C ILE A 505 39.34 14.97 -14.28
N TYR A 506 38.19 14.45 -13.84
CA TYR A 506 38.04 14.05 -12.45
C TYR A 506 37.75 12.56 -12.33
N ILE A 507 38.44 11.92 -11.40
CA ILE A 507 38.30 10.49 -11.11
C ILE A 507 37.81 10.38 -9.68
N MET A 508 36.68 9.70 -9.50
CA MET A 508 35.98 9.67 -8.22
C MET A 508 35.95 8.27 -7.63
N ARG A 509 35.58 8.23 -6.35
CA ARG A 509 35.49 6.96 -5.66
C ARG A 509 34.29 6.16 -6.16
N PRO A 510 34.50 4.90 -6.55
CA PRO A 510 33.36 4.05 -6.91
C PRO A 510 32.50 3.71 -5.70
N GLN A 511 31.23 3.46 -5.96
CA GLN A 511 30.30 3.05 -4.91
C GLN A 511 29.60 1.74 -5.30
N ARG A 512 28.61 1.33 -4.52
CA ARG A 512 27.88 0.09 -4.79
C ARG A 512 26.39 0.39 -4.71
N LEU A 513 25.62 -0.16 -5.63
CA LEU A 513 24.18 0.10 -5.70
C LEU A 513 23.39 -1.17 -5.40
N ASN A 514 22.08 -0.99 -5.20
CA ASN A 514 21.11 -2.07 -5.10
C ASN A 514 20.01 -1.75 -6.10
N GLN A 515 19.21 -2.77 -6.46
CA GLN A 515 18.15 -2.57 -7.47
C GLN A 515 17.09 -1.59 -6.99
N VAL A 516 16.71 -1.66 -5.71
CA VAL A 516 15.74 -0.71 -5.17
C VAL A 516 16.37 0.67 -5.07
N ARG A 517 17.69 0.75 -4.87
CA ARG A 517 18.36 2.03 -4.91
C ARG A 517 18.37 2.62 -6.32
N LEU A 518 18.47 1.77 -7.35
CA LEU A 518 18.28 2.25 -8.72
C LEU A 518 16.87 2.75 -8.94
N LEU A 519 15.87 2.08 -8.33
CA LEU A 519 14.49 2.56 -8.44
C LEU A 519 14.33 3.92 -7.78
N SER A 520 14.94 4.11 -6.61
CA SER A 520 14.86 5.39 -5.90
C SER A 520 15.57 6.50 -6.67
N LEU A 521 16.70 6.17 -7.30
CA LEU A 521 17.37 7.14 -8.16
C LEU A 521 16.60 7.37 -9.45
N PHE A 522 15.77 6.40 -9.86
CA PHE A 522 14.96 6.56 -11.06
C PHE A 522 13.75 7.45 -10.79
N LYS A 523 13.30 7.52 -9.54
CA LYS A 523 12.18 8.41 -9.22
C LYS A 523 12.61 9.84 -8.93
N THR A 524 13.91 10.13 -9.05
CA THR A 524 14.44 11.49 -8.88
C THR A 524 13.77 12.55 -9.77
N PRO A 525 13.48 12.33 -11.07
CA PRO A 525 12.73 13.37 -11.81
C PRO A 525 11.32 13.60 -11.33
N SER A 526 10.72 12.66 -10.61
CA SER A 526 9.45 12.94 -9.95
C SER A 526 9.66 13.62 -8.60
N LYS A 527 10.81 13.38 -7.96
CA LYS A 527 11.04 13.86 -6.61
C LYS A 527 11.50 15.31 -6.54
N VAL A 528 12.60 15.65 -7.22
CA VAL A 528 13.25 16.95 -6.97
C VAL A 528 12.51 18.19 -7.49
N PRO A 529 11.76 18.14 -8.63
CA PRO A 529 11.10 19.41 -9.03
C PRO A 529 9.98 19.82 -8.11
N VAL A 530 9.20 18.87 -7.58
CA VAL A 530 8.13 19.23 -6.67
C VAL A 530 8.68 19.62 -5.30
N CYS A 531 9.88 19.12 -4.96
CA CYS A 531 10.63 19.63 -3.81
C CYS A 531 10.89 21.12 -3.96
N PHE A 532 11.56 21.50 -5.05
CA PHE A 532 11.91 22.90 -5.25
C PHE A 532 10.64 23.75 -5.36
N ALA A 533 9.58 23.20 -5.95
CA ALA A 533 8.34 23.92 -6.13
C ALA A 533 7.65 24.25 -4.81
N GLN A 534 7.45 23.22 -3.94
CA GLN A 534 6.68 23.52 -2.73
C GLN A 534 7.55 24.37 -1.82
N PHE A 535 8.86 24.05 -1.74
CA PHE A 535 9.73 24.74 -0.79
C PHE A 535 9.89 26.20 -1.18
N SER A 536 9.95 26.49 -2.49
CA SER A 536 9.95 27.88 -2.95
C SER A 536 8.61 28.55 -2.69
N LYS A 537 7.51 27.80 -2.67
CA LYS A 537 6.26 28.37 -2.18
C LYS A 537 6.29 28.55 -0.65
N LYS A 538 7.18 27.83 0.03
CA LYS A 538 7.21 27.90 1.48
C LYS A 538 8.24 28.88 2.01
N ALA A 539 8.99 29.53 1.14
CA ALA A 539 9.80 30.65 1.62
C ALA A 539 9.11 31.99 1.33
N ASN A 540 8.80 32.74 2.39
CA ASN A 540 8.07 34.00 2.23
C ASN A 540 8.96 35.07 1.62
N GLU A 541 10.27 35.00 1.89
CA GLU A 541 11.20 35.90 1.23
C GLU A 541 11.31 35.59 -0.26
N MET A 542 11.16 34.32 -0.64
CA MET A 542 11.01 33.97 -2.06
C MET A 542 9.74 34.59 -2.63
N GLU A 543 8.65 34.59 -1.84
CA GLU A 543 7.42 35.23 -2.29
C GLU A 543 7.63 36.71 -2.57
N LYS A 544 8.28 37.43 -1.65
CA LYS A 544 8.43 38.87 -1.91
C LYS A 544 9.47 39.15 -2.99
N TRP A 545 10.46 38.25 -3.17
CA TRP A 545 11.39 38.38 -4.29
C TRP A 545 10.60 38.32 -5.61
N LEU A 546 9.98 37.17 -5.87
CA LEU A 546 9.37 36.97 -7.18
C LEU A 546 8.11 37.80 -7.38
N LYS A 547 7.52 38.30 -6.28
CA LYS A 547 6.41 39.23 -6.44
C LYS A 547 6.89 40.66 -6.67
N ASN A 548 8.13 40.98 -6.28
CA ASN A 548 8.68 42.29 -6.65
C ASN A 548 9.24 42.27 -8.07
N LYS A 549 9.94 41.20 -8.44
CA LYS A 549 10.59 41.13 -9.75
C LYS A 549 9.62 40.62 -10.81
N ASP A 550 10.12 40.54 -12.04
CA ASP A 550 9.35 40.13 -13.21
C ASP A 550 9.96 38.88 -13.83
N ILE A 551 9.20 38.30 -14.78
CA ILE A 551 9.54 37.00 -15.36
C ILE A 551 10.80 37.11 -16.22
N GLU A 552 10.97 38.22 -16.95
CA GLU A 552 12.14 38.36 -17.79
C GLU A 552 13.38 38.81 -17.02
N LYS A 553 13.24 39.14 -15.73
CA LYS A 553 14.33 39.69 -14.96
C LYS A 553 14.77 38.84 -13.78
N VAL A 554 14.11 37.71 -13.52
CA VAL A 554 14.56 36.82 -12.44
C VAL A 554 15.81 36.08 -12.89
N ASN A 555 16.82 36.04 -12.02
CA ASN A 555 18.14 35.57 -12.41
C ASN A 555 18.90 35.15 -11.16
N VAL A 556 20.04 34.49 -11.40
CA VAL A 556 20.88 34.02 -10.30
C VAL A 556 21.72 35.15 -9.72
N PHE A 557 22.33 35.97 -10.57
CA PHE A 557 23.33 36.92 -10.12
C PHE A 557 22.75 38.17 -9.47
N SER A 558 21.44 38.22 -9.23
CA SER A 558 20.79 39.45 -8.76
C SER A 558 19.82 39.21 -7.61
N MET A 559 20.28 38.54 -6.55
CA MET A 559 19.53 38.50 -5.30
C MET A 559 20.30 39.19 -4.18
N THR A 560 19.62 39.36 -3.06
CA THR A 560 20.26 39.75 -1.81
C THR A 560 20.91 38.53 -1.17
N MET A 561 21.71 38.78 -0.13
CA MET A 561 22.52 37.73 0.46
C MET A 561 21.67 36.69 1.19
N THR A 562 20.63 37.11 1.92
CA THR A 562 19.81 36.15 2.65
C THR A 562 18.96 35.31 1.70
N VAL A 563 18.45 35.90 0.63
CA VAL A 563 17.65 35.14 -0.32
C VAL A 563 18.54 34.20 -1.12
N LYS A 564 19.78 34.63 -1.39
CA LYS A 564 20.78 33.74 -1.96
C LYS A 564 21.00 32.52 -1.09
N GLN A 565 21.28 32.74 0.22
CA GLN A 565 21.58 31.63 1.12
C GLN A 565 20.39 30.69 1.30
N ILE A 566 19.16 31.22 1.30
CA ILE A 566 18.04 30.29 1.39
C ILE A 566 17.84 29.56 0.07
N LEU A 567 18.28 30.13 -1.07
CA LEU A 567 18.21 29.34 -2.31
C LEU A 567 19.25 28.23 -2.29
N ILE A 568 20.42 28.48 -1.69
CA ILE A 568 21.39 27.39 -1.51
C ILE A 568 20.83 26.31 -0.59
N ASN A 569 20.16 26.72 0.50
CA ASN A 569 19.54 25.76 1.39
C ASN A 569 18.44 24.97 0.68
N ILE A 570 17.69 25.66 -0.19
CA ILE A 570 16.58 25.02 -0.88
C ILE A 570 17.08 24.04 -1.94
N VAL A 571 18.22 24.34 -2.56
CA VAL A 571 18.79 23.43 -3.56
C VAL A 571 19.41 22.22 -2.88
N PHE A 572 20.11 22.46 -1.76
CA PHE A 572 20.65 21.36 -0.96
C PHE A 572 19.55 20.45 -0.46
N SER A 573 18.43 21.02 -0.02
CA SER A 573 17.30 20.23 0.43
C SER A 573 16.67 19.44 -0.71
N SER A 574 16.58 20.06 -1.90
CA SER A 574 16.00 19.37 -3.05
C SER A 574 16.83 18.15 -3.44
N VAL A 575 18.16 18.31 -3.52
CA VAL A 575 18.99 17.16 -3.89
C VAL A 575 19.01 16.12 -2.78
N MET A 576 19.14 16.55 -1.52
CA MET A 576 19.30 15.58 -0.44
C MET A 576 17.98 14.98 0.02
N ILE A 577 16.85 15.45 -0.50
CA ILE A 577 15.59 14.77 -0.27
C ILE A 577 15.21 13.90 -1.46
N GLY A 578 15.38 14.40 -2.69
CA GLY A 578 15.01 13.59 -3.83
C GLY A 578 16.00 12.50 -4.18
N THR A 579 17.19 12.52 -3.58
CA THR A 579 18.22 11.56 -3.94
C THR A 579 18.69 10.75 -2.73
N VAL A 580 17.75 10.26 -1.92
CA VAL A 580 18.14 9.52 -0.72
C VAL A 580 18.47 8.08 -1.06
N THR A 581 19.46 7.52 -0.36
CA THR A 581 19.87 6.14 -0.56
C THR A 581 20.07 5.42 0.77
N LYS A 582 20.49 6.17 1.79
CA LYS A 582 21.14 5.56 2.93
C LYS A 582 20.17 5.33 4.08
N LEU A 583 20.44 4.26 4.84
CA LEU A 583 19.70 3.97 6.06
C LEU A 583 19.93 5.03 7.12
N SER A 584 21.07 5.71 7.06
CA SER A 584 21.28 6.90 7.89
C SER A 584 20.24 7.97 7.58
N ARG A 585 20.00 8.21 6.29
CA ARG A 585 18.98 9.16 5.87
C ARG A 585 17.59 8.70 6.29
N MET A 586 17.35 7.38 6.21
CA MET A 586 16.10 6.80 6.68
C MET A 586 15.87 7.10 8.16
N GLY A 587 16.93 6.91 8.97
CA GLY A 587 16.82 7.13 10.40
C GLY A 587 16.59 8.58 10.77
N ILE A 588 17.32 9.51 10.14
CA ILE A 588 17.16 10.92 10.50
C ILE A 588 15.80 11.44 10.03
N PHE A 589 15.33 10.96 8.87
CA PHE A 589 14.03 11.42 8.40
C PHE A 589 12.88 10.83 9.21
N ASP A 590 13.03 9.59 9.70
CA ASP A 590 12.10 9.08 10.70
C ASP A 590 12.16 9.90 11.99
N PHE A 591 13.35 10.40 12.34
CA PHE A 591 13.49 11.15 13.58
C PHE A 591 12.76 12.49 13.53
N MET A 592 12.89 13.24 12.43
CA MET A 592 12.10 14.48 12.41
C MET A 592 10.68 14.24 11.91
N ARG A 593 10.36 13.02 11.47
CA ARG A 593 8.95 12.65 11.40
C ARG A 593 8.35 12.61 12.79
N TYR A 594 9.03 11.96 13.73
CA TYR A 594 8.51 11.82 15.08
C TYR A 594 9.06 12.85 16.06
N ALA A 595 9.62 13.95 15.56
CA ALA A 595 10.14 15.02 16.41
C ALA A 595 9.58 16.39 16.00
N GLY A 596 8.28 16.45 15.74
CA GLY A 596 7.67 17.69 15.33
C GLY A 596 6.44 18.09 16.13
N PHE A 597 6.39 17.69 17.40
CA PHE A 597 5.25 17.98 18.26
C PHE A 597 5.58 19.02 19.32
N LEU A 598 6.78 19.60 19.28
CA LEU A 598 7.22 20.68 20.15
C LEU A 598 6.51 22.04 20.04
N PRO A 599 5.92 22.49 18.88
CA PRO A 599 5.26 23.81 18.89
C PRO A 599 4.02 23.99 19.77
N LEU A 600 3.64 22.99 20.56
CA LEU A 600 2.48 23.10 21.44
C LEU A 600 2.86 22.47 22.77
N SER A 601 1.84 22.13 23.57
CA SER A 601 1.99 21.80 24.98
C SER A 601 2.65 20.43 25.17
N ASP A 602 2.61 19.95 26.42
CA ASP A 602 3.41 18.84 26.94
C ASP A 602 3.30 17.57 26.11
N TYR A 603 4.42 17.20 25.49
CA TYR A 603 4.45 16.07 24.57
C TYR A 603 5.07 14.82 25.18
N SER A 604 5.85 14.96 26.26
CA SER A 604 6.50 13.86 26.98
C SER A 604 7.43 13.05 26.07
N ASN A 605 8.00 13.71 25.07
CA ASN A 605 9.06 13.16 24.25
C ASN A 605 10.13 14.18 23.86
N ILE A 606 10.10 15.38 24.43
CA ILE A 606 10.94 16.48 23.96
C ILE A 606 12.39 16.28 24.39
N LYS A 607 12.64 15.37 25.33
CA LYS A 607 14.01 14.99 25.69
C LYS A 607 14.22 13.48 25.70
N GLU A 608 13.24 12.72 26.18
CA GLU A 608 13.44 11.30 26.41
C GLU A 608 13.30 10.45 25.15
N TYR A 609 12.59 10.92 24.13
CA TYR A 609 12.61 10.24 22.84
C TYR A 609 14.00 10.24 22.25
N ILE A 610 14.66 11.41 22.26
CA ILE A 610 16.02 11.49 21.77
C ILE A 610 16.97 10.77 22.71
N ARG A 611 16.64 10.72 24.00
CA ARG A 611 17.48 9.99 24.95
C ARG A 611 17.45 8.48 24.71
N ASP A 612 16.29 7.93 24.36
CA ASP A 612 16.14 6.48 24.29
C ASP A 612 16.01 5.95 22.87
N LYS A 613 15.01 6.40 22.11
CA LYS A 613 14.67 5.76 20.85
C LYS A 613 15.27 6.45 19.62
N PHE A 614 16.09 7.49 19.81
CA PHE A 614 16.78 8.08 18.68
C PHE A 614 17.87 7.15 18.19
N ASP A 615 18.06 7.10 16.87
CA ASP A 615 19.11 6.31 16.26
C ASP A 615 20.11 7.25 15.58
N PRO A 616 21.13 7.74 16.28
CA PRO A 616 22.14 8.59 15.63
C PRO A 616 23.11 7.76 14.80
N ASP A 617 22.63 7.34 13.63
CA ASP A 617 23.40 6.50 12.72
C ASP A 617 24.04 7.36 11.62
N ILE A 618 24.46 8.57 11.97
CA ILE A 618 25.02 9.51 11.01
C ILE A 618 26.42 9.05 10.63
N THR A 619 26.52 8.33 9.51
CA THR A 619 27.78 7.73 9.08
C THR A 619 28.54 8.59 8.09
N ASN A 620 28.04 9.79 7.79
CA ASN A 620 28.67 10.67 6.82
C ASN A 620 28.28 12.11 7.15
N VAL A 621 28.50 13.00 6.19
CA VAL A 621 28.17 14.41 6.33
C VAL A 621 26.98 14.65 5.40
N ALA A 622 26.53 15.92 5.34
CA ALA A 622 25.48 16.48 4.50
C ALA A 622 24.08 16.11 4.98
N ASP A 623 23.99 15.24 5.98
CA ASP A 623 22.80 15.13 6.82
C ASP A 623 23.01 15.85 8.15
N ILE A 624 24.25 16.25 8.42
CA ILE A 624 24.58 17.08 9.57
C ILE A 624 23.89 18.43 9.46
N TYR A 625 23.67 18.92 8.23
CA TYR A 625 22.89 20.13 8.02
C TYR A 625 21.44 19.96 8.50
N PHE A 626 20.83 18.82 8.20
CA PHE A 626 19.47 18.58 8.66
C PHE A 626 19.41 18.36 10.16
N VAL A 627 20.44 17.72 10.73
CA VAL A 627 20.55 17.56 12.18
C VAL A 627 20.63 18.92 12.85
N ASN A 628 21.46 19.81 12.29
CA ASN A 628 21.60 21.15 12.86
C ASN A 628 20.35 21.99 12.66
N GLY A 629 19.66 21.82 11.53
CA GLY A 629 18.42 22.56 11.31
C GLY A 629 17.30 22.14 12.25
N ILE A 630 17.14 20.83 12.45
CA ILE A 630 16.12 20.38 13.41
C ILE A 630 16.55 20.73 14.83
N LYS A 631 17.86 20.76 15.12
CA LYS A 631 18.32 21.20 16.42
C LYS A 631 18.01 22.68 16.65
N LYS A 632 18.16 23.51 15.60
CA LYS A 632 17.77 24.90 15.69
C LYS A 632 16.28 25.05 15.94
N LEU A 633 15.46 24.23 15.28
CA LEU A 633 14.02 24.31 15.47
C LEU A 633 13.63 23.93 16.89
N LEU A 634 14.19 22.83 17.42
CA LEU A 634 13.84 22.41 18.76
C LEU A 634 14.42 23.34 19.82
N PHE A 635 15.59 23.94 19.54
CA PHE A 635 16.13 24.97 20.44
C PHE A 635 15.21 26.19 20.48
N ARG A 636 14.72 26.61 19.31
CA ARG A 636 13.83 27.77 19.24
C ARG A 636 12.51 27.49 19.94
N MET A 637 12.02 26.25 19.85
CA MET A 637 10.77 25.92 20.52
C MET A 637 10.98 25.76 22.03
N GLU A 638 12.15 25.31 22.46
CA GLU A 638 12.41 25.23 23.90
C GLU A 638 12.72 26.60 24.49
N ASP A 639 13.11 27.57 23.65
CA ASP A 639 13.19 28.94 24.13
C ASP A 639 11.82 29.59 24.28
N LEU A 640 10.77 28.95 23.75
CA LEU A 640 9.37 29.36 23.91
C LEU A 640 9.09 30.78 23.42
N ASP A 656 -6.02 27.69 12.38
CA ASP A 656 -6.53 28.90 13.02
C ASP A 656 -5.39 29.67 13.68
N ILE A 657 -4.49 28.94 14.30
CA ILE A 657 -3.31 29.55 14.92
C ILE A 657 -2.29 29.82 13.83
N ILE A 658 -1.96 31.10 13.63
CA ILE A 658 -0.93 31.50 12.68
C ILE A 658 0.42 31.38 13.37
N GLY A 659 1.30 30.56 12.82
CA GLY A 659 2.59 30.25 13.43
C GLY A 659 3.73 30.91 12.66
N GLY A 660 4.72 31.40 13.41
CA GLY A 660 5.88 32.03 12.84
C GLY A 660 5.81 33.54 12.75
N ILE A 661 4.61 34.13 12.83
CA ILE A 661 4.51 35.58 12.80
C ILE A 661 4.90 36.16 14.16
N THR A 662 4.84 35.34 15.21
CA THR A 662 5.33 35.71 16.53
C THR A 662 6.38 34.75 17.06
N ASP A 663 6.36 33.48 16.62
CA ASP A 663 7.38 32.53 17.07
C ASP A 663 8.73 32.82 16.42
N LEU A 664 8.72 33.24 15.14
CA LEU A 664 9.91 33.54 14.34
C LEU A 664 10.86 32.35 14.29
N ASN A 665 10.32 31.18 13.96
CA ASN A 665 11.08 29.95 13.97
C ASN A 665 11.81 29.77 12.63
N ILE A 666 12.33 28.56 12.41
CA ILE A 666 13.17 28.25 11.25
C ILE A 666 12.77 26.89 10.73
N LYS A 667 12.59 26.79 9.41
CA LYS A 667 12.24 25.52 8.77
C LYS A 667 13.36 24.51 8.93
N CYS A 668 13.00 23.24 8.96
CA CYS A 668 14.03 22.23 9.16
C CYS A 668 14.82 21.95 7.87
N PRO A 669 14.22 21.68 6.70
CA PRO A 669 15.09 21.49 5.52
C PRO A 669 15.53 22.79 4.87
N ILE A 670 14.68 23.80 4.81
CA ILE A 670 14.89 24.93 3.92
C ILE A 670 15.26 26.21 4.68
N THR A 671 15.44 26.09 6.00
CA THR A 671 15.70 27.18 6.95
C THR A 671 14.56 28.19 6.97
N GLY A 672 14.38 28.93 5.88
CA GLY A 672 13.15 29.65 5.56
C GLY A 672 12.51 30.52 6.61
N SER A 673 13.15 31.64 6.96
CA SER A 673 12.65 32.50 8.03
C SER A 673 11.38 33.23 7.59
N THR A 674 10.84 34.03 8.52
CA THR A 674 9.62 34.81 8.36
C THR A 674 8.44 33.94 7.90
N LEU A 675 8.08 32.99 8.76
CA LEU A 675 7.06 32.00 8.43
C LEU A 675 5.68 32.65 8.33
N LEU A 676 4.92 32.24 7.31
CA LEU A 676 3.56 32.76 7.18
C LEU A 676 2.61 32.06 8.14
N THR A 677 2.38 30.76 7.96
CA THR A 677 1.45 30.02 8.80
C THR A 677 2.11 28.73 9.28
N LEU A 678 1.42 28.06 10.22
CA LEU A 678 1.87 26.78 10.75
C LEU A 678 1.74 25.67 9.70
N GLU A 679 0.78 25.83 8.78
CA GLU A 679 0.52 24.86 7.72
C GLU A 679 1.73 24.71 6.81
N ASP A 680 2.43 25.82 6.56
CA ASP A 680 3.62 25.81 5.71
C ASP A 680 4.71 24.93 6.30
N LEU A 681 4.97 25.07 7.61
CA LEU A 681 6.05 24.28 8.22
C LEU A 681 5.64 22.82 8.35
N TYR A 682 4.36 22.55 8.66
CA TYR A 682 3.95 21.14 8.75
C TYR A 682 4.01 20.46 7.40
N ASN A 683 3.58 21.14 6.33
CA ASN A 683 3.66 20.57 4.99
C ASN A 683 5.11 20.42 4.55
N ASN A 684 5.97 21.35 4.96
CA ASN A 684 7.40 21.30 4.68
C ASN A 684 8.03 20.03 5.23
N VAL A 685 7.93 19.83 6.55
CA VAL A 685 8.52 18.64 7.16
C VAL A 685 7.85 17.37 6.67
N TYR A 686 6.54 17.40 6.44
CA TYR A 686 5.88 16.16 6.07
C TYR A 686 6.15 15.74 4.63
N LEU A 687 6.37 16.69 3.71
CA LEU A 687 6.81 16.28 2.38
C LEU A 687 8.25 15.79 2.46
N ALA A 688 9.05 16.41 3.34
CA ALA A 688 10.41 15.90 3.56
C ALA A 688 10.42 14.46 4.08
N ILE A 689 9.42 14.06 4.86
CA ILE A 689 9.31 12.65 5.25
C ILE A 689 8.76 11.81 4.10
N TYR A 690 7.71 12.26 3.43
CA TYR A 690 6.82 11.31 2.76
C TYR A 690 7.26 10.83 1.39
N MET A 691 8.41 11.23 0.85
CA MET A 691 8.92 10.47 -0.28
C MET A 691 10.00 9.51 0.13
N MET A 692 10.12 9.23 1.43
CA MET A 692 11.08 8.25 1.87
C MET A 692 10.55 6.89 1.40
N PRO A 693 11.28 6.17 0.56
CA PRO A 693 10.74 4.89 0.07
C PRO A 693 10.78 3.85 1.17
N LYS A 694 10.05 2.76 0.92
CA LYS A 694 9.69 1.86 2.01
C LYS A 694 10.89 1.03 2.47
N SER A 695 11.43 0.21 1.59
CA SER A 695 12.60 -0.61 1.89
C SER A 695 13.77 -0.04 1.11
N LEU A 696 14.90 0.17 1.79
CA LEU A 696 16.14 0.55 1.12
C LEU A 696 17.32 -0.26 1.61
N HIS A 697 17.07 -1.39 2.27
CA HIS A 697 18.13 -2.19 2.86
C HIS A 697 18.34 -3.49 2.10
N ASN A 698 17.30 -4.32 2.01
CA ASN A 698 17.24 -5.57 1.26
C ASN A 698 15.83 -6.12 1.39
N HIS A 699 15.55 -7.17 0.64
CA HIS A 699 14.37 -7.99 0.92
C HIS A 699 14.54 -8.73 2.24
N VAL A 700 15.60 -9.54 2.35
CA VAL A 700 15.84 -10.24 3.59
C VAL A 700 16.78 -9.46 4.51
N HIS A 701 16.35 -8.24 4.84
CA HIS A 701 16.50 -7.56 6.12
C HIS A 701 15.15 -7.16 6.68
N ASN A 702 14.25 -6.66 5.82
CA ASN A 702 12.87 -6.38 6.20
C ASN A 702 12.15 -7.66 6.61
N LEU A 703 12.39 -8.76 5.88
CA LEU A 703 11.75 -10.03 6.21
C LEU A 703 12.23 -10.56 7.55
N THR A 704 13.53 -10.48 7.80
CA THR A 704 14.08 -10.97 9.07
C THR A 704 13.65 -10.09 10.23
N SER A 705 13.51 -8.78 10.00
CA SER A 705 13.01 -7.90 11.05
C SER A 705 11.54 -8.20 11.37
N LEU A 706 10.73 -8.44 10.34
CA LEU A 706 9.32 -8.74 10.56
C LEU A 706 9.11 -10.15 11.12
N LEU A 707 10.13 -11.00 11.04
CA LEU A 707 10.07 -12.27 11.78
C LEU A 707 10.64 -12.14 13.19
N ASN A 708 11.58 -11.22 13.41
CA ASN A 708 12.24 -11.12 14.70
C ASN A 708 11.44 -10.32 15.72
N VAL A 709 10.65 -9.34 15.25
CA VAL A 709 9.84 -8.53 16.17
C VAL A 709 8.78 -9.34 16.91
N PRO A 710 7.96 -10.20 16.27
CA PRO A 710 7.07 -11.06 17.07
C PRO A 710 7.81 -12.05 17.95
N ALA A 711 8.98 -12.50 17.51
CA ALA A 711 9.80 -13.40 18.32
C ALA A 711 10.24 -12.72 19.61
N GLU A 712 10.70 -11.47 19.51
CA GLU A 712 11.16 -10.74 20.70
C GLU A 712 9.99 -10.39 21.61
N TRP A 713 8.85 -9.99 21.04
CA TRP A 713 7.70 -9.65 21.87
C TRP A 713 7.12 -10.87 22.59
N GLU A 714 7.00 -12.00 21.90
CA GLU A 714 6.50 -13.20 22.55
C GLU A 714 7.51 -13.78 23.53
N LEU A 715 8.81 -13.59 23.27
CA LEU A 715 9.82 -14.01 24.25
C LEU A 715 9.72 -13.16 25.51
N LYS A 716 9.48 -11.85 25.35
CA LYS A 716 9.28 -10.97 26.50
C LYS A 716 8.05 -11.39 27.30
N PHE A 717 6.95 -11.70 26.60
CA PHE A 717 5.73 -12.20 27.24
C PHE A 717 5.98 -13.49 28.02
N ARG A 718 6.60 -14.47 27.36
CA ARG A 718 6.84 -15.78 27.97
C ARG A 718 7.79 -15.67 29.15
N LYS A 719 8.84 -14.88 29.03
CA LYS A 719 9.83 -14.75 30.09
C LYS A 719 9.31 -13.95 31.27
N GLU A 720 8.44 -12.96 31.04
CA GLU A 720 7.96 -12.19 32.17
C GLU A 720 6.79 -12.87 32.87
N LEU A 721 5.90 -13.56 32.15
CA LEU A 721 4.93 -14.40 32.85
C LEU A 721 5.57 -15.59 33.55
N GLY A 722 6.55 -16.24 32.94
CA GLY A 722 7.27 -17.32 33.60
C GLY A 722 7.16 -18.69 32.96
N PHE A 723 6.70 -18.82 31.71
CA PHE A 723 6.78 -20.12 31.07
C PHE A 723 8.19 -20.35 30.54
N ASN A 724 8.43 -21.58 30.10
CA ASN A 724 9.62 -21.86 29.32
C ASN A 724 9.24 -22.12 27.86
N ILE A 725 10.24 -22.47 27.06
CA ILE A 725 10.04 -22.61 25.62
C ILE A 725 9.28 -23.87 25.24
N PHE A 726 9.11 -24.82 26.16
CA PHE A 726 8.77 -26.19 25.79
C PHE A 726 7.31 -26.56 26.05
N GLU A 727 6.69 -26.04 27.10
CA GLU A 727 5.38 -26.52 27.50
C GLU A 727 4.29 -25.93 26.62
N ASP A 728 3.04 -26.25 26.97
CA ASP A 728 1.89 -25.64 26.33
C ASP A 728 1.76 -24.18 26.76
N ILE A 729 0.90 -23.43 26.06
CA ILE A 729 0.93 -21.99 26.18
C ILE A 729 0.33 -21.52 27.51
N TYR A 730 -0.68 -22.25 28.03
CA TYR A 730 -1.48 -22.06 29.25
C TYR A 730 -2.26 -20.73 29.24
N PRO A 731 -3.50 -20.71 29.71
CA PRO A 731 -4.24 -19.45 29.69
C PRO A 731 -4.01 -18.50 30.86
N LYS A 732 -4.16 -18.96 32.10
CA LYS A 732 -4.22 -18.06 33.25
C LYS A 732 -3.62 -18.70 34.48
N LYS A 733 -2.67 -17.99 35.11
CA LYS A 733 -2.18 -18.37 36.43
C LYS A 733 -2.42 -17.28 37.46
N ALA A 734 -3.32 -16.33 37.16
CA ALA A 734 -3.87 -15.27 38.00
C ALA A 734 -2.90 -14.14 38.31
N MET A 735 -1.90 -13.88 37.46
CA MET A 735 -1.24 -12.58 37.48
C MET A 735 -1.72 -11.68 36.35
N PHE A 736 -2.90 -11.96 35.80
CA PHE A 736 -3.54 -11.05 34.85
C PHE A 736 -4.44 -10.06 35.60
N ASP A 737 -3.87 -9.38 36.58
CA ASP A 737 -4.59 -8.47 37.48
C ASP A 737 -3.67 -7.29 37.76
N ASP A 738 -3.87 -6.20 37.01
CA ASP A 738 -3.25 -4.87 37.15
C ASP A 738 -1.72 -4.89 37.26
N LYS A 739 -1.05 -5.89 36.70
CA LYS A 739 0.41 -5.86 36.64
C LYS A 739 0.88 -4.87 35.58
N ASP A 740 2.19 -4.62 35.58
CA ASP A 740 2.74 -3.51 34.81
C ASP A 740 3.09 -3.86 33.37
N LEU A 741 3.55 -5.08 33.12
CA LEU A 741 4.00 -5.40 31.76
C LEU A 741 2.85 -5.83 30.86
N PHE A 742 2.18 -6.93 31.20
CA PHE A 742 1.08 -7.45 30.37
C PHE A 742 -0.01 -7.97 31.31
N SER A 743 -0.97 -7.10 31.64
CA SER A 743 -2.11 -7.51 32.43
C SER A 743 -3.25 -6.51 32.26
N ILE A 744 -4.47 -7.03 32.37
CA ILE A 744 -5.68 -6.23 32.46
C ILE A 744 -6.18 -6.31 33.90
N ASN A 745 -7.11 -5.42 34.26
CA ASN A 745 -7.61 -5.41 35.63
C ASN A 745 -8.56 -6.55 35.93
N GLY A 746 -9.15 -7.17 34.90
CA GLY A 746 -9.98 -8.34 35.09
C GLY A 746 -11.39 -8.02 35.53
N ALA A 747 -11.55 -7.64 36.81
CA ALA A 747 -12.86 -7.34 37.35
C ALA A 747 -13.42 -6.01 36.85
N LEU A 748 -12.57 -5.13 36.32
CA LEU A 748 -13.04 -3.89 35.72
C LEU A 748 -13.51 -4.07 34.29
N ASN A 749 -12.79 -4.90 33.52
CA ASN A 749 -12.98 -4.97 32.08
C ASN A 749 -14.37 -5.47 31.71
N VAL A 750 -14.89 -6.47 32.44
CA VAL A 750 -16.20 -7.00 32.11
C VAL A 750 -17.29 -5.98 32.44
N LYS A 751 -17.05 -5.13 33.44
CA LYS A 751 -18.02 -4.08 33.75
C LYS A 751 -17.97 -3.01 32.67
N ALA A 752 -16.77 -2.66 32.20
CA ALA A 752 -16.61 -1.67 31.15
C ALA A 752 -17.26 -2.13 29.85
N LEU A 753 -17.05 -3.39 29.48
CA LEU A 753 -17.69 -3.97 28.31
C LEU A 753 -19.21 -4.02 28.47
N SER A 754 -19.70 -4.34 29.67
CA SER A 754 -21.13 -4.40 29.90
C SER A 754 -21.78 -3.03 29.74
N ASP A 755 -21.17 -1.99 30.32
CA ASP A 755 -21.77 -0.65 30.19
C ASP A 755 -21.60 -0.12 28.77
N TYR A 756 -20.51 -0.50 28.09
CA TYR A 756 -20.33 -0.13 26.69
C TYR A 756 -21.42 -0.75 25.82
N TYR A 757 -21.72 -2.04 26.03
CA TYR A 757 -22.77 -2.69 25.27
C TYR A 757 -24.13 -2.09 25.58
N LEU A 758 -24.40 -1.81 26.87
CA LEU A 758 -25.69 -1.27 27.28
C LEU A 758 -25.92 0.13 26.74
N GLY A 759 -24.89 0.98 26.77
CA GLY A 759 -25.01 2.32 26.27
C GLY A 759 -24.76 2.48 24.79
N ASN A 760 -24.34 1.42 24.09
CA ASN A 760 -24.07 1.52 22.67
C ASN A 760 -25.11 0.81 21.82
N ILE A 761 -25.47 -0.43 22.14
CA ILE A 761 -26.35 -1.22 21.28
C ILE A 761 -27.79 -0.96 21.69
N GLU A 762 -28.57 -0.42 20.76
CA GLU A 762 -30.01 -0.22 20.94
C GLU A 762 -30.72 -1.05 19.90
N ASN A 763 -31.79 -1.74 20.31
CA ASN A 763 -32.62 -2.60 19.45
C ASN A 763 -31.77 -3.69 18.81
N VAL A 764 -31.33 -4.61 19.68
CA VAL A 764 -30.33 -5.64 19.34
C VAL A 764 -30.79 -6.53 18.19
N GLY A 765 -32.08 -6.87 18.16
CA GLY A 765 -32.58 -7.72 17.08
C GLY A 765 -32.53 -7.05 15.73
N LEU A 766 -32.76 -5.73 15.68
CA LEU A 766 -32.72 -5.00 14.42
C LEU A 766 -31.31 -4.98 13.83
N MET A 767 -30.32 -4.69 14.66
CA MET A 767 -28.94 -4.69 14.17
C MET A 767 -28.41 -6.10 13.95
N ARG A 768 -28.98 -7.11 14.63
CA ARG A 768 -28.65 -8.49 14.30
C ARG A 768 -29.18 -8.87 12.92
N SER A 769 -30.42 -8.47 12.61
CA SER A 769 -30.95 -8.68 11.26
C SER A 769 -30.16 -7.89 10.22
N GLU A 770 -29.65 -6.72 10.62
CA GLU A 770 -28.75 -5.96 9.75
C GLU A 770 -27.47 -6.74 9.48
N ILE A 771 -26.94 -7.43 10.50
CA ILE A 771 -25.77 -8.28 10.32
C ILE A 771 -26.07 -9.38 9.31
N GLU A 772 -27.22 -10.06 9.48
CA GLU A 772 -27.60 -11.17 8.61
C GLU A 772 -27.81 -10.71 7.17
N ASN A 773 -28.43 -9.55 6.98
CA ASN A 773 -28.76 -9.10 5.63
C ASN A 773 -27.56 -8.45 4.94
N LYS A 774 -26.96 -7.43 5.57
CA LYS A 774 -25.89 -6.68 4.91
C LYS A 774 -24.61 -7.50 4.80
N GLU A 775 -24.27 -8.27 5.83
CA GLU A 775 -22.97 -8.92 5.84
C GLU A 775 -23.07 -10.36 5.31
N ASP A 776 -24.27 -10.77 4.87
CA ASP A 776 -24.53 -12.05 4.20
C ASP A 776 -24.16 -13.23 5.09
N PHE A 777 -24.91 -13.36 6.18
CA PHE A 777 -24.75 -14.45 7.14
C PHE A 777 -25.62 -15.67 6.77
N LEU A 778 -26.30 -15.56 5.64
CA LEU A 778 -27.16 -16.64 5.18
C LEU A 778 -26.90 -16.94 3.71
N SER A 779 -25.88 -16.31 3.15
CA SER A 779 -25.49 -16.44 1.75
C SER A 779 -24.25 -17.30 1.63
N PRO A 780 -24.03 -17.92 0.46
CA PRO A 780 -22.81 -18.71 0.27
C PRO A 780 -21.55 -17.85 0.29
N CYS A 781 -20.43 -18.50 0.61
CA CYS A 781 -19.20 -17.78 0.92
C CYS A 781 -18.55 -17.16 -0.32
N TYR A 782 -18.96 -17.55 -1.51
CA TYR A 782 -18.48 -16.87 -2.70
C TYR A 782 -19.27 -15.60 -3.01
N LYS A 783 -20.28 -15.27 -2.20
CA LYS A 783 -20.95 -13.99 -2.35
C LYS A 783 -20.25 -12.85 -1.62
N ILE A 784 -19.20 -13.14 -0.84
CA ILE A 784 -18.40 -12.11 -0.20
C ILE A 784 -17.16 -11.84 -1.05
N SER A 785 -16.92 -10.55 -1.34
CA SER A 785 -15.74 -10.15 -2.09
C SER A 785 -14.45 -10.40 -1.32
N THR A 786 -14.53 -10.41 0.03
CA THR A 786 -13.34 -10.65 0.83
C THR A 786 -12.86 -12.10 0.68
N LEU A 787 -13.78 -13.06 0.65
CA LEU A 787 -13.41 -14.47 0.52
C LEU A 787 -13.43 -14.96 -0.92
N LYS A 788 -13.90 -14.15 -1.87
CA LYS A 788 -13.81 -14.51 -3.27
C LYS A 788 -12.74 -13.74 -4.03
N SER A 789 -12.18 -12.68 -3.43
CA SER A 789 -11.17 -11.87 -4.07
C SER A 789 -9.79 -12.53 -3.95
N SER A 790 -8.84 -12.02 -4.73
CA SER A 790 -7.52 -12.63 -4.89
C SER A 790 -6.46 -11.77 -4.19
N LYS A 791 -6.34 -11.93 -2.88
CA LYS A 791 -5.23 -11.37 -2.11
C LYS A 791 -4.39 -12.41 -1.40
N LYS A 792 -4.49 -13.69 -1.79
CA LYS A 792 -3.55 -14.79 -1.47
C LYS A 792 -3.74 -15.31 -0.04
N CYS A 793 -3.87 -16.63 0.09
CA CYS A 793 -4.16 -17.27 1.37
C CYS A 793 -2.98 -18.02 1.99
N SER A 794 -2.10 -18.59 1.16
CA SER A 794 -0.85 -19.24 1.58
C SER A 794 -1.09 -20.40 2.55
N GLN A 795 -1.70 -21.45 2.02
CA GLN A 795 -1.98 -22.63 2.83
C GLN A 795 -0.94 -23.72 2.55
N SER A 796 -1.04 -24.82 3.31
CA SER A 796 0.04 -25.79 3.46
C SER A 796 -0.18 -27.01 2.55
N ASN A 797 0.84 -27.32 1.74
CA ASN A 797 0.78 -28.49 0.87
C ASN A 797 2.19 -29.02 0.62
N ILE A 798 2.26 -30.32 0.35
CA ILE A 798 3.53 -31.00 0.10
C ILE A 798 3.24 -32.24 -0.73
N ILE A 799 4.28 -32.77 -1.37
CA ILE A 799 4.19 -34.04 -2.07
C ILE A 799 4.06 -35.15 -1.03
N SER A 800 3.14 -36.09 -1.27
CA SER A 800 2.87 -37.18 -0.34
C SER A 800 4.09 -38.09 -0.19
N THR A 801 4.20 -38.70 0.99
CA THR A 801 5.41 -39.44 1.35
C THR A 801 5.54 -40.74 0.58
N ASP A 802 4.43 -41.30 0.11
CA ASP A 802 4.50 -42.54 -0.67
C ASP A 802 5.04 -42.30 -2.07
N GLU A 803 4.85 -41.08 -2.60
CA GLU A 803 5.21 -40.79 -3.98
C GLU A 803 6.73 -40.85 -4.19
N ILE A 804 7.50 -40.32 -3.23
CA ILE A 804 8.96 -40.27 -3.38
C ILE A 804 9.56 -41.68 -3.36
N ILE A 805 9.13 -42.50 -2.40
CA ILE A 805 9.68 -43.85 -2.29
C ILE A 805 9.19 -44.73 -3.44
N GLU A 806 7.95 -44.53 -3.90
CA GLU A 806 7.48 -45.32 -5.04
C GLU A 806 8.17 -44.89 -6.34
N CYS A 807 8.53 -43.61 -6.48
CA CYS A 807 9.32 -43.17 -7.62
C CYS A 807 10.73 -43.75 -7.57
N LEU A 808 11.31 -43.82 -6.37
CA LEU A 808 12.62 -44.46 -6.23
C LEU A 808 12.56 -45.95 -6.57
N GLN A 809 11.47 -46.62 -6.17
CA GLN A 809 11.36 -48.05 -6.45
C GLN A 809 11.08 -48.32 -7.94
N ASN A 810 10.36 -47.42 -8.62
CA ASN A 810 10.20 -47.61 -10.06
C ASN A 810 11.30 -46.94 -10.88
N ALA A 811 12.29 -46.32 -10.23
CA ALA A 811 13.42 -45.75 -10.95
C ALA A 811 14.30 -46.85 -11.51
N LYS A 812 14.42 -46.91 -12.83
CA LYS A 812 15.16 -47.96 -13.51
C LYS A 812 16.53 -47.43 -13.93
N ILE A 813 17.58 -48.13 -13.50
CA ILE A 813 18.96 -47.74 -13.82
C ILE A 813 19.19 -47.80 -15.32
N GLN A 814 18.59 -48.78 -16.01
CA GLN A 814 18.67 -48.90 -17.46
C GLN A 814 18.02 -47.72 -18.19
N ASP A 815 17.23 -46.91 -17.49
CA ASP A 815 16.69 -45.67 -18.03
C ASP A 815 17.26 -44.47 -17.30
N ILE A 816 18.59 -44.45 -17.10
CA ILE A 816 19.25 -43.26 -16.54
C ILE A 816 19.05 -42.06 -17.45
N GLU A 817 19.19 -42.25 -18.77
CA GLU A 817 19.07 -41.16 -19.72
C GLU A 817 17.63 -40.84 -20.10
N ASN A 818 16.67 -41.67 -19.69
CA ASN A 818 15.26 -41.44 -19.99
C ASN A 818 14.54 -40.75 -18.84
N TRP A 819 15.26 -40.25 -17.85
CA TRP A 819 14.66 -39.62 -16.66
C TRP A 819 14.18 -38.23 -17.05
N LYS A 820 12.87 -38.09 -17.25
CA LYS A 820 12.26 -36.79 -17.55
C LYS A 820 10.96 -36.66 -16.79
N GLY A 821 10.71 -35.46 -16.25
CA GLY A 821 9.49 -35.20 -15.53
C GLY A 821 9.70 -35.04 -14.04
N ASN A 822 8.76 -35.57 -13.25
CA ASN A 822 8.86 -35.46 -11.79
C ASN A 822 9.90 -36.43 -11.23
N ASN A 823 10.15 -37.54 -11.93
CA ASN A 823 11.04 -38.57 -11.40
C ASN A 823 12.49 -38.10 -11.35
N LEU A 824 12.93 -37.36 -12.39
CA LEU A 824 14.27 -36.80 -12.37
C LEU A 824 14.44 -35.76 -11.28
N ALA A 825 13.39 -34.97 -11.02
CA ALA A 825 13.45 -33.96 -9.97
C ALA A 825 13.50 -34.62 -8.58
N ILE A 826 12.74 -35.70 -8.39
CA ILE A 826 12.81 -36.48 -7.15
C ILE A 826 14.20 -37.07 -6.97
N ILE A 827 14.79 -37.55 -8.08
CA ILE A 827 16.14 -38.11 -8.05
C ILE A 827 17.17 -37.04 -7.68
N LYS A 828 17.04 -35.83 -8.24
CA LYS A 828 17.96 -34.75 -7.91
C LYS A 828 17.84 -34.33 -6.45
N GLY A 829 16.61 -34.26 -5.93
CA GLY A 829 16.42 -33.95 -4.51
C GLY A 829 17.03 -34.99 -3.60
N LEU A 830 16.85 -36.28 -3.94
CA LEU A 830 17.38 -37.33 -3.09
C LEU A 830 18.90 -37.44 -3.21
N ILE A 831 19.48 -37.10 -4.36
CA ILE A 831 20.93 -37.23 -4.46
C ILE A 831 21.59 -36.04 -3.78
N ARG A 832 20.91 -34.87 -3.75
CA ARG A 832 21.38 -33.77 -2.91
C ARG A 832 21.29 -34.13 -1.44
N THR A 833 20.21 -34.82 -1.05
CA THR A 833 20.05 -35.29 0.33
C THR A 833 21.15 -36.27 0.72
N TYR A 834 21.50 -37.19 -0.18
CA TYR A 834 22.56 -38.15 0.12
C TYR A 834 23.93 -37.48 0.12
N ASN A 835 24.14 -36.50 -0.77
CA ASN A 835 25.43 -35.82 -0.83
C ASN A 835 25.67 -34.96 0.39
N GLU A 836 24.61 -34.41 0.99
CA GLU A 836 24.83 -33.54 2.13
C GLU A 836 24.60 -34.24 3.47
N GLU A 837 23.45 -34.88 3.68
CA GLU A 837 23.11 -35.47 4.98
C GLU A 837 22.78 -36.96 4.80
N LYS A 838 23.84 -37.78 4.84
CA LYS A 838 23.69 -39.23 4.70
C LYS A 838 22.90 -39.83 5.84
N ASN A 839 23.17 -39.37 7.08
CA ASN A 839 22.46 -39.91 8.24
C ASN A 839 20.98 -39.53 8.22
N ARG A 840 20.68 -38.31 7.78
CA ARG A 840 19.28 -37.88 7.69
C ARG A 840 18.54 -38.64 6.60
N LEU A 841 19.21 -38.92 5.48
CA LEU A 841 18.58 -39.75 4.45
C LEU A 841 18.36 -41.18 4.96
N VAL A 842 19.33 -41.72 5.71
CA VAL A 842 19.22 -43.08 6.22
C VAL A 842 18.07 -43.20 7.21
N GLU A 843 17.95 -42.22 8.12
CA GLU A 843 16.84 -42.26 9.08
C GLU A 843 15.49 -41.99 8.41
N PHE A 844 15.46 -41.15 7.37
CA PHE A 844 14.23 -40.94 6.62
C PHE A 844 13.75 -42.22 5.95
N PHE A 845 14.67 -42.93 5.31
CA PHE A 845 14.30 -44.20 4.66
C PHE A 845 14.00 -45.29 5.69
N GLU A 846 14.61 -45.23 6.88
CA GLU A 846 14.31 -46.20 7.92
C GLU A 846 12.92 -45.97 8.50
N ASP A 847 12.53 -44.71 8.67
CA ASP A 847 11.22 -44.39 9.22
C ASP A 847 10.10 -44.42 8.18
N ASN A 848 10.43 -44.40 6.88
CA ASN A 848 9.40 -44.39 5.87
C ASN A 848 9.32 -45.65 5.01
N CYS A 849 10.38 -46.46 4.96
CA CYS A 849 10.42 -47.63 4.09
C CYS A 849 10.91 -48.84 4.87
N VAL A 850 10.36 -50.01 4.54
CA VAL A 850 10.84 -51.24 5.16
C VAL A 850 12.00 -51.82 4.38
N ASN A 851 12.10 -51.53 3.08
CA ASN A 851 13.21 -51.98 2.25
C ASN A 851 14.26 -50.87 2.15
N SER A 852 14.73 -50.46 3.33
CA SER A 852 15.68 -49.36 3.42
C SER A 852 17.04 -49.75 2.86
N LEU A 853 17.45 -51.01 3.05
CA LEU A 853 18.69 -51.49 2.44
C LEU A 853 18.61 -51.49 0.92
N TYR A 854 17.45 -51.88 0.38
CA TYR A 854 17.22 -51.84 -1.06
C TYR A 854 17.29 -50.42 -1.59
N LEU A 855 16.67 -49.48 -0.86
CA LEU A 855 16.69 -48.07 -1.28
C LEU A 855 18.11 -47.50 -1.20
N VAL A 856 18.88 -47.87 -0.17
CA VAL A 856 20.24 -47.36 -0.01
C VAL A 856 21.15 -47.91 -1.11
N GLU A 857 21.04 -49.20 -1.40
CA GLU A 857 21.90 -49.80 -2.43
C GLU A 857 21.50 -49.31 -3.82
N LYS A 858 20.20 -49.03 -4.05
CA LYS A 858 19.80 -48.45 -5.32
C LYS A 858 20.29 -47.02 -5.44
N LEU A 859 20.31 -46.27 -4.34
CA LEU A 859 20.88 -44.91 -4.35
C LEU A 859 22.37 -44.92 -4.67
N LYS A 860 23.10 -45.88 -4.09
CA LYS A 860 24.53 -46.00 -4.39
C LYS A 860 24.76 -46.43 -5.84
N GLU A 861 23.89 -47.29 -6.36
CA GLU A 861 24.00 -47.67 -7.77
C GLU A 861 23.68 -46.49 -8.69
N ILE A 862 22.78 -45.60 -8.26
CA ILE A 862 22.46 -44.43 -9.07
C ILE A 862 23.61 -43.41 -9.04
N ILE A 863 24.25 -43.21 -7.87
CA ILE A 863 25.44 -42.36 -7.85
C ILE A 863 26.61 -43.00 -8.60
N ASN A 864 26.64 -44.32 -8.75
CA ASN A 864 27.75 -44.94 -9.45
C ASN A 864 27.56 -44.95 -10.97
N SER A 865 26.42 -44.47 -11.47
CA SER A 865 26.23 -44.39 -12.91
C SER A 865 27.05 -43.25 -13.53
N GLY A 866 27.01 -42.07 -12.91
CA GLY A 866 27.78 -40.93 -13.40
C GLY A 866 27.15 -40.15 -14.53
N SER A 867 25.91 -40.43 -14.89
CA SER A 867 25.24 -39.73 -15.97
C SER A 867 24.38 -38.57 -15.50
N ILE A 868 24.40 -38.26 -14.20
CA ILE A 868 23.59 -37.19 -13.63
C ILE A 868 24.50 -36.11 -13.07
N THR A 869 23.91 -34.97 -12.74
CA THR A 869 24.64 -33.81 -12.25
C THR A 869 24.34 -33.57 -10.79
N VAL A 870 25.36 -33.16 -10.04
CA VAL A 870 25.22 -32.81 -8.64
C VAL A 870 25.49 -31.31 -8.49
N GLY A 871 25.25 -30.79 -7.29
CA GLY A 871 25.42 -29.38 -7.05
C GLY A 871 26.03 -29.03 -5.70
N LYS A 872 26.88 -28.02 -5.67
CA LYS A 872 27.50 -27.55 -4.45
C LYS A 872 26.62 -26.47 -3.82
N SER A 873 27.16 -25.76 -2.82
CA SER A 873 26.41 -24.69 -2.17
C SER A 873 26.39 -23.46 -3.08
N VAL A 874 25.20 -23.11 -3.56
CA VAL A 874 25.02 -21.98 -4.47
C VAL A 874 24.00 -20.98 -3.93
N THR A 875 23.75 -21.01 -2.61
CA THR A 875 22.81 -20.14 -1.88
C THR A 875 21.42 -20.33 -2.48
N SER A 876 20.73 -19.26 -2.88
CA SER A 876 19.37 -19.36 -3.39
C SER A 876 19.31 -19.67 -4.88
N LYS A 877 20.45 -19.81 -5.56
CA LYS A 877 20.45 -20.15 -6.97
C LYS A 877 19.94 -21.57 -7.20
N PHE A 878 20.13 -22.46 -6.22
CA PHE A 878 19.53 -23.80 -6.30
C PHE A 878 18.01 -23.72 -6.31
N ILE A 879 17.44 -22.80 -5.54
CA ILE A 879 16.00 -22.54 -5.62
C ILE A 879 15.65 -21.87 -6.93
N ARG A 880 16.58 -21.07 -7.48
CA ARG A 880 16.27 -20.26 -8.66
C ARG A 880 16.21 -21.10 -9.93
N ASN A 881 17.30 -21.79 -10.29
CA ASN A 881 17.42 -22.42 -11.59
C ASN A 881 17.03 -23.90 -11.56
N ASN A 882 16.06 -24.25 -10.71
CA ASN A 882 15.57 -25.61 -10.62
C ASN A 882 14.07 -25.60 -10.45
N HIS A 883 13.47 -26.76 -10.66
CA HIS A 883 12.05 -26.94 -10.38
C HIS A 883 11.81 -26.87 -8.87
N PRO A 884 10.69 -26.29 -8.43
CA PRO A 884 10.39 -26.27 -6.99
C PRO A 884 10.16 -27.64 -6.37
N LEU A 885 9.86 -28.66 -7.18
CA LEU A 885 9.63 -30.00 -6.63
C LEU A 885 10.92 -30.58 -6.06
N THR A 886 12.04 -30.30 -6.74
CA THR A 886 13.35 -30.74 -6.25
C THR A 886 13.66 -30.13 -4.89
N VAL A 887 13.38 -28.84 -4.73
CA VAL A 887 13.74 -28.20 -3.47
C VAL A 887 12.76 -28.58 -2.37
N GLU A 888 11.48 -28.89 -2.70
CA GLU A 888 10.59 -29.21 -1.60
C GLU A 888 10.82 -30.65 -1.14
N THR A 889 11.17 -31.55 -2.07
CA THR A 889 11.55 -32.89 -1.61
C THR A 889 12.92 -32.89 -0.94
N TYR A 890 13.81 -31.96 -1.31
CA TYR A 890 15.07 -31.83 -0.60
C TYR A 890 14.86 -31.34 0.82
N LEU A 891 13.96 -30.39 1.02
CA LEU A 891 13.65 -29.91 2.36
C LEU A 891 12.95 -30.98 3.19
N LYS A 892 12.05 -31.75 2.55
CA LYS A 892 11.31 -32.80 3.24
C LYS A 892 12.23 -33.92 3.69
N THR A 893 13.17 -34.34 2.83
CA THR A 893 14.14 -35.33 3.23
C THR A 893 15.30 -34.74 4.03
N LYS A 894 15.36 -33.41 4.15
CA LYS A 894 16.38 -32.73 4.94
C LYS A 894 15.99 -32.60 6.41
N LEU A 895 14.82 -32.07 6.70
CA LEU A 895 14.48 -31.64 8.05
C LEU A 895 13.45 -32.62 8.66
N TYR A 896 13.66 -33.91 8.43
CA TYR A 896 12.88 -34.96 9.07
C TYR A 896 13.40 -35.15 10.49
N TYR A 897 12.57 -34.78 11.47
CA TYR A 897 12.89 -34.87 12.90
C TYR A 897 11.72 -35.48 13.66
N ARG A 898 11.25 -36.64 13.18
CA ARG A 898 10.07 -37.35 13.67
C ARG A 898 8.81 -36.49 13.61
N ASN A 899 8.68 -35.63 12.61
CA ASN A 899 7.51 -34.79 12.44
C ASN A 899 7.26 -34.59 10.94
N ASN A 900 6.32 -33.70 10.63
CA ASN A 900 5.91 -33.44 9.25
C ASN A 900 6.13 -31.95 8.94
N VAL A 901 7.34 -31.61 8.50
CA VAL A 901 7.65 -30.26 8.08
C VAL A 901 7.04 -30.01 6.71
N THR A 902 6.30 -28.91 6.59
CA THR A 902 5.68 -28.56 5.31
C THR A 902 5.57 -27.05 5.23
N VAL A 903 6.24 -26.45 4.25
CA VAL A 903 6.13 -25.03 4.00
C VAL A 903 4.90 -24.77 3.14
N LEU A 904 4.46 -23.53 3.11
CA LEU A 904 3.16 -23.17 2.54
C LEU A 904 3.35 -22.52 1.18
N LYS A 905 2.23 -22.33 0.48
CA LYS A 905 2.23 -21.74 -0.85
C LYS A 905 1.07 -20.77 -0.95
N SER A 906 1.22 -19.75 -1.80
CA SER A 906 0.25 -18.67 -1.90
C SER A 906 -0.71 -18.97 -3.06
N LYS A 907 -1.92 -19.43 -2.72
CA LYS A 907 -2.94 -19.71 -3.71
C LYS A 907 -3.82 -18.49 -3.92
N LYS A 908 -4.95 -18.70 -4.61
CA LYS A 908 -5.79 -17.61 -5.09
C LYS A 908 -7.06 -17.42 -4.27
N VAL A 909 -7.05 -17.89 -2.99
CA VAL A 909 -8.14 -17.74 -2.02
C VAL A 909 -9.44 -18.40 -2.49
N SER A 910 -9.98 -17.95 -3.63
CA SER A 910 -11.15 -18.57 -4.24
C SER A 910 -10.89 -20.04 -4.58
N GLU A 911 -9.65 -20.41 -4.88
CA GLU A 911 -9.31 -21.80 -5.13
C GLU A 911 -9.49 -22.64 -3.86
N GLU A 912 -9.07 -22.10 -2.71
CA GLU A 912 -9.29 -22.81 -1.46
C GLU A 912 -10.75 -22.81 -1.04
N LEU A 913 -11.50 -21.75 -1.36
CA LEU A 913 -12.94 -21.77 -1.15
C LEU A 913 -13.60 -22.84 -2.01
N TYR A 914 -13.13 -23.00 -3.24
CA TYR A 914 -13.61 -24.06 -4.13
C TYR A 914 -13.28 -25.44 -3.59
N ASP A 915 -12.07 -25.60 -3.04
CA ASP A 915 -11.66 -26.88 -2.46
C ASP A 915 -12.53 -27.20 -1.24
N LEU A 916 -12.82 -26.19 -0.42
CA LEU A 916 -13.69 -26.37 0.74
C LEU A 916 -15.11 -26.74 0.31
N VAL A 917 -15.59 -26.13 -0.79
CA VAL A 917 -16.90 -26.47 -1.34
C VAL A 917 -16.94 -27.92 -1.80
N LYS A 918 -15.86 -28.37 -2.46
CA LYS A 918 -15.74 -29.76 -2.88
C LYS A 918 -15.77 -30.71 -1.69
N GLN A 919 -15.04 -30.38 -0.62
CA GLN A 919 -15.04 -31.25 0.55
C GLN A 919 -16.36 -31.19 1.30
N PHE A 920 -17.11 -30.09 1.18
CA PHE A 920 -18.32 -29.98 1.98
C PHE A 920 -19.47 -30.70 1.29
N HIS A 921 -19.47 -30.71 -0.05
CA HIS A 921 -20.46 -31.48 -0.81
C HIS A 921 -20.00 -32.91 -1.08
N ASN A 922 -19.11 -33.44 -0.22
CA ASN A 922 -18.69 -34.84 -0.21
C ASN A 922 -18.01 -35.27 -1.50
N MET A 923 -17.37 -34.33 -2.21
CA MET A 923 -16.55 -34.68 -3.37
C MET A 923 -15.08 -34.56 -3.02
N MET A 924 -14.54 -35.66 -2.46
CA MET A 924 -13.10 -35.74 -2.26
C MET A 924 -12.37 -35.88 -3.60
N GLU A 925 -13.00 -36.56 -4.57
CA GLU A 925 -12.54 -36.60 -5.94
C GLU A 925 -13.63 -35.96 -6.79
N ILE A 926 -13.26 -35.00 -7.61
CA ILE A 926 -14.25 -34.20 -8.35
C ILE A 926 -14.78 -35.04 -9.51
N ASP A 927 -16.00 -35.54 -9.35
CA ASP A 927 -16.66 -36.32 -10.38
C ASP A 927 -17.42 -35.39 -11.31
N LEU A 928 -17.39 -35.70 -12.61
CA LEU A 928 -18.05 -34.86 -13.60
C LEU A 928 -19.57 -34.88 -13.43
N ASP A 929 -20.13 -36.06 -13.17
CA ASP A 929 -21.58 -36.19 -13.06
C ASP A 929 -22.11 -35.72 -11.71
N SER A 930 -21.22 -35.39 -10.77
CA SER A 930 -21.65 -35.14 -9.39
C SER A 930 -22.20 -33.72 -9.22
N VAL A 931 -22.09 -32.88 -10.23
CA VAL A 931 -22.47 -31.48 -10.05
C VAL A 931 -23.77 -31.12 -10.75
N MET A 932 -23.98 -31.48 -12.03
CA MET A 932 -25.20 -31.03 -12.69
C MET A 932 -26.45 -31.80 -12.25
N ASN A 933 -26.29 -32.89 -11.51
CA ASN A 933 -27.45 -33.65 -11.06
C ASN A 933 -28.24 -32.95 -9.97
N LEU A 934 -27.61 -32.09 -9.17
CA LEU A 934 -28.28 -31.40 -8.08
C LEU A 934 -27.92 -29.92 -8.09
N GLY A 935 -28.89 -29.10 -7.66
CA GLY A 935 -28.68 -27.66 -7.60
C GLY A 935 -29.32 -26.94 -8.75
N LYS A 936 -30.49 -27.39 -9.18
CA LYS A 936 -31.17 -26.82 -10.34
C LYS A 936 -31.85 -25.52 -9.95
N GLY A 937 -31.43 -24.41 -10.56
CA GLY A 937 -32.09 -23.14 -10.34
C GLY A 937 -31.73 -22.49 -9.01
N THR A 938 -32.47 -21.42 -8.71
CA THR A 938 -32.30 -20.74 -7.43
C THR A 938 -32.79 -21.61 -6.27
N GLU A 939 -33.88 -22.35 -6.49
CA GLU A 939 -34.46 -23.21 -5.46
C GLU A 939 -33.72 -24.53 -5.30
N GLY A 940 -32.56 -24.69 -5.94
CA GLY A 940 -31.76 -25.89 -5.78
C GLY A 940 -30.91 -25.83 -4.51
N LYS A 941 -29.89 -26.68 -4.50
CA LYS A 941 -29.03 -26.83 -3.34
C LYS A 941 -28.17 -25.58 -3.15
N LYS A 942 -27.99 -25.18 -1.89
CA LYS A 942 -27.23 -24.00 -1.52
C LYS A 942 -26.65 -24.22 -0.13
N HIS A 943 -25.63 -23.43 0.21
CA HIS A 943 -25.07 -23.50 1.57
C HIS A 943 -25.01 -22.12 2.19
N THR A 944 -24.65 -22.05 3.48
CA THR A 944 -24.52 -20.78 4.18
C THR A 944 -23.13 -20.68 4.81
N PHE A 945 -22.83 -19.45 5.21
CA PHE A 945 -21.49 -19.07 5.65
C PHE A 945 -21.12 -19.77 6.96
N LEU A 946 -22.03 -19.80 7.93
CA LEU A 946 -21.68 -20.48 9.17
C LEU A 946 -21.93 -21.99 9.16
N GLN A 947 -22.72 -22.52 8.22
CA GLN A 947 -22.69 -23.96 7.98
C GLN A 947 -21.31 -24.37 7.48
N MET A 948 -20.77 -23.56 6.56
CA MET A 948 -19.41 -23.77 6.09
C MET A 948 -18.40 -23.65 7.23
N LEU A 949 -18.57 -22.65 8.09
CA LEU A 949 -17.60 -22.44 9.16
C LEU A 949 -17.74 -23.51 10.24
N GLU A 950 -18.93 -24.12 10.38
CA GLU A 950 -19.05 -25.26 11.26
C GLU A 950 -18.34 -26.47 10.69
N PHE A 951 -18.33 -26.62 9.35
CA PHE A 951 -17.49 -27.65 8.74
C PHE A 951 -16.01 -27.34 9.03
N VAL A 952 -15.63 -26.06 8.92
CA VAL A 952 -14.27 -25.59 9.23
C VAL A 952 -13.84 -25.97 10.64
N MET A 953 -14.70 -25.72 11.63
CA MET A 953 -14.33 -26.06 13.00
C MET A 953 -14.37 -27.57 13.24
N SER A 954 -15.25 -28.28 12.53
CA SER A 954 -15.26 -29.75 12.64
C SER A 954 -13.97 -30.36 12.10
N LYS A 955 -13.41 -29.77 11.04
CA LYS A 955 -12.13 -30.24 10.53
C LYS A 955 -10.98 -29.78 11.43
N ALA A 956 -11.08 -28.58 12.00
CA ALA A 956 -9.98 -28.03 12.79
C ALA A 956 -9.86 -28.70 14.15
N LYS A 957 -10.98 -29.19 14.71
CA LYS A 957 -10.92 -29.89 15.99
C LYS A 957 -10.26 -31.25 15.87
N ASN A 958 -10.23 -31.84 14.68
CA ASN A 958 -9.56 -33.12 14.47
C ASN A 958 -8.05 -32.95 14.58
N VAL A 959 -7.38 -33.97 15.10
CA VAL A 959 -5.93 -33.93 15.31
C VAL A 959 -5.26 -34.10 13.95
N THR A 960 -4.69 -33.02 13.42
CA THR A 960 -4.00 -33.09 12.14
C THR A 960 -2.61 -32.45 12.21
N GLY A 961 -2.00 -32.39 13.39
CA GLY A 961 -0.69 -31.81 13.54
C GLY A 961 -0.65 -30.30 13.53
N SER A 962 -1.80 -29.63 13.73
CA SER A 962 -1.95 -28.18 13.69
C SER A 962 -1.46 -27.58 12.38
N VAL A 963 -1.72 -28.26 11.26
CA VAL A 963 -1.31 -27.75 9.95
C VAL A 963 -2.24 -26.65 9.46
N ASP A 964 -3.35 -26.42 10.15
CA ASP A 964 -4.24 -25.32 9.82
C ASP A 964 -3.70 -23.99 10.34
N PHE A 965 -3.01 -24.01 11.46
CA PHE A 965 -2.77 -22.81 12.26
C PHE A 965 -1.36 -22.28 12.01
N LEU A 966 -1.13 -21.78 10.79
CA LEU A 966 0.17 -21.24 10.42
C LEU A 966 0.02 -19.86 9.79
N VAL A 967 1.04 -19.03 9.97
CA VAL A 967 1.15 -17.75 9.27
C VAL A 967 2.51 -17.71 8.56
N SER A 968 2.49 -17.37 7.28
CA SER A 968 3.72 -17.12 6.51
C SER A 968 3.69 -15.68 6.03
N VAL A 969 4.78 -14.96 6.26
CA VAL A 969 4.85 -13.55 5.87
C VAL A 969 5.37 -13.41 4.45
N TYR A 983 1.42 -9.81 6.34
CA TYR A 983 1.37 -11.18 6.84
C TYR A 983 0.31 -11.98 6.09
N LEU A 984 0.63 -13.22 5.74
CA LEU A 984 -0.27 -14.10 5.01
C LEU A 984 -0.75 -15.19 5.94
N MET A 985 -2.04 -15.18 6.25
CA MET A 985 -2.69 -16.16 7.11
C MET A 985 -3.60 -17.05 6.28
N SER A 986 -3.74 -18.30 6.71
CA SER A 986 -4.40 -19.33 5.92
C SER A 986 -5.89 -19.06 5.75
N MET A 987 -6.53 -19.86 4.89
CA MET A 987 -7.94 -19.73 4.60
C MET A 987 -8.75 -20.07 5.85
N LYS A 988 -8.21 -20.98 6.68
CA LYS A 988 -8.82 -21.38 7.95
C LYS A 988 -9.01 -20.17 8.87
N VAL A 989 -7.90 -19.59 9.31
CA VAL A 989 -7.93 -18.42 10.19
C VAL A 989 -8.57 -17.24 9.51
N LYS A 990 -8.49 -17.15 8.18
CA LYS A 990 -9.22 -16.13 7.44
C LYS A 990 -10.73 -16.28 7.67
N MET A 991 -11.22 -17.51 7.66
CA MET A 991 -12.64 -17.77 7.91
C MET A 991 -13.06 -17.36 9.32
N MET A 992 -12.36 -17.85 10.36
CA MET A 992 -12.87 -17.53 11.70
C MET A 992 -12.60 -16.08 12.12
N LEU A 993 -11.44 -15.51 11.79
CA LEU A 993 -11.24 -14.12 12.19
C LEU A 993 -12.02 -13.16 11.30
N TYR A 994 -12.36 -13.57 10.06
CA TYR A 994 -13.36 -12.85 9.28
C TYR A 994 -14.69 -12.83 10.03
N PHE A 995 -15.09 -13.99 10.56
CA PHE A 995 -16.33 -14.12 11.33
C PHE A 995 -16.34 -13.17 12.52
N ILE A 996 -15.26 -13.17 13.31
CA ILE A 996 -15.22 -12.37 14.54
C ILE A 996 -15.22 -10.87 14.22
N GLU A 997 -14.31 -10.45 13.32
CA GLU A 997 -14.20 -9.04 12.96
C GLU A 997 -15.48 -8.52 12.32
N HIS A 998 -16.12 -9.34 11.50
CA HIS A 998 -17.25 -8.87 10.73
C HIS A 998 -18.59 -9.12 11.40
N THR A 999 -18.63 -9.84 12.53
CA THR A 999 -19.77 -9.67 13.42
C THR A 999 -19.52 -8.56 14.43
N PHE A 1000 -18.30 -8.02 14.51
CA PHE A 1000 -18.04 -6.92 15.41
C PHE A 1000 -18.02 -5.55 14.73
N LYS A 1001 -18.51 -5.45 13.49
CA LYS A 1001 -18.62 -4.14 12.86
C LYS A 1001 -19.76 -3.33 13.44
N HIS A 1002 -20.91 -3.99 13.64
CA HIS A 1002 -22.14 -3.27 13.89
C HIS A 1002 -22.27 -2.87 15.36
N VAL A 1003 -21.36 -3.34 16.20
CA VAL A 1003 -21.13 -2.66 17.47
C VAL A 1003 -20.53 -1.28 17.21
N ALA A 1004 -19.66 -1.18 16.18
CA ALA A 1004 -18.95 0.06 15.93
C ALA A 1004 -19.78 1.07 15.13
N GLN A 1005 -20.56 0.63 14.12
CA GLN A 1005 -21.39 1.61 13.43
C GLN A 1005 -22.57 2.10 14.27
N SER A 1006 -22.88 1.43 15.37
CA SER A 1006 -23.85 1.98 16.31
C SER A 1006 -23.21 2.98 17.28
N ASP A 1007 -21.88 3.12 17.26
CA ASP A 1007 -21.19 4.00 18.20
C ASP A 1007 -20.70 5.25 17.49
N PRO A 1008 -21.19 6.45 17.84
CA PRO A 1008 -20.75 7.65 17.10
C PRO A 1008 -19.35 8.09 17.43
N SER A 1009 -18.75 7.59 18.52
CA SER A 1009 -17.41 7.99 18.93
C SER A 1009 -16.35 6.97 18.51
N GLU A 1010 -16.53 6.32 17.37
CA GLU A 1010 -15.62 5.31 16.88
C GLU A 1010 -15.41 5.50 15.40
N ALA A 1011 -14.15 5.45 14.96
CA ALA A 1011 -13.76 5.87 13.62
C ALA A 1011 -12.87 4.82 12.96
N ILE A 1012 -13.31 3.56 12.98
CA ILE A 1012 -12.78 2.55 12.07
C ILE A 1012 -13.87 2.02 11.15
N SER A 1013 -15.15 2.23 11.48
CA SER A 1013 -16.24 1.91 10.60
C SER A 1013 -16.49 3.10 9.69
N ILE A 1014 -15.59 3.31 8.75
CA ILE A 1014 -15.48 4.60 8.07
C ILE A 1014 -15.85 4.47 6.61
N SER A 1015 -16.32 5.56 6.02
CA SER A 1015 -16.67 5.61 4.60
C SER A 1015 -15.46 6.09 3.78
N GLY A 1016 -14.37 5.35 3.95
CA GLY A 1016 -13.13 5.60 3.24
C GLY A 1016 -12.25 6.67 3.83
N ASP A 1017 -12.55 7.94 3.56
CA ASP A 1017 -11.76 9.02 4.13
C ASP A 1017 -12.57 10.16 4.72
N ASN A 1018 -13.76 10.48 4.19
CA ASN A 1018 -14.46 11.69 4.62
C ASN A 1018 -15.07 11.53 6.00
N LYS A 1019 -15.46 10.30 6.37
CA LYS A 1019 -16.06 10.06 7.68
C LYS A 1019 -15.05 10.29 8.80
N ILE A 1020 -13.78 10.00 8.54
CA ILE A 1020 -12.73 10.17 9.56
C ILE A 1020 -12.56 11.65 9.90
N ARG A 1021 -12.39 12.47 8.86
CA ARG A 1021 -12.23 13.91 9.07
C ARG A 1021 -13.48 14.53 9.65
N ALA A 1022 -14.66 14.10 9.18
CA ALA A 1022 -15.91 14.65 9.67
C ALA A 1022 -16.12 14.31 11.15
N LEU A 1023 -15.80 13.08 11.55
CA LEU A 1023 -15.96 12.66 12.93
C LEU A 1023 -15.00 13.40 13.84
N SER A 1024 -13.72 13.50 13.43
CA SER A 1024 -12.74 14.22 14.22
C SER A 1024 -13.09 15.70 14.36
N THR A 1025 -13.61 16.31 13.29
CA THR A 1025 -13.89 17.73 13.38
C THR A 1025 -15.20 18.02 14.10
N LEU A 1026 -16.20 17.13 14.07
CA LEU A 1026 -17.38 17.44 14.87
C LEU A 1026 -17.09 17.19 16.34
N SER A 1027 -16.18 16.24 16.62
CA SER A 1027 -15.64 16.08 17.96
C SER A 1027 -15.01 17.38 18.45
N LEU A 1028 -14.05 17.91 17.67
CA LEU A 1028 -13.27 19.03 18.16
C LEU A 1028 -14.12 20.30 18.25
N ASP A 1029 -15.00 20.54 17.27
CA ASP A 1029 -15.76 21.78 17.37
C ASP A 1029 -16.87 21.67 18.41
N THR A 1030 -17.31 20.44 18.76
CA THR A 1030 -18.16 20.31 19.94
C THR A 1030 -17.38 20.63 21.21
N ILE A 1031 -16.10 20.26 21.30
CA ILE A 1031 -15.29 20.67 22.45
C ILE A 1031 -15.16 22.19 22.51
N THR A 1032 -14.90 22.83 21.36
CA THR A 1032 -14.69 24.28 21.38
C THR A 1032 -15.99 25.01 21.71
N SER A 1033 -17.12 24.52 21.18
CA SER A 1033 -18.41 25.08 21.52
C SER A 1033 -18.74 24.86 22.99
N TYR A 1034 -18.38 23.70 23.53
CA TYR A 1034 -18.65 23.37 24.93
C TYR A 1034 -17.87 24.29 25.86
N ASN A 1035 -16.59 24.51 25.56
CA ASN A 1035 -15.78 25.44 26.34
C ASN A 1035 -16.25 26.87 26.16
N ASP A 1036 -16.70 27.23 24.97
CA ASP A 1036 -17.15 28.60 24.71
C ASP A 1036 -18.52 28.88 25.32
N ILE A 1037 -19.31 27.83 25.62
CA ILE A 1037 -20.57 28.11 26.32
C ILE A 1037 -20.41 27.97 27.83
N LEU A 1038 -19.37 27.27 28.31
CA LEU A 1038 -19.10 27.39 29.74
C LEU A 1038 -17.86 28.20 30.09
N ASN A 1039 -17.45 29.15 29.27
CA ASN A 1039 -16.56 30.17 29.79
C ASN A 1039 -17.32 31.30 30.48
N LYS A 1040 -18.63 31.38 30.29
CA LYS A 1040 -19.43 32.48 30.82
C LYS A 1040 -19.94 32.13 32.22
N ASN A 1041 -19.59 32.97 33.19
CA ASN A 1041 -20.09 32.95 34.56
C ASN A 1041 -19.77 31.66 35.30
N SER A 1042 -18.78 30.90 34.86
CA SER A 1042 -18.33 29.73 35.60
C SER A 1042 -17.14 30.10 36.48
N LYS A 1043 -16.75 29.16 37.35
CA LYS A 1043 -15.63 29.41 38.24
C LYS A 1043 -14.30 29.33 37.49
N LYS A 1044 -13.99 28.16 36.93
CA LYS A 1044 -12.80 27.97 36.12
C LYS A 1044 -13.14 27.03 34.97
N SER A 1045 -12.35 27.12 33.89
CA SER A 1045 -12.58 26.29 32.72
C SER A 1045 -11.26 26.11 31.98
N ARG A 1046 -10.90 24.85 31.74
CA ARG A 1046 -9.67 24.52 31.02
C ARG A 1046 -9.97 23.39 30.04
N LEU A 1047 -9.18 23.31 28.97
CA LEU A 1047 -9.38 22.31 27.93
C LEU A 1047 -8.03 21.68 27.59
N ALA A 1048 -8.04 20.39 27.29
CA ALA A 1048 -6.83 19.70 26.87
C ALA A 1048 -7.20 18.46 26.06
N PHE A 1049 -6.36 18.10 25.10
CA PHE A 1049 -6.65 16.94 24.26
C PHE A 1049 -5.32 16.19 24.10
N LEU A 1050 -5.38 14.87 23.88
CA LEU A 1050 -4.19 14.06 23.66
C LEU A 1050 -4.31 13.29 22.34
N SER A 1051 -3.27 13.40 21.49
CA SER A 1051 -3.07 12.57 20.30
C SER A 1051 -2.18 11.41 20.72
N ALA A 1052 -2.70 10.19 20.62
CA ALA A 1052 -1.94 9.04 21.08
C ALA A 1052 -1.86 7.98 19.99
N ASP A 1053 -0.67 7.41 19.84
CA ASP A 1053 -0.49 6.16 19.10
C ASP A 1053 0.07 5.14 20.08
N GLN A 1054 -0.58 3.99 20.17
CA GLN A 1054 -0.13 2.96 21.11
C GLN A 1054 1.17 2.32 20.60
N SER A 1055 1.91 1.73 21.54
CA SER A 1055 3.26 1.28 21.23
C SER A 1055 3.26 0.08 20.28
N LYS A 1056 2.66 -1.02 20.71
CA LYS A 1056 2.57 -2.21 19.87
C LYS A 1056 1.14 -2.75 20.02
N TRP A 1057 0.28 -2.36 19.08
CA TRP A 1057 -1.12 -2.77 19.10
C TRP A 1057 -1.25 -4.28 18.93
N SER A 1058 -0.45 -4.85 18.03
CA SER A 1058 -0.60 -6.26 17.71
C SER A 1058 -0.04 -7.17 18.80
N ALA A 1059 1.09 -6.80 19.40
CA ALA A 1059 1.82 -7.72 20.26
C ALA A 1059 1.70 -7.41 21.75
N SER A 1060 1.73 -6.15 22.14
CA SER A 1060 1.71 -5.82 23.57
C SER A 1060 0.34 -5.96 24.19
N ASP A 1061 -0.71 -6.14 23.41
CA ASP A 1061 -2.05 -6.30 23.93
C ASP A 1061 -2.29 -7.74 24.36
N LEU A 1062 -3.44 -7.95 25.00
CA LEU A 1062 -3.84 -9.27 25.50
C LEU A 1062 -5.05 -9.76 24.71
N THR A 1063 -4.90 -10.89 24.04
CA THR A 1063 -6.02 -11.52 23.36
C THR A 1063 -6.97 -12.23 24.32
N TYR A 1064 -6.51 -12.53 25.54
CA TYR A 1064 -7.37 -13.15 26.54
C TYR A 1064 -8.44 -12.19 27.04
N LYS A 1065 -8.26 -10.89 26.83
CA LYS A 1065 -9.30 -9.91 27.08
C LYS A 1065 -10.50 -10.09 26.15
N TYR A 1066 -10.29 -10.63 24.96
CA TYR A 1066 -11.38 -10.81 24.01
C TYR A 1066 -12.27 -11.98 24.39
N VAL A 1067 -11.68 -13.00 25.02
CA VAL A 1067 -12.45 -14.14 25.52
C VAL A 1067 -13.45 -13.68 26.56
N LEU A 1068 -13.06 -12.68 27.37
CA LEU A 1068 -13.99 -12.02 28.29
C LEU A 1068 -14.99 -11.14 27.57
N ALA A 1069 -14.83 -10.90 26.27
CA ALA A 1069 -15.56 -9.86 25.58
C ALA A 1069 -16.71 -10.35 24.73
N ILE A 1070 -16.56 -11.49 24.04
CA ILE A 1070 -17.76 -12.00 23.35
C ILE A 1070 -18.78 -12.57 24.34
N ILE A 1071 -18.32 -13.11 25.48
CA ILE A 1071 -19.27 -13.75 26.39
C ILE A 1071 -20.16 -12.75 27.13
N LEU A 1072 -19.95 -11.45 26.92
CA LEU A 1072 -20.90 -10.43 27.34
C LEU A 1072 -21.67 -9.80 26.19
N ASN A 1073 -21.42 -10.22 24.96
CA ASN A 1073 -22.09 -9.61 23.81
C ASN A 1073 -23.54 -10.07 23.76
N PRO A 1074 -24.52 -9.16 23.82
CA PRO A 1074 -25.93 -9.59 23.69
C PRO A 1074 -26.36 -9.84 22.26
N ILE A 1075 -25.45 -9.73 21.30
CA ILE A 1075 -25.77 -10.03 19.91
C ILE A 1075 -26.02 -11.52 19.74
N LEU A 1076 -25.15 -12.35 20.32
CA LEU A 1076 -25.06 -13.75 19.95
C LEU A 1076 -25.95 -14.59 20.86
N THR A 1077 -26.02 -15.89 20.57
CA THR A 1077 -26.68 -16.86 21.42
C THR A 1077 -25.63 -17.81 21.98
N THR A 1078 -26.09 -18.73 22.84
CA THR A 1078 -25.21 -19.76 23.34
C THR A 1078 -24.90 -20.76 22.24
N GLY A 1079 -23.61 -20.94 21.95
CA GLY A 1079 -23.20 -21.84 20.90
C GLY A 1079 -22.42 -21.17 19.78
N GLU A 1080 -22.89 -20.01 19.32
CA GLU A 1080 -22.07 -19.22 18.39
C GLU A 1080 -21.08 -18.36 19.15
N ALA A 1081 -21.48 -17.85 20.31
CA ALA A 1081 -20.51 -17.26 21.23
C ALA A 1081 -19.50 -18.30 21.68
N SER A 1082 -19.97 -19.51 21.98
CA SER A 1082 -19.08 -20.63 22.29
C SER A 1082 -18.17 -20.96 21.11
N LEU A 1083 -18.71 -20.83 19.90
CA LEU A 1083 -17.93 -21.11 18.69
C LEU A 1083 -16.77 -20.12 18.54
N MET A 1084 -17.03 -18.83 18.76
CA MET A 1084 -15.93 -17.89 18.60
C MET A 1084 -14.98 -17.90 19.80
N ILE A 1085 -15.47 -18.26 20.99
CA ILE A 1085 -14.56 -18.55 22.11
C ILE A 1085 -13.63 -19.70 21.75
N GLU A 1086 -14.18 -20.78 21.18
CA GLU A 1086 -13.37 -21.94 20.81
C GLU A 1086 -12.35 -21.61 19.73
N CYS A 1087 -12.75 -20.84 18.72
CA CYS A 1087 -11.80 -20.53 17.66
C CYS A 1087 -10.76 -19.52 18.11
N ILE A 1088 -11.09 -18.61 19.04
CA ILE A 1088 -10.07 -17.73 19.59
C ILE A 1088 -9.08 -18.49 20.45
N LEU A 1089 -9.56 -19.44 21.26
CA LEU A 1089 -8.64 -20.17 22.13
C LEU A 1089 -7.77 -21.16 21.35
N MET A 1090 -8.28 -21.74 20.27
CA MET A 1090 -7.38 -22.36 19.29
C MET A 1090 -6.46 -21.37 18.57
N TYR A 1091 -6.93 -20.15 18.29
CA TYR A 1091 -6.10 -19.17 17.60
C TYR A 1091 -4.94 -18.73 18.48
N VAL A 1092 -5.07 -18.86 19.79
CA VAL A 1092 -3.98 -18.52 20.68
C VAL A 1092 -3.27 -19.75 21.23
N LYS A 1093 -3.84 -20.94 21.07
CA LYS A 1093 -3.19 -22.15 21.54
C LYS A 1093 -2.34 -22.82 20.48
N LEU A 1094 -2.67 -22.68 19.19
CA LEU A 1094 -1.92 -23.39 18.17
C LEU A 1094 -1.27 -22.48 17.12
N LYS A 1095 -1.24 -21.17 17.34
CA LYS A 1095 -0.69 -20.26 16.34
C LYS A 1095 0.83 -20.39 16.25
N LYS A 1096 1.32 -20.40 15.01
CA LYS A 1096 2.75 -20.49 14.74
C LYS A 1096 3.06 -19.68 13.49
N VAL A 1097 4.29 -19.21 13.41
CA VAL A 1097 4.81 -18.48 12.25
C VAL A 1097 5.90 -19.34 11.62
N CYS A 1098 5.83 -19.48 10.30
CA CYS A 1098 6.75 -20.35 9.57
C CYS A 1098 7.88 -19.53 8.95
N ILE A 1099 9.11 -19.90 9.29
CA ILE A 1099 10.29 -19.23 8.74
C ILE A 1099 10.49 -19.70 7.30
N PRO A 1100 10.78 -18.78 6.37
CA PRO A 1100 11.10 -19.20 5.00
C PRO A 1100 12.36 -20.05 4.91
N THR A 1101 12.36 -20.97 3.93
CA THR A 1101 13.39 -22.00 3.83
C THR A 1101 14.75 -21.41 3.51
N ASP A 1102 14.79 -20.41 2.64
CA ASP A 1102 16.06 -19.84 2.20
C ASP A 1102 16.77 -19.12 3.34
N ILE A 1103 16.06 -18.23 4.04
CA ILE A 1103 16.66 -17.49 5.14
C ILE A 1103 16.94 -18.42 6.31
N PHE A 1104 16.13 -19.49 6.45
CA PHE A 1104 16.41 -20.54 7.43
C PHE A 1104 17.74 -21.20 7.15
N LEU A 1105 18.00 -21.51 5.88
CA LEU A 1105 19.27 -22.12 5.48
C LEU A 1105 20.44 -21.18 5.72
N ASN A 1106 20.27 -19.88 5.40
CA ASN A 1106 21.37 -18.93 5.60
C ASN A 1106 21.72 -18.77 7.09
N LEU A 1107 20.72 -18.62 7.96
CA LEU A 1107 21.06 -18.43 9.37
C LEU A 1107 21.51 -19.74 10.01
N ARG A 1108 21.02 -20.88 9.52
CA ARG A 1108 21.51 -22.18 9.99
C ARG A 1108 22.98 -22.37 9.63
N LYS A 1109 23.36 -22.01 8.40
CA LYS A 1109 24.75 -22.11 7.99
C LYS A 1109 25.63 -21.13 8.76
N ALA A 1110 25.12 -19.92 9.01
CA ALA A 1110 25.87 -18.93 9.79
C ALA A 1110 26.10 -19.38 11.22
N GLN A 1111 25.06 -19.96 11.85
CA GLN A 1111 25.24 -20.50 13.20
C GLN A 1111 26.15 -21.71 13.21
N GLY A 1112 26.11 -22.51 12.14
CA GLY A 1112 26.97 -23.68 12.06
C GLY A 1112 28.45 -23.34 11.93
N THR A 1113 28.78 -22.34 11.11
CA THR A 1113 30.19 -22.12 10.84
C THR A 1113 30.80 -20.96 11.64
N PHE A 1114 30.02 -19.97 12.05
CA PHE A 1114 30.59 -18.78 12.68
C PHE A 1114 30.04 -18.51 14.07
N GLY A 1115 28.73 -18.67 14.28
CA GLY A 1115 28.15 -18.25 15.53
C GLY A 1115 28.32 -19.25 16.65
N GLN A 1116 27.82 -20.47 16.45
CA GLN A 1116 27.68 -21.56 17.43
C GLN A 1116 26.77 -21.15 18.60
N ASN A 1117 25.96 -20.12 18.40
CA ASN A 1117 24.89 -19.70 19.30
C ASN A 1117 23.95 -18.84 18.48
N GLU A 1118 22.86 -18.40 19.09
CA GLU A 1118 21.86 -17.66 18.33
C GLU A 1118 21.24 -16.56 19.18
N THR A 1119 20.39 -15.78 18.52
CA THR A 1119 19.78 -14.58 19.08
C THR A 1119 18.45 -14.93 19.75
N ALA A 1120 17.62 -13.92 19.99
CA ALA A 1120 16.35 -14.12 20.71
C ALA A 1120 15.38 -15.00 19.92
N ILE A 1121 15.54 -15.07 18.60
CA ILE A 1121 14.73 -16.02 17.83
C ILE A 1121 15.25 -17.45 18.02
N GLY A 1122 16.51 -17.59 18.40
CA GLY A 1122 17.19 -18.88 18.38
C GLY A 1122 16.99 -19.79 19.57
N LEU A 1123 16.31 -19.35 20.63
CA LEU A 1123 16.04 -20.25 21.74
C LEU A 1123 14.61 -20.75 21.78
N LEU A 1124 13.69 -20.11 21.04
CA LEU A 1124 12.35 -20.67 20.89
C LEU A 1124 12.40 -21.98 20.12
N THR A 1125 13.27 -22.06 19.11
CA THR A 1125 13.51 -23.29 18.39
C THR A 1125 14.75 -23.96 18.97
N LYS A 1126 14.67 -25.28 19.16
CA LYS A 1126 15.71 -26.02 19.87
C LYS A 1126 16.96 -26.19 19.02
N GLY A 1127 17.96 -25.33 19.23
CA GLY A 1127 19.16 -25.38 18.40
C GLY A 1127 18.89 -25.11 16.94
N LEU A 1128 17.84 -24.34 16.65
CA LEU A 1128 17.27 -24.14 15.32
C LEU A 1128 16.88 -25.45 14.64
N THR A 1129 16.38 -26.44 15.39
CA THR A 1129 16.01 -27.71 14.77
C THR A 1129 14.61 -27.72 14.18
N THR A 1130 13.78 -26.72 14.48
CA THR A 1130 12.40 -26.68 14.01
C THR A 1130 12.20 -25.53 13.05
N ASN A 1131 11.44 -25.77 11.97
CA ASN A 1131 11.21 -24.76 10.97
C ASN A 1131 10.23 -23.69 11.44
N THR A 1132 9.35 -24.03 12.36
CA THR A 1132 8.20 -23.19 12.69
C THR A 1132 8.24 -22.82 14.16
N TYR A 1133 7.91 -21.56 14.47
CA TYR A 1133 8.03 -21.16 15.86
C TYR A 1133 6.75 -20.49 16.37
N PRO A 1134 6.41 -20.68 17.65
CA PRO A 1134 5.09 -20.21 18.12
C PRO A 1134 5.06 -18.79 18.65
N VAL A 1135 4.10 -18.00 18.16
CA VAL A 1135 3.66 -16.78 18.83
C VAL A 1135 2.19 -16.97 19.18
N SER A 1136 1.80 -16.51 20.37
CA SER A 1136 0.42 -16.68 20.82
C SER A 1136 -0.24 -15.35 21.18
N MET A 1137 0.34 -14.57 22.09
CA MET A 1137 -0.30 -13.37 22.57
C MET A 1137 -0.26 -12.24 21.55
N ASN A 1138 0.71 -12.25 20.65
CA ASN A 1138 0.73 -11.27 19.56
C ASN A 1138 -0.31 -11.76 18.58
N TRP A 1139 -1.52 -11.22 18.69
CA TRP A 1139 -2.47 -11.36 17.59
C TRP A 1139 -1.93 -10.52 16.43
N LEU A 1140 -1.86 -11.11 15.25
CA LEU A 1140 -1.09 -10.51 14.18
C LEU A 1140 -1.86 -9.34 13.58
N GLN A 1141 -1.13 -8.35 13.06
CA GLN A 1141 -1.72 -7.06 12.75
C GLN A 1141 -2.64 -7.15 11.54
N GLY A 1142 -3.76 -6.42 11.63
CA GLY A 1142 -4.78 -6.43 10.60
C GLY A 1142 -5.79 -7.55 10.73
N ASN A 1143 -5.50 -8.56 11.56
CA ASN A 1143 -6.42 -9.69 11.70
C ASN A 1143 -7.66 -9.30 12.49
N LEU A 1144 -7.49 -8.59 13.61
CA LEU A 1144 -8.60 -8.16 14.44
C LEU A 1144 -8.50 -6.64 14.55
N ASN A 1145 -9.02 -5.95 13.54
CA ASN A 1145 -8.90 -4.49 13.47
C ASN A 1145 -10.09 -3.78 14.09
N TYR A 1146 -11.30 -4.18 13.73
CA TYR A 1146 -12.52 -3.57 14.25
C TYR A 1146 -12.74 -3.89 15.73
N LEU A 1147 -12.41 -5.12 16.12
CA LEU A 1147 -12.64 -5.58 17.49
C LEU A 1147 -11.78 -4.82 18.50
N SER A 1148 -10.49 -4.69 18.20
CA SER A 1148 -9.57 -4.02 19.11
C SER A 1148 -9.89 -2.53 19.21
N SER A 1149 -10.37 -1.93 18.13
CA SER A 1149 -10.78 -0.54 18.18
C SER A 1149 -12.09 -0.37 18.95
N VAL A 1150 -12.98 -1.37 18.86
CA VAL A 1150 -14.21 -1.33 19.64
C VAL A 1150 -13.91 -1.36 21.12
N TYR A 1151 -12.98 -2.21 21.54
CA TYR A 1151 -12.62 -2.21 22.96
C TYR A 1151 -11.68 -1.07 23.33
N HIS A 1152 -11.04 -0.43 22.35
CA HIS A 1152 -10.38 0.84 22.61
C HIS A 1152 -11.41 1.92 22.96
N SER A 1153 -12.52 1.95 22.22
CA SER A 1153 -13.59 2.89 22.53
C SER A 1153 -14.25 2.54 23.87
N CYS A 1154 -14.34 1.24 24.18
CA CYS A 1154 -14.82 0.82 25.50
C CYS A 1154 -13.87 1.27 26.61
N ALA A 1155 -12.55 1.19 26.35
CA ALA A 1155 -11.57 1.68 27.31
C ALA A 1155 -11.72 3.17 27.55
N MET A 1156 -12.01 3.93 26.50
CA MET A 1156 -12.23 5.36 26.68
C MET A 1156 -13.55 5.64 27.40
N LYS A 1157 -14.57 4.83 27.17
CA LYS A 1157 -15.82 4.96 27.93
C LYS A 1157 -15.58 4.68 29.41
N ALA A 1158 -14.76 3.67 29.70
CA ALA A 1158 -14.38 3.38 31.08
C ALA A 1158 -13.55 4.52 31.67
N TYR A 1159 -12.75 5.19 30.84
CA TYR A 1159 -12.01 6.36 31.31
C TYR A 1159 -12.95 7.50 31.68
N HIS A 1160 -13.99 7.71 30.88
CA HIS A 1160 -14.99 8.73 31.21
C HIS A 1160 -15.72 8.38 32.50
N LYS A 1161 -16.08 7.10 32.66
CA LYS A 1161 -16.79 6.66 33.85
C LYS A 1161 -15.90 6.73 35.09
N THR A 1162 -14.60 6.49 34.93
CA THR A 1162 -13.67 6.59 36.04
C THR A 1162 -13.43 8.05 36.42
N LEU A 1163 -13.29 8.92 35.42
CA LEU A 1163 -12.97 10.31 35.70
C LEU A 1163 -14.17 11.08 36.21
N GLU A 1164 -15.38 10.61 35.93
CA GLU A 1164 -16.53 11.26 36.54
C GLU A 1164 -16.69 10.90 38.01
N CYS A 1165 -16.00 9.85 38.48
CA CYS A 1165 -16.10 9.43 39.86
C CYS A 1165 -15.35 10.35 40.81
N TYR A 1166 -14.37 11.11 40.33
CA TYR A 1166 -13.66 12.02 41.22
C TYR A 1166 -14.57 13.22 41.52
N LYS A 1167 -14.40 13.79 42.72
CA LYS A 1167 -15.38 14.67 43.32
C LYS A 1167 -15.41 16.07 42.70
N ASP A 1168 -14.32 16.82 42.81
CA ASP A 1168 -14.37 18.27 42.59
C ASP A 1168 -14.09 18.70 41.15
N CYS A 1169 -14.79 18.11 40.17
CA CYS A 1169 -14.78 18.57 38.79
C CYS A 1169 -15.96 17.96 38.04
N ASP A 1170 -16.20 18.45 36.83
CA ASP A 1170 -17.05 17.78 35.85
C ASP A 1170 -16.24 17.64 34.57
N PHE A 1171 -15.91 16.40 34.22
CA PHE A 1171 -15.09 16.11 33.05
C PHE A 1171 -15.98 15.66 31.90
N GLN A 1172 -15.72 16.20 30.71
CA GLN A 1172 -16.45 15.83 29.50
C GLN A 1172 -15.43 15.42 28.45
N THR A 1173 -15.34 14.12 28.20
CA THR A 1173 -14.37 13.56 27.27
C THR A 1173 -15.09 13.03 26.04
N ARG A 1174 -14.61 13.45 24.87
CA ARG A 1174 -15.05 12.90 23.60
C ARG A 1174 -13.84 12.32 22.90
N TRP A 1175 -13.95 11.09 22.41
CA TRP A 1175 -12.82 10.36 21.86
C TRP A 1175 -13.15 9.82 20.49
N ILE A 1176 -12.17 9.91 19.59
CA ILE A 1176 -12.25 9.33 18.26
C ILE A 1176 -11.14 8.28 18.13
N VAL A 1177 -11.51 7.09 17.66
CA VAL A 1177 -10.73 5.87 17.86
C VAL A 1177 -10.47 5.18 16.53
N HIS A 1178 -9.21 4.86 16.26
CA HIS A 1178 -8.81 3.87 15.28
C HIS A 1178 -7.98 2.83 16.00
N SER A 1179 -7.86 1.65 15.39
CA SER A 1179 -6.92 0.65 15.88
C SER A 1179 -5.52 1.23 15.86
N ASP A 1180 -4.80 1.06 16.98
CA ASP A 1180 -3.48 1.62 17.32
C ASP A 1180 -3.50 3.14 17.50
N ASP A 1181 -4.66 3.79 17.48
CA ASP A 1181 -4.72 5.24 17.45
C ASP A 1181 -5.74 5.76 18.46
N ASN A 1182 -5.61 7.04 18.83
CA ASN A 1182 -6.52 7.64 19.80
C ASN A 1182 -6.47 9.15 19.67
N ALA A 1183 -7.65 9.77 19.73
CA ALA A 1183 -7.74 11.23 19.85
C ALA A 1183 -8.72 11.51 20.99
N THR A 1184 -8.18 11.92 22.14
CA THR A 1184 -8.96 12.02 23.37
C THR A 1184 -9.05 13.47 23.84
N SER A 1185 -10.25 14.01 23.91
CA SER A 1185 -10.43 15.36 24.40
C SER A 1185 -10.87 15.35 25.85
N LEU A 1186 -10.79 16.51 26.50
CA LEU A 1186 -11.19 16.66 27.88
C LEU A 1186 -11.40 18.13 28.20
N ILE A 1187 -12.46 18.41 28.97
CA ILE A 1187 -12.75 19.73 29.48
C ILE A 1187 -12.88 19.61 31.00
N ALA A 1188 -12.19 20.48 31.73
CA ALA A 1188 -12.25 20.51 33.18
C ALA A 1188 -12.83 21.82 33.65
N SER A 1189 -13.69 21.74 34.67
CA SER A 1189 -14.26 22.93 35.30
C SER A 1189 -14.41 22.68 36.79
N GLY A 1190 -14.29 23.74 37.56
CA GLY A 1190 -14.34 23.63 39.01
C GLY A 1190 -13.00 23.87 39.69
N GLU A 1191 -12.53 22.88 40.47
CA GLU A 1191 -11.36 23.07 41.32
C GLU A 1191 -10.13 22.51 40.59
N VAL A 1192 -9.76 23.24 39.53
CA VAL A 1192 -8.72 22.83 38.61
C VAL A 1192 -7.35 22.81 39.30
N ASP A 1193 -7.10 23.77 40.19
CA ASP A 1193 -5.85 23.81 40.93
C ASP A 1193 -5.68 22.56 41.79
N LYS A 1194 -6.73 22.17 42.52
CA LYS A 1194 -6.57 21.06 43.44
C LYS A 1194 -6.53 19.71 42.73
N MET A 1195 -7.24 19.55 41.59
CA MET A 1195 -7.06 18.24 40.94
C MET A 1195 -5.73 18.22 40.19
N LEU A 1196 -5.20 19.41 39.87
CA LEU A 1196 -3.86 19.47 39.28
C LEU A 1196 -2.80 19.02 40.29
N THR A 1197 -2.90 19.46 41.55
CA THR A 1197 -1.97 18.94 42.56
C THR A 1197 -2.28 17.49 42.94
N ASP A 1198 -3.55 17.08 42.84
CA ASP A 1198 -3.89 15.68 43.14
C ASP A 1198 -3.36 14.73 42.08
N PHE A 1199 -3.35 15.16 40.83
CA PHE A 1199 -2.85 14.37 39.71
C PHE A 1199 -1.33 14.38 39.61
N SER A 1200 -0.65 15.15 40.47
CA SER A 1200 0.82 15.26 40.54
C SER A 1200 1.42 15.72 39.21
N SER A 1201 0.89 16.83 38.70
CA SER A 1201 1.30 17.36 37.40
C SER A 1201 1.08 18.86 37.39
N SER A 1202 1.70 19.52 36.41
CA SER A 1202 1.63 20.97 36.33
C SER A 1202 0.57 21.49 35.35
N SER A 1203 -0.01 20.63 34.52
CA SER A 1203 -0.97 21.11 33.54
C SER A 1203 -2.00 20.03 33.21
N LEU A 1204 -3.14 20.49 32.70
CA LEU A 1204 -4.19 19.60 32.23
C LEU A 1204 -3.74 18.64 31.12
N PRO A 1205 -2.98 19.05 30.08
CA PRO A 1205 -2.45 18.02 29.15
C PRO A 1205 -1.54 17.01 29.81
N GLU A 1206 -0.75 17.44 30.81
CA GLU A 1206 0.15 16.52 31.50
C GLU A 1206 -0.62 15.47 32.29
N MET A 1207 -1.69 15.89 32.99
CA MET A 1207 -2.43 14.91 33.79
C MET A 1207 -3.25 14.02 32.87
N LEU A 1208 -3.71 14.57 31.74
CA LEU A 1208 -4.41 13.76 30.74
C LEU A 1208 -3.52 12.66 30.20
N PHE A 1209 -2.28 13.02 29.85
CA PHE A 1209 -1.31 12.05 29.33
C PHE A 1209 -1.03 10.97 30.35
N ARG A 1210 -0.76 11.37 31.60
CA ARG A 1210 -0.37 10.38 32.61
C ARG A 1210 -1.55 9.50 33.02
N SER A 1211 -2.75 10.07 33.10
CA SER A 1211 -3.92 9.29 33.46
C SER A 1211 -4.31 8.31 32.36
N ILE A 1212 -4.22 8.74 31.09
CA ILE A 1212 -4.54 7.85 29.99
C ILE A 1212 -3.48 6.74 29.89
N GLU A 1213 -2.21 7.07 30.15
CA GLU A 1213 -1.16 6.07 30.16
C GLU A 1213 -1.39 5.02 31.25
N ALA A 1214 -1.71 5.47 32.47
CA ALA A 1214 -1.94 4.54 33.57
C ALA A 1214 -3.17 3.68 33.34
N HIS A 1215 -4.26 4.27 32.86
CA HIS A 1215 -5.48 3.53 32.61
C HIS A 1215 -5.32 2.53 31.46
N PHE A 1216 -4.62 2.94 30.41
CA PHE A 1216 -4.46 2.08 29.25
C PHE A 1216 -3.51 0.93 29.58
N LYS A 1217 -2.52 1.18 30.44
CA LYS A 1217 -1.73 0.07 30.95
C LYS A 1217 -2.54 -0.82 31.88
N SER A 1218 -3.56 -0.25 32.54
CA SER A 1218 -4.46 -1.08 33.34
C SER A 1218 -5.38 -1.93 32.47
N PHE A 1219 -5.59 -1.55 31.20
CA PHE A 1219 -6.26 -2.45 30.26
C PHE A 1219 -5.31 -3.11 29.26
N CYS A 1220 -4.01 -3.21 29.61
CA CYS A 1220 -2.99 -3.86 28.77
C CYS A 1220 -2.91 -3.24 27.38
N ILE A 1221 -3.08 -1.93 27.33
CA ILE A 1221 -2.91 -1.16 26.10
C ILE A 1221 -1.64 -0.34 26.31
N THR A 1222 -0.53 -0.80 25.75
CA THR A 1222 0.75 -0.15 25.97
C THR A 1222 0.78 1.10 25.10
N LEU A 1223 0.49 2.24 25.71
CA LEU A 1223 0.60 3.51 25.01
C LEU A 1223 2.06 3.90 24.90
N ASN A 1224 2.47 4.30 23.69
CA ASN A 1224 3.84 4.72 23.45
C ASN A 1224 4.05 6.09 24.06
N PRO A 1225 5.00 6.24 24.99
CA PRO A 1225 5.26 7.58 25.56
C PRO A 1225 5.89 8.55 24.56
N LYS A 1226 6.49 8.04 23.49
CA LYS A 1226 7.13 8.90 22.51
C LYS A 1226 6.13 9.44 21.50
N LYS A 1227 5.36 8.56 20.87
CA LYS A 1227 4.39 8.98 19.86
C LYS A 1227 3.02 9.17 20.52
N SER A 1228 2.99 10.11 21.46
CA SER A 1228 1.76 10.54 22.11
C SER A 1228 2.00 11.91 22.72
N TYR A 1229 1.33 12.91 22.18
CA TYR A 1229 1.52 14.29 22.63
C TYR A 1229 0.18 14.87 23.04
N ALA A 1230 0.19 15.59 24.16
CA ALA A 1230 -1.02 16.16 24.71
C ALA A 1230 -0.99 17.68 24.53
N SER A 1231 -1.84 18.19 23.66
CA SER A 1231 -1.88 19.59 23.31
C SER A 1231 -3.11 20.26 23.92
N SER A 1232 -3.22 21.57 23.66
CA SER A 1232 -4.36 22.34 24.09
C SER A 1232 -5.21 22.87 22.93
N SER A 1233 -4.69 22.87 21.70
CA SER A 1233 -5.49 23.37 20.58
C SER A 1233 -5.31 22.62 19.26
N GLU A 1234 -4.46 21.60 19.17
CA GLU A 1234 -4.10 21.02 17.89
C GLU A 1234 -4.41 19.52 17.88
N VAL A 1235 -5.14 19.08 16.86
CA VAL A 1235 -5.71 17.73 16.79
C VAL A 1235 -5.05 16.94 15.65
N GLU A 1236 -4.48 15.78 16.00
CA GLU A 1236 -3.78 14.90 15.06
C GLU A 1236 -4.27 13.48 15.30
N PHE A 1237 -5.24 13.04 14.50
CA PHE A 1237 -5.76 11.68 14.68
C PHE A 1237 -4.84 10.65 14.02
N ILE A 1238 -4.75 10.68 12.69
CA ILE A 1238 -3.83 9.80 11.97
C ILE A 1238 -2.96 10.67 11.07
N SER A 1239 -3.50 11.81 10.66
CA SER A 1239 -2.91 12.80 9.77
C SER A 1239 -3.93 13.93 9.68
N GLU A 1240 -3.57 15.00 8.96
CA GLU A 1240 -4.45 16.15 8.72
C GLU A 1240 -4.93 16.78 10.02
N ARG A 1241 -3.96 17.36 10.73
CA ARG A 1241 -4.21 18.08 11.97
C ARG A 1241 -5.21 19.20 11.75
N ILE A 1242 -5.95 19.53 12.79
CA ILE A 1242 -6.87 20.66 12.76
C ILE A 1242 -6.72 21.41 14.07
N VAL A 1243 -6.53 22.73 13.98
CA VAL A 1243 -6.21 23.55 15.12
C VAL A 1243 -7.34 24.55 15.35
N ASN A 1244 -7.94 24.50 16.54
CA ASN A 1244 -8.90 25.51 17.03
C ASN A 1244 -10.11 25.64 16.12
N GLY A 1245 -10.47 24.54 15.44
CA GLY A 1245 -11.59 24.53 14.53
C GLY A 1245 -11.24 24.71 13.07
N ALA A 1246 -10.01 25.09 12.73
CA ALA A 1246 -9.60 25.29 11.34
C ALA A 1246 -8.55 24.25 10.98
N ILE A 1247 -8.76 23.59 9.85
CA ILE A 1247 -7.99 22.40 9.53
C ILE A 1247 -6.69 22.75 8.82
N ILE A 1248 -5.61 22.11 9.25
CA ILE A 1248 -4.37 22.13 8.47
C ILE A 1248 -4.53 21.15 7.31
N PRO A 1249 -4.27 21.58 6.06
CA PRO A 1249 -4.59 20.73 4.90
C PRO A 1249 -3.87 19.41 4.85
N LEU A 1250 -2.54 19.44 4.99
CA LEU A 1250 -1.65 18.28 4.94
C LEU A 1250 -1.84 17.51 3.63
N TYR A 1251 -1.53 18.21 2.54
CA TYR A 1251 -1.61 17.75 1.17
C TYR A 1251 -0.40 16.94 0.74
N CYS A 1252 0.69 17.02 1.50
CA CYS A 1252 1.98 16.54 1.06
C CYS A 1252 2.09 15.02 1.07
N ARG A 1253 1.23 14.35 1.83
CA ARG A 1253 1.08 12.90 1.69
C ARG A 1253 0.66 12.54 0.27
N HIS A 1254 -0.34 13.25 -0.25
CA HIS A 1254 -0.77 13.03 -1.62
C HIS A 1254 0.27 13.52 -2.63
N LEU A 1255 0.94 14.62 -2.32
CA LEU A 1255 1.94 15.17 -3.23
C LEU A 1255 3.14 14.24 -3.35
N ALA A 1256 3.50 13.58 -2.26
CA ALA A 1256 4.63 12.67 -2.28
C ALA A 1256 4.26 11.33 -2.86
N ASN A 1257 3.05 10.84 -2.57
CA ASN A 1257 2.62 9.57 -3.14
C ASN A 1257 2.27 9.72 -4.62
N CYS A 1258 2.18 10.97 -5.11
CA CYS A 1258 2.29 11.23 -6.54
C CYS A 1258 3.69 10.94 -7.07
N CYS A 1259 4.70 10.89 -6.21
CA CYS A 1259 6.10 10.84 -6.67
C CYS A 1259 6.91 9.67 -6.13
N THR A 1260 6.32 8.74 -5.39
CA THR A 1260 7.16 7.64 -4.88
C THR A 1260 6.56 6.26 -5.08
N GLU A 1261 5.24 6.16 -5.25
CA GLU A 1261 4.55 4.88 -5.33
C GLU A 1261 3.57 4.90 -6.47
N SER A 1262 3.61 3.86 -7.32
CA SER A 1262 2.66 3.71 -8.41
C SER A 1262 2.15 2.28 -8.40
N SER A 1263 1.09 2.05 -9.20
CA SER A 1263 0.44 0.75 -9.22
C SER A 1263 1.27 -0.30 -9.94
N HIS A 1264 2.06 0.12 -10.93
CA HIS A 1264 2.97 -0.74 -11.72
C HIS A 1264 2.23 -1.88 -12.41
N ILE A 1265 1.26 -1.52 -13.25
CA ILE A 1265 0.59 -2.52 -14.07
C ILE A 1265 0.64 -2.14 -15.55
N SER A 1266 0.25 -0.91 -15.87
CA SER A 1266 0.36 -0.41 -17.24
C SER A 1266 0.43 1.11 -17.19
N TYR A 1267 0.67 1.71 -18.35
CA TYR A 1267 0.82 3.17 -18.41
C TYR A 1267 -0.51 3.86 -18.16
N PHE A 1268 -1.58 3.37 -18.79
CA PHE A 1268 -2.90 3.96 -18.64
C PHE A 1268 -3.39 3.88 -17.21
N ASP A 1269 -3.27 2.71 -16.59
CA ASP A 1269 -3.72 2.54 -15.22
C ASP A 1269 -2.81 3.25 -14.23
N ASP A 1270 -1.51 3.35 -14.54
CA ASP A 1270 -0.61 4.10 -13.67
C ASP A 1270 -0.93 5.58 -13.69
N LEU A 1271 -1.19 6.14 -14.88
CA LEU A 1271 -1.62 7.53 -14.95
C LEU A 1271 -2.98 7.71 -14.28
N MET A 1272 -3.84 6.69 -14.35
CA MET A 1272 -5.14 6.76 -13.70
C MET A 1272 -5.00 6.82 -12.18
N SER A 1273 -4.13 5.99 -11.60
CA SER A 1273 -3.96 5.94 -10.16
C SER A 1273 -3.20 7.16 -9.63
N LEU A 1274 -2.16 7.58 -10.34
CA LEU A 1274 -1.46 8.76 -9.85
C LEU A 1274 -2.23 10.04 -10.16
N SER A 1275 -3.19 9.99 -11.09
CA SER A 1275 -4.11 11.11 -11.22
C SER A 1275 -5.21 11.06 -10.17
N ILE A 1276 -5.51 9.87 -9.62
CA ILE A 1276 -6.32 9.81 -8.40
C ILE A 1276 -5.59 10.54 -7.27
N HIS A 1277 -4.28 10.29 -7.14
CA HIS A 1277 -3.47 11.00 -6.15
C HIS A 1277 -3.41 12.50 -6.44
N VAL A 1278 -3.33 12.87 -7.72
CA VAL A 1278 -3.34 14.27 -8.12
C VAL A 1278 -4.67 14.93 -7.74
N THR A 1279 -5.78 14.22 -7.91
CA THR A 1279 -7.08 14.81 -7.56
C THR A 1279 -7.22 14.94 -6.06
N MET A 1280 -6.64 14.00 -5.30
CA MET A 1280 -6.58 14.17 -3.85
C MET A 1280 -5.77 15.39 -3.47
N LEU A 1281 -4.65 15.64 -4.18
CA LEU A 1281 -3.89 16.88 -4.01
C LEU A 1281 -4.75 18.10 -4.29
N LEU A 1282 -5.55 18.06 -5.37
CA LEU A 1282 -6.38 19.20 -5.73
C LEU A 1282 -7.46 19.47 -4.69
N ARG A 1283 -7.99 18.41 -4.09
CA ARG A 1283 -9.08 18.57 -3.15
C ARG A 1283 -8.64 18.64 -1.69
N LYS A 1284 -7.34 18.53 -1.39
CA LYS A 1284 -6.86 18.68 -0.03
C LYS A 1284 -6.15 20.02 0.20
N GLY A 1285 -6.66 21.11 -0.36
CA GLY A 1285 -6.17 22.45 -0.06
C GLY A 1285 -4.75 22.75 -0.50
N CYS A 1286 -4.45 22.42 -1.74
CA CYS A 1286 -3.17 22.65 -2.41
C CYS A 1286 -2.86 24.14 -2.49
N PRO A 1287 -1.60 24.53 -2.32
CA PRO A 1287 -1.26 25.95 -2.39
C PRO A 1287 -1.18 26.43 -3.82
N ASN A 1288 -0.59 27.62 -3.96
CA ASN A 1288 -0.82 28.42 -5.16
C ASN A 1288 -0.07 27.88 -6.39
N GLU A 1289 1.17 27.41 -6.22
CA GLU A 1289 1.98 27.16 -7.40
C GLU A 1289 2.20 25.70 -7.79
N VAL A 1290 1.98 24.73 -6.91
CA VAL A 1290 2.65 23.46 -7.12
C VAL A 1290 1.80 22.52 -8.01
N ILE A 1291 0.63 22.99 -8.47
CA ILE A 1291 -0.21 22.13 -9.32
C ILE A 1291 0.42 21.79 -10.67
N PRO A 1292 1.00 22.75 -11.43
CA PRO A 1292 1.70 22.33 -12.67
C PRO A 1292 2.88 21.42 -12.42
N PHE A 1293 3.61 21.60 -11.32
CA PHE A 1293 4.71 20.71 -11.03
C PHE A 1293 4.22 19.33 -10.61
N ALA A 1294 3.04 19.24 -10.01
CA ALA A 1294 2.46 17.93 -9.70
C ALA A 1294 1.99 17.24 -10.97
N TYR A 1295 1.42 18.00 -11.91
CA TYR A 1295 1.11 17.48 -13.24
C TYR A 1295 2.37 16.96 -13.93
N GLY A 1296 3.46 17.72 -13.81
CA GLY A 1296 4.73 17.27 -14.35
C GLY A 1296 5.23 16.03 -13.66
N ALA A 1297 5.03 15.92 -12.34
CA ALA A 1297 5.51 14.76 -11.60
C ALA A 1297 4.78 13.48 -12.02
N VAL A 1298 3.44 13.55 -12.12
CA VAL A 1298 2.69 12.37 -12.55
C VAL A 1298 3.01 12.01 -14.00
N GLN A 1299 3.15 13.02 -14.87
CA GLN A 1299 3.47 12.76 -16.27
C GLN A 1299 4.87 12.18 -16.42
N VAL A 1300 5.85 12.73 -15.72
CA VAL A 1300 7.23 12.26 -15.81
C VAL A 1300 7.35 10.85 -15.27
N GLN A 1301 6.67 10.55 -14.14
CA GLN A 1301 6.69 9.18 -13.61
C GLN A 1301 6.11 8.18 -14.58
N ALA A 1302 4.89 8.44 -15.07
CA ALA A 1302 4.23 7.48 -15.95
C ALA A 1302 4.99 7.31 -17.26
N LEU A 1303 5.45 8.41 -17.85
CA LEU A 1303 6.21 8.36 -19.10
C LEU A 1303 7.55 7.67 -18.91
N SER A 1304 8.22 7.92 -17.80
CA SER A 1304 9.54 7.36 -17.59
C SER A 1304 9.47 5.86 -17.33
N ILE A 1305 8.45 5.39 -16.62
CA ILE A 1305 8.46 3.97 -16.29
C ILE A 1305 7.84 3.15 -17.43
N TYR A 1306 6.79 3.67 -18.08
CA TYR A 1306 5.92 2.77 -18.83
C TYR A 1306 5.86 3.09 -20.32
N SER A 1307 5.53 4.31 -20.70
CA SER A 1307 5.43 4.71 -22.11
C SER A 1307 6.39 5.86 -22.35
N MET A 1308 7.50 5.56 -23.03
CA MET A 1308 8.74 6.35 -23.00
C MET A 1308 8.53 7.80 -23.44
N LEU A 1309 9.16 8.71 -22.69
CA LEU A 1309 8.91 10.14 -22.78
C LEU A 1309 9.56 10.72 -24.04
N PRO A 1310 9.08 11.88 -24.52
CA PRO A 1310 9.51 12.37 -25.85
C PRO A 1310 10.99 12.72 -25.92
N GLY A 1311 11.52 12.64 -27.14
CA GLY A 1311 12.94 12.77 -27.39
C GLY A 1311 13.65 11.46 -27.62
N GLU A 1312 12.94 10.35 -27.63
CA GLU A 1312 13.55 9.04 -27.82
C GLU A 1312 12.55 8.10 -28.47
N VAL A 1313 12.90 6.81 -28.53
CA VAL A 1313 12.03 5.78 -29.09
C VAL A 1313 10.84 5.56 -28.15
N ASN A 1314 9.80 4.92 -28.68
CA ASN A 1314 8.59 4.49 -27.95
C ASN A 1314 7.80 5.69 -27.43
N ASP A 1315 7.76 6.77 -28.20
CA ASP A 1315 6.97 7.94 -27.89
C ASP A 1315 5.53 7.73 -28.34
N SER A 1316 4.69 8.74 -28.12
CA SER A 1316 3.37 8.81 -28.73
C SER A 1316 3.20 10.03 -29.61
N ILE A 1317 3.64 11.21 -29.14
CA ILE A 1317 3.51 12.43 -29.93
C ILE A 1317 4.42 12.39 -31.14
N ARG A 1318 5.63 11.84 -30.99
CA ARG A 1318 6.53 11.66 -32.12
C ARG A 1318 5.97 10.66 -33.12
N ILE A 1319 5.30 9.61 -32.63
CA ILE A 1319 4.65 8.65 -33.52
C ILE A 1319 3.51 9.31 -34.29
N PHE A 1320 2.74 10.17 -33.62
CA PHE A 1320 1.65 10.89 -34.28
C PHE A 1320 2.19 11.87 -35.33
N LYS A 1321 3.30 12.54 -35.03
CA LYS A 1321 3.90 13.44 -36.00
C LYS A 1321 4.50 12.68 -37.17
N LYS A 1322 5.02 11.48 -36.91
CA LYS A 1322 5.54 10.65 -38.00
C LYS A 1322 4.42 10.16 -38.90
N LEU A 1323 3.29 9.74 -38.31
CA LEU A 1323 2.17 9.22 -39.07
C LEU A 1323 1.28 10.30 -39.66
N GLY A 1324 1.47 11.56 -39.26
CA GLY A 1324 0.71 12.66 -39.84
C GLY A 1324 -0.76 12.66 -39.48
N VAL A 1325 -1.09 12.27 -38.25
CA VAL A 1325 -2.47 12.29 -37.79
C VAL A 1325 -2.89 13.74 -37.52
N SER A 1326 -4.13 14.07 -37.90
CA SER A 1326 -4.64 15.43 -37.73
C SER A 1326 -4.95 15.78 -36.28
N LEU A 1327 -4.90 14.80 -35.37
CA LEU A 1327 -5.15 15.06 -33.96
C LEU A 1327 -4.01 15.89 -33.38
N LYS A 1328 -4.35 16.99 -32.70
CA LYS A 1328 -3.32 17.88 -32.18
C LYS A 1328 -2.70 17.30 -30.91
N SER A 1329 -1.72 18.01 -30.36
CA SER A 1329 -0.91 17.45 -29.28
C SER A 1329 -1.67 17.39 -27.97
N ASN A 1330 -2.58 18.34 -27.73
CA ASN A 1330 -3.27 18.43 -26.45
C ASN A 1330 -4.65 17.80 -26.45
N GLU A 1331 -4.91 16.83 -27.33
CA GLU A 1331 -6.11 16.02 -27.22
C GLU A 1331 -5.82 14.55 -27.55
N ILE A 1332 -4.57 14.12 -27.40
CA ILE A 1332 -4.23 12.71 -27.52
C ILE A 1332 -4.83 11.93 -26.35
N PRO A 1333 -5.60 10.88 -26.60
CA PRO A 1333 -6.19 10.13 -25.48
C PRO A 1333 -5.15 9.28 -24.77
N THR A 1334 -5.18 9.35 -23.43
CA THR A 1334 -4.11 8.82 -22.59
C THR A 1334 -3.89 7.32 -22.77
N ASN A 1335 -4.90 6.59 -23.26
CA ASN A 1335 -4.78 5.15 -23.41
C ASN A 1335 -3.74 4.76 -24.46
N MET A 1336 -3.45 5.62 -25.44
CA MET A 1336 -2.30 5.26 -26.26
C MET A 1336 -1.11 6.17 -26.02
N GLY A 1337 -1.13 7.01 -24.99
CA GLY A 1337 0.05 7.78 -24.68
C GLY A 1337 -0.17 9.28 -24.60
N GLY A 1338 -1.42 9.69 -24.43
CA GLY A 1338 -1.72 11.09 -24.24
C GLY A 1338 -1.28 11.58 -22.87
N TRP A 1339 -1.32 12.90 -22.72
CA TRP A 1339 -0.81 13.54 -21.53
C TRP A 1339 -1.97 14.12 -20.72
N LEU A 1340 -1.79 14.18 -19.40
CA LEU A 1340 -2.82 14.70 -18.52
C LEU A 1340 -2.82 16.21 -18.70
N THR A 1341 -3.62 16.66 -19.67
CA THR A 1341 -3.78 18.08 -19.97
C THR A 1341 -5.19 18.57 -19.67
N SER A 1342 -5.93 17.81 -18.87
CA SER A 1342 -7.27 18.21 -18.48
C SER A 1342 -7.24 19.44 -17.59
N PRO A 1343 -8.28 20.26 -17.64
CA PRO A 1343 -8.35 21.39 -16.71
C PRO A 1343 -8.58 20.93 -15.28
N ILE A 1344 -8.12 21.80 -14.37
CA ILE A 1344 -8.00 21.44 -12.97
C ILE A 1344 -9.38 21.27 -12.33
N GLU A 1345 -10.35 22.08 -12.76
CA GLU A 1345 -11.71 21.92 -12.24
C GLU A 1345 -12.35 20.60 -12.65
N PRO A 1346 -12.38 20.16 -13.93
CA PRO A 1346 -12.90 18.81 -14.21
C PRO A 1346 -12.11 17.69 -13.58
N LEU A 1347 -10.77 17.86 -13.42
CA LEU A 1347 -10.00 16.88 -12.67
C LEU A 1347 -10.51 16.74 -11.24
N SER A 1348 -10.47 17.85 -10.49
CA SER A 1348 -10.81 17.82 -9.07
C SER A 1348 -12.26 17.46 -8.81
N ILE A 1349 -13.14 17.72 -9.77
CA ILE A 1349 -14.56 17.44 -9.56
C ILE A 1349 -14.87 16.00 -9.95
N LEU A 1350 -14.61 15.62 -11.20
CA LEU A 1350 -14.94 14.26 -11.60
C LEU A 1350 -13.85 13.28 -11.19
N GLY A 1351 -12.65 13.44 -11.73
CA GLY A 1351 -11.58 12.53 -11.44
C GLY A 1351 -10.77 12.18 -12.67
N PRO A 1352 -10.21 10.97 -12.67
CA PRO A 1352 -9.21 10.59 -13.70
C PRO A 1352 -9.72 10.57 -15.13
N SER A 1353 -11.00 10.25 -15.35
CA SER A 1353 -11.54 10.16 -16.70
C SER A 1353 -11.90 11.52 -17.29
N SER A 1354 -11.55 12.61 -16.60
CA SER A 1354 -11.91 13.94 -17.08
C SER A 1354 -11.15 14.30 -18.35
N ASN A 1355 -9.92 13.80 -18.51
CA ASN A 1355 -9.12 14.21 -19.66
C ASN A 1355 -9.66 13.64 -20.97
N ASP A 1356 -9.87 12.32 -21.04
CA ASP A 1356 -10.44 11.76 -22.26
C ASP A 1356 -11.92 12.08 -22.40
N GLN A 1357 -12.62 12.32 -21.28
CA GLN A 1357 -14.01 12.76 -21.38
C GLN A 1357 -14.10 14.17 -21.97
N ILE A 1358 -13.16 15.06 -21.60
CA ILE A 1358 -13.11 16.40 -22.15
C ILE A 1358 -12.68 16.37 -23.62
N ILE A 1359 -11.78 15.46 -23.98
CA ILE A 1359 -11.41 15.24 -25.39
C ILE A 1359 -12.65 14.85 -26.20
N TYR A 1360 -13.43 13.89 -25.68
CA TYR A 1360 -14.63 13.44 -26.37
C TYR A 1360 -15.67 14.55 -26.44
N TYR A 1361 -15.81 15.34 -25.37
CA TYR A 1361 -16.73 16.47 -25.38
C TYR A 1361 -16.35 17.50 -26.43
N ASN A 1362 -15.06 17.82 -26.53
CA ASN A 1362 -14.59 18.80 -27.50
C ASN A 1362 -14.82 18.32 -28.92
N VAL A 1363 -14.58 17.03 -29.18
CA VAL A 1363 -14.74 16.57 -30.55
C VAL A 1363 -16.21 16.42 -30.93
N ILE A 1364 -17.10 16.07 -29.98
CA ILE A 1364 -18.53 16.08 -30.28
C ILE A 1364 -19.01 17.50 -30.56
N ARG A 1365 -18.57 18.46 -29.73
CA ARG A 1365 -18.97 19.85 -29.94
C ARG A 1365 -18.44 20.41 -31.25
N ASP A 1366 -17.26 19.93 -31.68
CA ASP A 1366 -16.69 20.38 -32.95
C ASP A 1366 -17.40 19.74 -34.13
N PHE A 1367 -17.65 18.43 -34.07
CA PHE A 1367 -18.16 17.71 -35.24
C PHE A 1367 -19.65 17.97 -35.45
N LEU A 1368 -20.42 18.10 -34.37
CA LEU A 1368 -21.82 18.48 -34.55
C LEU A 1368 -22.00 19.96 -34.82
N ASN A 1369 -20.90 20.73 -34.90
CA ASN A 1369 -20.89 22.15 -35.28
C ASN A 1369 -21.70 22.99 -34.31
N LYS A 1370 -21.73 22.57 -33.05
CA LYS A 1370 -22.53 23.20 -32.02
C LYS A 1370 -21.65 24.05 -31.13
N LYS A 1371 -22.29 24.90 -30.33
CA LYS A 1371 -21.59 25.83 -29.45
C LYS A 1371 -21.63 25.41 -27.99
N SER A 1372 -22.77 24.89 -27.53
CA SER A 1372 -22.97 24.61 -26.12
C SER A 1372 -23.49 23.18 -25.92
N LEU A 1373 -23.13 22.61 -24.77
CA LEU A 1373 -23.61 21.28 -24.41
C LEU A 1373 -25.12 21.23 -24.26
N GLU A 1374 -25.73 22.33 -23.79
CA GLU A 1374 -27.19 22.39 -23.73
C GLU A 1374 -27.82 22.32 -25.12
N GLU A 1375 -27.11 22.78 -26.15
CA GLU A 1375 -27.54 22.51 -27.52
C GLU A 1375 -27.28 21.05 -27.88
N VAL A 1376 -26.24 20.44 -27.31
CA VAL A 1376 -25.97 19.05 -27.66
C VAL A 1376 -27.02 18.09 -27.06
N LYS A 1377 -27.56 18.40 -25.87
CA LYS A 1377 -28.68 17.60 -25.32
C LYS A 1377 -29.88 17.52 -26.27
N ASP A 1378 -30.41 18.67 -26.71
CA ASP A 1378 -31.59 18.59 -27.55
C ASP A 1378 -31.25 18.37 -29.02
N SER A 1379 -29.97 18.36 -29.38
CA SER A 1379 -29.60 17.81 -30.68
C SER A 1379 -29.59 16.28 -30.65
N VAL A 1380 -29.04 15.69 -29.58
CA VAL A 1380 -28.82 14.25 -29.56
C VAL A 1380 -30.10 13.51 -29.16
N SER A 1381 -30.85 14.06 -28.20
CA SER A 1381 -32.02 13.36 -27.66
C SER A 1381 -33.14 13.23 -28.69
N SER A 1382 -33.18 14.14 -29.66
CA SER A 1382 -34.09 13.97 -30.79
C SER A 1382 -33.59 12.83 -31.67
N SER A 1383 -34.48 11.90 -32.00
CA SER A 1383 -34.11 10.73 -32.77
C SER A 1383 -33.91 11.10 -34.24
N SER A 1384 -33.34 10.14 -34.99
CA SER A 1384 -33.00 10.29 -36.42
C SER A 1384 -32.10 11.50 -36.66
N TYR A 1385 -31.12 11.68 -35.79
CA TYR A 1385 -30.15 12.76 -35.89
C TYR A 1385 -28.72 12.24 -36.07
N LEU A 1386 -28.31 11.29 -35.23
CA LEU A 1386 -26.99 10.71 -35.36
C LEU A 1386 -26.90 9.82 -36.60
N GLN A 1387 -28.02 9.21 -36.99
CA GLN A 1387 -28.06 8.42 -38.22
C GLN A 1387 -27.83 9.28 -39.45
N MET A 1388 -28.49 10.44 -39.55
CA MET A 1388 -28.29 11.29 -40.71
C MET A 1388 -26.96 12.02 -40.64
N ARG A 1389 -26.44 12.25 -39.43
CA ARG A 1389 -25.07 12.75 -39.30
C ARG A 1389 -24.05 11.76 -39.84
N PHE A 1390 -24.20 10.47 -39.54
CA PHE A 1390 -23.21 9.53 -40.03
C PHE A 1390 -23.47 9.28 -41.51
N ARG A 1391 -24.71 9.44 -41.97
CA ARG A 1391 -25.00 9.35 -43.40
C ARG A 1391 -24.29 10.47 -44.18
N GLU A 1392 -24.31 11.69 -43.64
CA GLU A 1392 -23.54 12.79 -44.24
C GLU A 1392 -22.05 12.53 -44.15
N LEU A 1393 -21.60 11.91 -43.05
CA LEU A 1393 -20.19 11.54 -42.92
C LEU A 1393 -19.79 10.52 -43.97
N LYS A 1394 -20.65 9.54 -44.23
CA LYS A 1394 -20.39 8.52 -45.23
C LYS A 1394 -20.33 9.12 -46.62
N GLY A 1395 -21.25 10.05 -46.92
CA GLY A 1395 -21.21 10.76 -48.18
C GLY A 1395 -19.95 11.59 -48.35
N LYS A 1396 -19.53 12.27 -47.28
CA LYS A 1396 -18.31 13.08 -47.32
C LYS A 1396 -17.07 12.21 -47.49
N TYR A 1397 -17.06 11.03 -46.87
CA TYR A 1397 -15.92 10.13 -47.01
C TYR A 1397 -15.84 9.55 -48.42
N GLU A 1398 -16.99 9.12 -48.97
CA GLU A 1398 -16.97 8.55 -50.31
C GLU A 1398 -16.74 9.61 -51.38
N LYS A 1399 -17.04 10.87 -51.07
CA LYS A 1399 -16.65 11.96 -51.96
C LYS A 1399 -15.19 12.35 -51.77
N GLY A 1400 -14.62 12.07 -50.59
CA GLY A 1400 -13.20 12.30 -50.38
C GLY A 1400 -12.84 13.72 -50.02
N THR A 1401 -13.80 14.52 -49.55
CA THR A 1401 -13.55 15.90 -49.15
C THR A 1401 -13.52 16.05 -47.63
N LEU A 1402 -12.92 15.08 -46.94
CA LEU A 1402 -12.92 15.06 -45.48
C LEU A 1402 -12.11 16.20 -44.89
N GLU A 1403 -12.61 16.73 -43.77
CA GLU A 1403 -11.96 17.79 -43.03
C GLU A 1403 -11.35 17.22 -41.76
N GLU A 1404 -10.58 18.08 -41.07
CA GLU A 1404 -9.81 17.60 -39.91
C GLU A 1404 -10.70 17.24 -38.74
N LYS A 1405 -11.86 17.89 -38.59
CA LYS A 1405 -12.80 17.50 -37.54
C LYS A 1405 -13.36 16.11 -37.79
N ASP A 1406 -13.69 15.80 -39.05
CA ASP A 1406 -14.16 14.47 -39.40
C ASP A 1406 -13.06 13.43 -39.25
N LYS A 1407 -11.80 13.83 -39.51
CA LYS A 1407 -10.67 12.92 -39.32
C LYS A 1407 -10.49 12.56 -37.85
N LYS A 1408 -10.51 13.57 -36.98
CA LYS A 1408 -10.43 13.33 -35.54
C LYS A 1408 -11.62 12.51 -35.05
N MET A 1409 -12.82 12.81 -35.59
CA MET A 1409 -14.00 12.01 -35.31
C MET A 1409 -13.78 10.54 -35.59
N ILE A 1410 -13.58 10.18 -36.87
CA ILE A 1410 -13.48 8.77 -37.26
C ILE A 1410 -12.30 8.08 -36.58
N PHE A 1411 -11.24 8.85 -36.28
CA PHE A 1411 -10.14 8.38 -35.46
C PHE A 1411 -10.64 7.86 -34.12
N LEU A 1412 -11.41 8.67 -33.40
CA LEU A 1412 -11.79 8.17 -32.08
C LEU A 1412 -13.07 7.33 -32.10
N ILE A 1413 -13.81 7.29 -33.22
CA ILE A 1413 -14.84 6.25 -33.39
C ILE A 1413 -14.21 4.87 -33.44
N ASN A 1414 -13.18 4.68 -34.29
CA ASN A 1414 -12.57 3.35 -34.27
C ASN A 1414 -11.74 3.13 -33.02
N LEU A 1415 -11.30 4.20 -32.35
CA LEU A 1415 -10.67 4.04 -31.04
C LEU A 1415 -11.65 3.44 -30.03
N PHE A 1416 -12.86 4.00 -29.96
CA PHE A 1416 -13.84 3.47 -29.01
C PHE A 1416 -14.35 2.10 -29.45
N GLU A 1417 -14.32 1.83 -30.76
CA GLU A 1417 -14.70 0.50 -31.25
C GLU A 1417 -13.66 -0.55 -30.85
N LYS A 1418 -12.38 -0.25 -31.02
CA LYS A 1418 -11.32 -1.19 -30.65
C LYS A 1418 -11.00 -1.16 -29.17
N ALA A 1419 -11.59 -0.25 -28.40
CA ALA A 1419 -11.40 -0.21 -26.96
C ALA A 1419 -12.07 -1.38 -26.28
N THR A 1436 -14.10 4.02 -16.34
CA THR A 1436 -13.48 4.87 -17.34
C THR A 1436 -14.11 4.63 -18.71
N MET A 1437 -13.90 5.59 -19.62
CA MET A 1437 -14.48 5.49 -20.96
C MET A 1437 -13.76 4.43 -21.79
N LEU A 1438 -12.43 4.45 -21.78
CA LEU A 1438 -11.62 3.54 -22.58
C LEU A 1438 -10.93 2.51 -21.69
N THR A 1439 -10.08 1.71 -22.32
CA THR A 1439 -9.34 0.65 -21.65
C THR A 1439 -7.85 0.83 -21.94
N GLN A 1440 -7.06 -0.17 -21.55
CA GLN A 1440 -5.61 -0.13 -21.72
C GLN A 1440 -5.19 -0.24 -23.19
N ILE A 1441 -6.10 -0.70 -24.07
CA ILE A 1441 -5.87 -0.96 -25.49
C ILE A 1441 -4.76 -1.98 -25.64
N ILE A 1442 -3.51 -1.51 -25.73
CA ILE A 1442 -2.39 -2.41 -25.97
C ILE A 1442 -2.07 -3.17 -24.69
N LYS A 1443 -2.27 -4.49 -24.71
CA LYS A 1443 -1.98 -5.35 -23.57
C LYS A 1443 -0.72 -6.14 -23.89
N LEU A 1444 0.40 -5.71 -23.33
CA LEU A 1444 1.61 -6.50 -23.39
C LEU A 1444 1.45 -7.64 -22.39
N PRO A 1445 1.51 -8.90 -22.81
CA PRO A 1445 1.26 -10.01 -21.88
C PRO A 1445 2.37 -10.16 -20.86
N ASN A 1446 2.01 -10.69 -19.70
CA ASN A 1446 2.97 -10.88 -18.61
C ASN A 1446 3.79 -12.14 -18.87
N PHE A 1447 4.50 -12.60 -17.84
CA PHE A 1447 5.10 -13.93 -17.89
C PHE A 1447 3.99 -14.96 -17.99
N ILE A 1448 3.94 -15.67 -19.12
CA ILE A 1448 2.81 -16.53 -19.43
C ILE A 1448 2.80 -17.72 -18.48
N ASN A 1449 1.83 -17.74 -17.58
CA ASN A 1449 1.78 -18.69 -16.47
C ASN A 1449 1.15 -20.02 -16.86
N GLU A 1450 1.06 -20.33 -18.16
CA GLU A 1450 0.52 -21.61 -18.60
C GLU A 1450 1.44 -22.77 -18.24
N ASN A 1451 2.73 -22.50 -17.98
CA ASN A 1451 3.63 -23.49 -17.41
C ASN A 1451 3.48 -23.61 -15.90
N ALA A 1452 2.81 -22.65 -15.25
CA ALA A 1452 2.59 -22.67 -13.81
C ALA A 1452 1.13 -22.86 -13.42
N LEU A 1453 0.22 -22.93 -14.40
CA LEU A 1453 -1.20 -23.16 -14.12
C LEU A 1453 -1.44 -24.51 -13.43
N ASN A 1454 -0.54 -25.48 -13.64
CA ASN A 1454 -0.62 -26.77 -12.96
C ASN A 1454 -0.38 -26.67 -11.46
N LYS A 1455 0.10 -25.53 -10.96
CA LYS A 1455 0.26 -25.35 -9.53
C LYS A 1455 -1.09 -25.29 -8.81
N MET A 1456 -2.14 -24.86 -9.51
CA MET A 1456 -3.44 -24.77 -8.89
C MET A 1456 -4.16 -26.11 -8.92
N SER A 1457 -4.72 -26.49 -7.76
CA SER A 1457 -5.46 -27.73 -7.64
C SER A 1457 -6.74 -27.71 -8.46
N SER A 1458 -7.33 -26.52 -8.67
CA SER A 1458 -8.51 -26.45 -9.51
C SER A 1458 -8.18 -26.71 -10.98
N TYR A 1459 -7.03 -26.24 -11.45
CA TYR A 1459 -6.62 -26.57 -12.81
C TYR A 1459 -6.24 -28.03 -12.92
N LYS A 1460 -5.66 -28.59 -11.86
CA LYS A 1460 -5.43 -30.04 -11.82
C LYS A 1460 -6.75 -30.80 -11.89
N ASP A 1461 -7.77 -30.29 -11.19
CA ASP A 1461 -9.10 -30.89 -11.22
C ASP A 1461 -9.71 -30.85 -12.61
N PHE A 1462 -9.57 -29.70 -13.29
CA PHE A 1462 -10.06 -29.57 -14.67
C PHE A 1462 -9.32 -30.50 -15.62
N SER A 1463 -7.99 -30.57 -15.51
CA SER A 1463 -7.16 -31.42 -16.35
C SER A 1463 -7.29 -32.90 -16.02
N LYS A 1464 -7.89 -33.25 -14.89
CA LYS A 1464 -8.21 -34.63 -14.57
C LYS A 1464 -9.62 -35.02 -15.01
N LEU A 1465 -10.60 -34.15 -14.77
CA LEU A 1465 -11.98 -34.46 -15.10
C LEU A 1465 -12.23 -34.39 -16.60
N TYR A 1466 -11.55 -33.48 -17.29
CA TYR A 1466 -11.40 -33.46 -18.74
C TYR A 1466 -9.96 -33.73 -19.12
N PRO A 1467 -9.69 -34.62 -20.08
CA PRO A 1467 -8.33 -35.15 -20.27
C PRO A 1467 -7.32 -34.16 -20.82
N ASN A 1468 -6.12 -34.68 -21.11
CA ASN A 1468 -4.94 -33.88 -21.45
C ASN A 1468 -5.10 -33.07 -22.73
N LEU A 1469 -6.08 -33.39 -23.57
CA LEU A 1469 -6.42 -32.58 -24.72
C LEU A 1469 -6.89 -31.18 -24.34
N LYS A 1470 -7.33 -30.98 -23.10
CA LYS A 1470 -7.68 -29.67 -22.56
C LYS A 1470 -6.46 -28.92 -22.00
N LYS A 1471 -5.27 -29.50 -22.08
CA LYS A 1471 -4.08 -28.87 -21.49
C LYS A 1471 -3.73 -27.58 -22.21
N ASN A 1472 -3.81 -27.57 -23.54
CA ASN A 1472 -3.57 -26.36 -24.32
C ASN A 1472 -4.29 -26.44 -25.66
N ILE A 1499 -10.16 -35.29 -33.10
CA ILE A 1499 -11.56 -35.67 -33.18
C ILE A 1499 -12.18 -35.68 -31.79
N ALA A 1500 -11.48 -36.30 -30.84
CA ALA A 1500 -11.96 -36.36 -29.45
C ALA A 1500 -11.99 -34.98 -28.82
N SER A 1501 -10.99 -34.14 -29.12
CA SER A 1501 -10.93 -32.80 -28.58
C SER A 1501 -12.10 -31.95 -29.07
N SER A 1502 -12.47 -32.12 -30.34
CA SER A 1502 -13.59 -31.36 -30.90
C SER A 1502 -14.91 -31.75 -30.25
N LEU A 1503 -15.14 -33.06 -30.05
CA LEU A 1503 -16.40 -33.47 -29.45
C LEU A 1503 -16.47 -33.14 -27.96
N GLU A 1504 -15.35 -33.21 -27.24
CA GLU A 1504 -15.41 -32.78 -25.86
C GLU A 1504 -15.55 -31.26 -25.75
N MET A 1505 -14.99 -30.49 -26.70
CA MET A 1505 -15.25 -29.06 -26.75
C MET A 1505 -16.72 -28.78 -27.01
N GLU A 1506 -17.34 -29.59 -27.88
CA GLU A 1506 -18.78 -29.46 -28.14
C GLU A 1506 -19.59 -29.76 -26.90
N SER A 1507 -19.18 -30.75 -26.11
CA SER A 1507 -19.87 -31.04 -24.85
C SER A 1507 -19.72 -29.89 -23.85
N VAL A 1508 -18.53 -29.29 -23.79
CA VAL A 1508 -18.29 -28.15 -22.90
C VAL A 1508 -19.17 -26.96 -23.29
N HIS A 1509 -19.25 -26.67 -24.59
CA HIS A 1509 -20.09 -25.55 -25.01
C HIS A 1509 -21.57 -25.89 -24.91
N ASP A 1510 -21.92 -27.18 -24.98
CA ASP A 1510 -23.31 -27.59 -24.74
C ASP A 1510 -23.70 -27.32 -23.30
N ILE A 1511 -22.83 -27.63 -22.35
CA ILE A 1511 -23.19 -27.35 -20.96
C ILE A 1511 -22.99 -25.89 -20.58
N MET A 1512 -22.25 -25.10 -21.36
CA MET A 1512 -22.38 -23.64 -21.21
C MET A 1512 -23.72 -23.15 -21.74
N ILE A 1513 -24.15 -23.61 -22.91
CA ILE A 1513 -25.34 -23.03 -23.52
C ILE A 1513 -26.60 -23.52 -22.83
N LYS A 1514 -26.52 -24.64 -22.11
CA LYS A 1514 -27.66 -25.06 -21.30
C LYS A 1514 -27.77 -24.25 -20.02
N ASN A 1515 -26.66 -23.74 -19.49
CA ASN A 1515 -26.63 -22.96 -18.25
C ASN A 1515 -25.84 -21.68 -18.48
N PRO A 1516 -26.45 -20.65 -19.08
CA PRO A 1516 -25.71 -19.41 -19.36
C PRO A 1516 -25.36 -18.62 -18.12
N GLU A 1517 -26.08 -18.83 -17.02
CA GLU A 1517 -25.80 -18.14 -15.76
C GLU A 1517 -24.54 -18.64 -15.08
N THR A 1518 -23.97 -19.75 -15.56
CA THR A 1518 -22.68 -20.21 -15.05
C THR A 1518 -21.57 -19.20 -15.35
N ILE A 1519 -21.58 -18.62 -16.54
CA ILE A 1519 -20.50 -17.74 -16.99
C ILE A 1519 -20.95 -16.29 -16.95
N LEU A 1520 -22.25 -16.05 -17.19
CA LEU A 1520 -22.72 -14.68 -17.40
C LEU A 1520 -22.78 -13.89 -16.10
N ILE A 1521 -23.22 -14.52 -15.02
CA ILE A 1521 -23.38 -13.85 -13.74
C ILE A 1521 -22.48 -14.51 -12.71
N ALA A 1522 -22.09 -13.73 -11.69
CA ALA A 1522 -21.41 -14.25 -10.51
C ALA A 1522 -22.29 -15.31 -9.85
N PRO A 1523 -21.67 -16.35 -9.22
CA PRO A 1523 -22.42 -17.54 -8.77
C PRO A 1523 -23.57 -17.28 -7.81
N LEU A 1524 -24.78 -17.53 -8.31
CA LEU A 1524 -25.99 -17.29 -7.52
C LEU A 1524 -26.12 -18.31 -6.39
N ASN A 1525 -25.80 -19.56 -6.67
CA ASN A 1525 -25.94 -20.64 -5.69
C ASN A 1525 -24.95 -21.73 -6.06
N ASP A 1526 -25.12 -22.90 -5.45
CA ASP A 1526 -24.36 -24.07 -5.86
C ASP A 1526 -24.83 -24.53 -7.24
N ARG A 1527 -23.99 -25.33 -7.89
CA ARG A 1527 -24.04 -25.63 -9.33
C ARG A 1527 -23.93 -24.34 -10.17
N ASP A 1528 -23.28 -23.32 -9.62
CA ASP A 1528 -22.93 -22.12 -10.36
C ASP A 1528 -21.56 -21.57 -10.01
N PHE A 1529 -20.85 -22.19 -9.06
CA PHE A 1529 -19.58 -21.67 -8.59
C PHE A 1529 -18.40 -22.55 -8.96
N LEU A 1530 -18.43 -23.82 -8.55
CA LEU A 1530 -17.23 -24.65 -8.70
C LEU A 1530 -17.00 -25.02 -10.16
N LEU A 1531 -18.07 -25.25 -10.92
CA LEU A 1531 -17.89 -25.48 -12.35
C LEU A 1531 -17.60 -24.18 -13.06
N SER A 1532 -17.97 -23.03 -12.49
CA SER A 1532 -17.54 -21.75 -13.06
C SER A 1532 -16.04 -21.56 -12.91
N GLN A 1533 -15.49 -21.95 -11.75
CA GLN A 1533 -14.04 -21.91 -11.56
C GLN A 1533 -13.34 -22.93 -12.47
N LEU A 1534 -13.96 -24.09 -12.69
CA LEU A 1534 -13.39 -25.07 -13.62
C LEU A 1534 -13.48 -24.59 -15.07
N PHE A 1535 -14.53 -23.85 -15.41
CA PHE A 1535 -14.84 -23.51 -16.79
C PHE A 1535 -14.41 -22.11 -17.19
N MET A 1536 -13.79 -21.34 -16.30
CA MET A 1536 -13.14 -20.11 -16.75
C MET A 1536 -11.83 -20.40 -17.46
N TYR A 1537 -11.34 -21.64 -17.39
CA TYR A 1537 -10.17 -22.14 -18.10
C TYR A 1537 -10.49 -22.61 -19.52
N THR A 1538 -11.75 -22.54 -19.93
CA THR A 1538 -12.09 -22.80 -21.33
C THR A 1538 -11.57 -21.67 -22.20
N SER A 1539 -10.70 -22.01 -23.17
CA SER A 1539 -9.99 -21.18 -24.14
C SER A 1539 -8.94 -20.31 -23.46
N PRO A 1540 -7.79 -20.06 -24.11
CA PRO A 1540 -6.75 -19.18 -23.57
C PRO A 1540 -7.18 -17.72 -23.48
N LYS A 1553 9.58 -5.27 -8.40
CA LYS A 1553 10.58 -5.85 -9.28
C LYS A 1553 10.10 -5.88 -10.73
N LEU A 1554 8.81 -5.60 -10.92
CA LEU A 1554 8.22 -5.55 -12.25
C LEU A 1554 8.42 -4.19 -12.90
N ALA A 1555 8.72 -3.17 -12.10
CA ALA A 1555 9.15 -1.88 -12.66
C ALA A 1555 10.49 -2.02 -13.37
N LEU A 1556 11.34 -2.93 -12.89
CA LEU A 1556 12.57 -3.26 -13.58
C LEU A 1556 12.32 -4.04 -14.87
N ASP A 1557 11.19 -4.72 -15.00
CA ASP A 1557 11.01 -5.69 -16.08
C ASP A 1557 10.79 -5.09 -17.47
N ARG A 1558 9.76 -4.27 -17.63
CA ARG A 1558 9.48 -3.91 -19.02
C ARG A 1558 10.14 -2.62 -19.46
N VAL A 1559 11.07 -2.06 -18.67
CA VAL A 1559 11.96 -1.05 -19.24
C VAL A 1559 13.02 -1.72 -20.11
N LEU A 1560 13.34 -2.99 -19.86
CA LEU A 1560 14.10 -3.73 -20.86
C LEU A 1560 13.20 -4.47 -21.85
N ARG A 1561 12.00 -4.89 -21.42
CA ARG A 1561 11.09 -5.50 -22.40
C ARG A 1561 10.58 -4.49 -23.41
N SER A 1562 10.62 -3.19 -23.09
CA SER A 1562 10.22 -2.17 -24.06
C SER A 1562 11.23 -2.02 -25.17
N LYS A 1563 12.51 -2.33 -24.90
CA LYS A 1563 13.53 -2.37 -25.91
C LYS A 1563 13.76 -3.77 -26.45
N ALA A 1564 12.94 -4.73 -26.04
CA ALA A 1564 12.98 -6.11 -26.52
C ALA A 1564 11.68 -6.42 -27.26
N ARG A 1565 11.58 -7.66 -27.73
CA ARG A 1565 10.42 -8.12 -28.48
C ARG A 1565 9.59 -9.06 -27.62
N THR A 1566 8.27 -8.84 -27.64
CA THR A 1566 7.36 -9.63 -26.83
C THR A 1566 6.50 -10.55 -27.69
N LYS A 1575 9.02 -11.92 -32.52
CA LYS A 1575 7.95 -11.78 -31.53
C LYS A 1575 7.31 -10.41 -31.54
N MET A 1576 7.88 -9.50 -32.33
CA MET A 1576 7.30 -8.23 -32.79
C MET A 1576 7.25 -7.20 -31.66
N THR A 1577 7.22 -5.90 -31.98
CA THR A 1577 7.70 -4.90 -31.01
C THR A 1577 6.60 -3.89 -30.71
N TYR A 1578 6.63 -3.35 -29.48
CA TYR A 1578 5.52 -2.56 -28.96
C TYR A 1578 5.38 -1.22 -29.67
N GLU A 1579 6.49 -0.61 -30.09
CA GLU A 1579 6.41 0.65 -30.84
C GLU A 1579 5.75 0.44 -32.20
N GLU A 1580 6.12 -0.65 -32.89
CA GLU A 1580 5.45 -1.01 -34.13
C GLU A 1580 4.00 -1.40 -33.88
N ASN A 1581 3.70 -1.92 -32.68
CA ASN A 1581 2.32 -2.20 -32.30
C ASN A 1581 1.52 -0.90 -32.24
N MET A 1582 2.13 0.17 -31.69
CA MET A 1582 1.51 1.51 -31.79
C MET A 1582 1.24 1.88 -33.24
N GLU A 1583 2.30 2.03 -34.06
CA GLU A 1583 2.09 2.65 -35.38
C GLU A 1583 1.23 1.78 -36.29
N LYS A 1584 1.22 0.45 -36.08
CA LYS A 1584 0.25 -0.37 -36.77
C LYS A 1584 -1.16 -0.14 -36.24
N LYS A 1585 -1.31 0.13 -34.94
CA LYS A 1585 -2.64 0.40 -34.42
C LYS A 1585 -3.22 1.69 -34.99
N ILE A 1586 -2.41 2.76 -35.08
CA ILE A 1586 -2.93 3.94 -35.78
C ILE A 1586 -3.07 3.67 -37.29
N LEU A 1587 -2.26 2.77 -37.87
CA LEU A 1587 -2.38 2.52 -39.31
C LEU A 1587 -3.70 1.84 -39.70
N GLU A 1588 -4.04 0.73 -39.06
CA GLU A 1588 -5.37 0.15 -39.34
C GLU A 1588 -6.50 0.85 -38.59
N MET A 1589 -6.19 1.78 -37.68
CA MET A 1589 -7.26 2.38 -36.90
C MET A 1589 -7.64 3.76 -37.42
N LEU A 1590 -6.79 4.39 -38.24
CA LEU A 1590 -7.09 5.69 -38.81
C LEU A 1590 -8.19 5.60 -39.88
N LYS A 1591 -8.26 4.48 -40.60
CA LYS A 1591 -9.20 4.36 -41.71
C LYS A 1591 -10.64 4.28 -41.23
N PHE A 1592 -11.55 4.61 -42.15
CA PHE A 1592 -12.92 4.94 -41.82
C PHE A 1592 -13.73 3.74 -41.33
N ASP A 1593 -13.44 2.55 -41.85
CA ASP A 1593 -14.10 1.27 -41.52
C ASP A 1593 -15.60 1.29 -41.81
N LEU A 1594 -16.31 0.29 -41.32
CA LEU A 1594 -17.72 0.11 -41.66
C LEU A 1594 -18.44 -0.53 -40.49
N ASP A 1595 -19.79 -0.38 -40.51
CA ASP A 1595 -20.70 -0.53 -39.36
C ASP A 1595 -20.10 -0.05 -38.04
N SER A 1596 -19.68 1.21 -38.00
CA SER A 1596 -19.18 1.83 -36.80
C SER A 1596 -20.21 2.74 -36.14
N TYR A 1597 -21.47 2.70 -36.62
CA TYR A 1597 -22.49 3.60 -36.09
C TYR A 1597 -22.82 3.28 -34.66
N CYS A 1598 -22.76 2.00 -34.30
CA CYS A 1598 -22.99 1.57 -32.93
C CYS A 1598 -21.97 2.18 -31.99
N SER A 1599 -20.69 2.10 -32.36
CA SER A 1599 -19.63 2.69 -31.53
C SER A 1599 -19.76 4.20 -31.46
N PHE A 1600 -20.08 4.84 -32.58
CA PHE A 1600 -20.21 6.30 -32.61
C PHE A 1600 -21.36 6.79 -31.73
N LYS A 1601 -22.53 6.19 -31.90
CA LYS A 1601 -23.70 6.62 -31.13
C LYS A 1601 -23.60 6.21 -29.67
N THR A 1602 -22.86 5.13 -29.35
CA THR A 1602 -22.68 4.82 -27.94
C THR A 1602 -21.68 5.77 -27.28
N CYS A 1603 -20.67 6.22 -28.02
CA CYS A 1603 -19.76 7.25 -27.50
C CYS A 1603 -20.51 8.55 -27.23
N VAL A 1604 -21.31 8.99 -28.21
CA VAL A 1604 -22.07 10.24 -28.05
C VAL A 1604 -23.12 10.10 -26.96
N ASN A 1605 -23.78 8.94 -26.88
CA ASN A 1605 -24.81 8.73 -25.88
C ASN A 1605 -24.22 8.61 -24.48
N LEU A 1606 -23.02 8.03 -24.37
CA LEU A 1606 -22.35 7.95 -23.08
C LEU A 1606 -21.93 9.34 -22.60
N VAL A 1607 -21.38 10.16 -23.50
CA VAL A 1607 -21.02 11.52 -23.15
C VAL A 1607 -22.26 12.34 -22.76
N ILE A 1608 -23.36 12.14 -23.49
CA ILE A 1608 -24.59 12.88 -23.22
C ILE A 1608 -25.20 12.43 -21.90
N LYS A 1609 -25.29 11.12 -21.67
CA LYS A 1609 -25.98 10.56 -20.53
C LYS A 1609 -25.11 10.54 -19.28
N ASP A 1610 -23.83 10.92 -19.39
CA ASP A 1610 -23.08 11.21 -18.18
C ASP A 1610 -23.69 12.42 -17.49
N VAL A 1611 -24.07 12.23 -16.23
CA VAL A 1611 -24.92 13.19 -15.54
C VAL A 1611 -24.08 14.34 -14.99
N ASN A 1612 -23.15 14.01 -14.08
CA ASN A 1612 -22.37 15.04 -13.39
C ASN A 1612 -21.51 15.84 -14.35
N PHE A 1613 -21.10 15.22 -15.46
CA PHE A 1613 -20.52 15.95 -16.58
C PHE A 1613 -21.51 16.97 -17.14
N SER A 1614 -22.79 16.57 -17.27
CA SER A 1614 -23.78 17.40 -17.92
C SER A 1614 -24.30 18.53 -17.05
N MET A 1615 -24.12 18.48 -15.73
CA MET A 1615 -24.23 19.75 -15.01
C MET A 1615 -22.89 20.43 -14.74
N LEU A 1616 -21.76 19.73 -14.87
CA LEU A 1616 -20.47 20.36 -14.65
C LEU A 1616 -20.15 21.38 -15.74
N ILE A 1617 -20.37 21.00 -17.00
CA ILE A 1617 -20.04 21.90 -18.11
C ILE A 1617 -20.79 23.22 -18.11
N PRO A 1618 -22.14 23.26 -17.93
CA PRO A 1618 -22.81 24.57 -17.96
C PRO A 1618 -22.39 25.56 -16.88
N ILE A 1619 -22.08 25.10 -15.66
CA ILE A 1619 -21.60 26.06 -14.68
C ILE A 1619 -20.16 26.42 -14.96
N LEU A 1620 -19.41 25.52 -15.62
CA LEU A 1620 -18.03 25.83 -15.98
C LEU A 1620 -17.96 26.93 -17.03
N ASP A 1621 -18.85 26.89 -18.02
CA ASP A 1621 -18.89 28.00 -18.97
C ASP A 1621 -19.73 29.17 -18.48
N SER A 1622 -20.51 28.98 -17.41
CA SER A 1622 -21.39 30.01 -16.88
C SER A 1622 -20.99 30.41 -15.47
N ALA A 1623 -19.68 30.40 -15.19
CA ALA A 1623 -19.16 30.85 -13.91
C ALA A 1623 -18.78 32.31 -14.02
N TYR A 1624 -19.44 33.14 -13.21
CA TYR A 1624 -19.03 34.54 -13.13
C TYR A 1624 -17.66 34.62 -12.46
N PRO A 1625 -16.79 35.54 -12.88
CA PRO A 1625 -15.37 35.44 -12.50
C PRO A 1625 -15.08 35.67 -11.02
N CYS A 1626 -15.70 36.67 -10.41
CA CYS A 1626 -15.37 37.03 -9.03
C CYS A 1626 -16.58 37.70 -8.41
N GLU A 1627 -16.41 38.16 -7.15
CA GLU A 1627 -17.41 38.85 -6.32
C GLU A 1627 -18.63 37.98 -6.00
N SER A 1628 -19.51 38.52 -5.15
CA SER A 1628 -20.70 37.83 -4.62
C SER A 1628 -20.30 36.51 -3.96
N ARG A 1629 -19.39 36.60 -2.99
CA ARG A 1629 -18.88 35.48 -2.19
C ARG A 1629 -18.20 34.40 -3.04
N LYS A 1630 -17.65 34.79 -4.19
CA LYS A 1630 -16.87 33.86 -5.01
C LYS A 1630 -15.37 34.08 -4.87
N ARG A 1631 -14.89 35.29 -5.17
CA ARG A 1631 -13.45 35.58 -5.09
C ARG A 1631 -13.28 36.94 -4.43
N ASP A 1632 -12.83 36.91 -3.18
CA ASP A 1632 -12.48 38.12 -2.45
C ASP A 1632 -11.01 38.19 -2.07
N ASN A 1633 -10.37 37.04 -1.88
CA ASN A 1633 -8.95 36.98 -1.56
C ASN A 1633 -8.17 36.27 -2.66
N TYR A 1634 -6.85 36.33 -2.56
CA TYR A 1634 -5.98 35.72 -3.55
C TYR A 1634 -4.89 34.84 -2.96
N ASN A 1635 -4.72 34.83 -1.64
CA ASN A 1635 -3.76 33.95 -0.99
C ASN A 1635 -4.43 32.59 -0.83
N PHE A 1636 -4.01 31.64 -1.67
CA PHE A 1636 -4.53 30.27 -1.87
C PHE A 1636 -6.06 30.19 -1.78
N ARG A 1637 -6.75 31.19 -2.33
CA ARG A 1637 -8.20 31.31 -2.23
C ARG A 1637 -8.87 31.18 -3.59
N TRP A 1638 -8.43 30.25 -4.42
CA TRP A 1638 -9.11 29.98 -5.68
C TRP A 1638 -9.32 28.50 -5.93
N PHE A 1639 -8.50 27.64 -5.33
CA PHE A 1639 -8.61 26.18 -5.44
C PHE A 1639 -9.57 25.61 -4.49
N GLN A 1640 -10.22 26.44 -3.70
CA GLN A 1640 -11.41 26.04 -2.96
C GLN A 1640 -12.66 26.65 -3.57
N THR A 1641 -12.66 27.98 -3.68
CA THR A 1641 -13.83 28.78 -4.00
C THR A 1641 -14.40 28.55 -5.39
N GLU A 1642 -13.66 28.92 -6.44
CA GLU A 1642 -14.19 28.75 -7.78
C GLU A 1642 -14.21 27.29 -8.23
N LYS A 1643 -13.55 26.40 -7.49
CA LYS A 1643 -13.78 24.98 -7.72
C LYS A 1643 -15.17 24.57 -7.23
N TRP A 1644 -15.55 24.99 -6.01
CA TRP A 1644 -16.62 24.28 -5.34
C TRP A 1644 -17.83 25.09 -4.89
N ILE A 1645 -17.83 26.42 -4.92
CA ILE A 1645 -19.10 27.14 -4.95
C ILE A 1645 -19.95 26.83 -6.19
N PRO A 1646 -19.40 26.81 -7.43
CA PRO A 1646 -20.28 26.46 -8.58
C PRO A 1646 -20.88 25.07 -8.53
N VAL A 1647 -20.19 24.06 -8.01
CA VAL A 1647 -20.73 22.71 -8.08
C VAL A 1647 -21.58 22.42 -6.85
N VAL A 1648 -21.10 22.77 -5.65
CA VAL A 1648 -21.85 22.48 -4.43
C VAL A 1648 -22.84 23.59 -4.10
N GLU A 1649 -23.00 24.56 -4.99
CA GLU A 1649 -24.26 25.29 -5.05
C GLU A 1649 -25.07 24.94 -6.28
N GLY A 1650 -24.43 24.41 -7.32
CA GLY A 1650 -25.17 23.72 -8.36
C GLY A 1650 -25.82 22.44 -7.85
N SER A 1651 -25.06 21.66 -7.09
CA SER A 1651 -25.62 20.58 -6.29
C SER A 1651 -25.81 21.07 -4.87
N PRO A 1652 -27.03 21.35 -4.43
CA PRO A 1652 -27.22 22.23 -3.27
C PRO A 1652 -26.90 21.54 -1.95
N GLY A 1653 -26.93 22.34 -0.88
CA GLY A 1653 -26.64 21.86 0.45
C GLY A 1653 -25.32 22.32 1.03
N LEU A 1654 -24.95 23.58 0.77
CA LEU A 1654 -23.77 24.18 1.37
C LEU A 1654 -23.95 25.69 1.39
N VAL A 1655 -23.15 26.36 2.22
CA VAL A 1655 -23.20 27.81 2.32
C VAL A 1655 -21.79 28.40 2.29
N VAL A 1656 -20.78 27.56 2.41
CA VAL A 1656 -19.42 28.02 2.65
C VAL A 1656 -18.73 28.30 1.32
N MET A 1657 -17.64 29.06 1.38
CA MET A 1657 -16.80 29.35 0.23
C MET A 1657 -15.35 28.91 0.41
N HIS A 1658 -15.05 28.18 1.48
CA HIS A 1658 -13.68 27.77 1.77
C HIS A 1658 -13.72 26.52 2.63
N ALA A 1659 -13.40 25.37 2.04
CA ALA A 1659 -13.42 24.12 2.79
C ALA A 1659 -12.56 23.07 2.11
N VAL A 1660 -12.13 22.09 2.90
CA VAL A 1660 -11.36 20.95 2.41
C VAL A 1660 -12.33 19.79 2.20
N TYR A 1661 -12.34 19.22 1.00
CA TYR A 1661 -13.38 18.29 0.58
C TYR A 1661 -12.83 16.87 0.49
N GLY A 1662 -13.59 15.93 1.05
CA GLY A 1662 -13.40 14.52 0.76
C GLY A 1662 -14.61 14.00 0.01
N SER A 1663 -14.45 13.72 -1.27
CA SER A 1663 -15.58 13.37 -2.12
C SER A 1663 -15.80 11.86 -2.16
N ASN A 1664 -17.03 11.48 -2.51
CA ASN A 1664 -17.38 10.07 -2.63
C ASN A 1664 -16.97 9.54 -4.00
N TYR A 1665 -17.41 8.32 -4.29
CA TYR A 1665 -17.27 7.75 -5.63
C TYR A 1665 -18.52 8.08 -6.46
N ILE A 1666 -18.76 9.38 -6.61
CA ILE A 1666 -19.96 9.86 -7.27
C ILE A 1666 -19.90 9.57 -8.77
N GLU A 1667 -18.75 9.84 -9.39
CA GLU A 1667 -18.61 9.56 -10.82
C GLU A 1667 -18.31 8.08 -11.03
N ASN A 1668 -19.30 7.35 -11.53
CA ASN A 1668 -19.12 5.95 -11.91
C ASN A 1668 -19.26 5.82 -13.43
N LEU A 1669 -18.14 5.65 -14.10
CA LEU A 1669 -18.12 5.47 -15.55
C LEU A 1669 -18.13 4.00 -15.93
N GLY A 1670 -18.24 3.10 -14.96
CA GLY A 1670 -18.19 1.69 -15.21
C GLY A 1670 -19.54 0.99 -15.16
N LEU A 1671 -20.58 1.62 -15.69
CA LEU A 1671 -21.90 1.02 -15.75
C LEU A 1671 -22.33 0.62 -17.15
N LYS A 1672 -21.42 0.70 -18.13
CA LYS A 1672 -21.64 0.13 -19.46
C LYS A 1672 -20.56 -0.84 -19.89
N ASN A 1673 -19.34 -0.71 -19.37
CA ASN A 1673 -18.27 -1.63 -19.72
C ASN A 1673 -18.50 -3.04 -19.18
N ILE A 1674 -19.11 -3.14 -17.99
CA ILE A 1674 -19.48 -4.46 -17.47
C ILE A 1674 -20.57 -5.12 -18.32
N PRO A 1675 -21.65 -4.43 -18.76
CA PRO A 1675 -22.51 -5.03 -19.80
C PRO A 1675 -21.78 -5.44 -21.06
N LEU A 1676 -20.86 -4.58 -21.54
CA LEU A 1676 -20.13 -4.88 -22.77
C LEU A 1676 -19.27 -6.14 -22.62
N THR A 1677 -18.58 -6.27 -21.49
CA THR A 1677 -17.73 -7.43 -21.26
C THR A 1677 -18.57 -8.70 -21.07
N ASP A 1678 -19.71 -8.59 -20.38
CA ASP A 1678 -20.52 -9.78 -20.12
C ASP A 1678 -21.13 -10.33 -21.41
N ASP A 1679 -21.77 -9.47 -22.20
CA ASP A 1679 -22.33 -10.01 -23.43
C ASP A 1679 -21.28 -10.24 -24.51
N SER A 1680 -20.07 -9.65 -24.39
CA SER A 1680 -18.99 -10.05 -25.26
C SER A 1680 -18.49 -11.45 -24.93
N ILE A 1681 -18.48 -11.80 -23.64
CA ILE A 1681 -18.14 -13.17 -23.23
C ILE A 1681 -19.20 -14.15 -23.73
N ASN A 1682 -20.47 -13.75 -23.64
CA ASN A 1682 -21.56 -14.58 -24.17
C ASN A 1682 -21.44 -14.75 -25.69
N VAL A 1683 -21.12 -13.67 -26.40
CA VAL A 1683 -20.92 -13.72 -27.84
C VAL A 1683 -19.72 -14.62 -28.18
N LEU A 1684 -18.66 -14.53 -27.38
CA LEU A 1684 -17.47 -15.34 -27.61
C LEU A 1684 -17.76 -16.83 -27.44
N THR A 1685 -18.47 -17.20 -26.38
CA THR A 1685 -18.73 -18.63 -26.18
C THR A 1685 -19.78 -19.16 -27.18
N SER A 1686 -20.74 -18.32 -27.57
CA SER A 1686 -21.70 -18.75 -28.59
C SER A 1686 -21.03 -18.91 -29.95
N THR A 1687 -20.13 -17.97 -30.29
CA THR A 1687 -19.40 -18.02 -31.54
C THR A 1687 -18.46 -19.23 -31.57
N PHE A 1688 -17.81 -19.53 -30.44
CA PHE A 1688 -16.96 -20.70 -30.35
C PHE A 1688 -17.76 -21.99 -30.51
N GLY A 1689 -18.92 -22.07 -29.87
CA GLY A 1689 -19.74 -23.27 -29.99
C GLY A 1689 -20.27 -23.49 -31.39
N THR A 1690 -20.75 -22.42 -32.03
CA THR A 1690 -21.24 -22.57 -33.40
C THR A 1690 -20.09 -22.76 -34.38
N GLY A 1691 -18.87 -22.34 -34.03
CA GLY A 1691 -17.71 -22.68 -34.82
C GLY A 1691 -17.35 -24.15 -34.73
N LEU A 1692 -17.51 -24.75 -33.54
CA LEU A 1692 -17.37 -26.20 -33.43
C LEU A 1692 -18.47 -26.92 -34.19
N ILE A 1693 -19.66 -26.32 -34.28
CA ILE A 1693 -20.74 -26.98 -35.01
C ILE A 1693 -20.48 -26.95 -36.51
N MET A 1694 -20.24 -25.76 -37.08
CA MET A 1694 -19.86 -25.69 -38.49
C MET A 1694 -18.98 -24.46 -38.72
N GLU A 1695 -18.43 -24.38 -39.94
CA GLU A 1695 -17.57 -23.28 -40.35
C GLU A 1695 -18.38 -22.24 -41.13
N ASP A 1696 -17.66 -21.24 -41.64
CA ASP A 1696 -18.16 -20.05 -42.37
C ASP A 1696 -19.45 -19.47 -41.77
N VAL A 1697 -19.39 -19.15 -40.47
CA VAL A 1697 -20.58 -18.84 -39.71
C VAL A 1697 -21.05 -17.42 -39.99
N LYS A 1698 -21.97 -17.28 -40.93
CA LYS A 1698 -22.77 -16.07 -41.09
C LYS A 1698 -24.22 -16.31 -40.72
N SER A 1699 -24.80 -17.40 -41.20
CA SER A 1699 -26.15 -17.82 -40.84
C SER A 1699 -26.10 -19.25 -40.35
N LEU A 1700 -26.95 -19.59 -39.40
CA LEU A 1700 -27.01 -20.95 -38.88
C LEU A 1700 -27.65 -21.89 -39.91
N VAL A 1701 -27.61 -23.17 -39.58
CA VAL A 1701 -28.11 -24.22 -40.47
C VAL A 1701 -29.43 -24.72 -39.91
N LYS A 1702 -30.14 -23.84 -39.21
CA LYS A 1702 -31.41 -24.11 -38.51
C LYS A 1702 -31.24 -25.25 -37.50
N GLY A 1703 -30.41 -24.98 -36.49
CA GLY A 1703 -30.17 -25.92 -35.41
C GLY A 1703 -31.23 -25.82 -34.35
N LYS A 1704 -30.82 -25.64 -33.09
CA LYS A 1704 -31.79 -25.47 -32.03
C LYS A 1704 -32.12 -23.99 -31.84
N ASP A 1705 -33.04 -23.73 -30.90
CA ASP A 1705 -33.58 -22.39 -30.70
C ASP A 1705 -32.52 -21.42 -30.21
N SER A 1706 -31.63 -21.87 -29.33
CA SER A 1706 -30.53 -21.02 -28.87
C SER A 1706 -29.60 -20.68 -30.02
N PHE A 1707 -29.38 -21.62 -30.95
CA PHE A 1707 -28.54 -21.35 -32.11
C PHE A 1707 -29.19 -20.35 -33.05
N GLU A 1708 -30.51 -20.46 -33.28
CA GLU A 1708 -31.19 -19.49 -34.13
C GLU A 1708 -31.20 -18.09 -33.50
N THR A 1709 -31.42 -18.03 -32.18
CA THR A 1709 -31.43 -16.74 -31.52
C THR A 1709 -30.04 -16.11 -31.46
N GLU A 1710 -28.99 -16.93 -31.30
CA GLU A 1710 -27.65 -16.40 -31.35
C GLU A 1710 -27.25 -16.01 -32.77
N ALA A 1711 -27.84 -16.65 -33.78
CA ALA A 1711 -27.64 -16.22 -35.16
C ALA A 1711 -28.25 -14.85 -35.40
N PHE A 1712 -29.48 -14.65 -34.92
CA PHE A 1712 -30.10 -13.33 -35.05
C PHE A 1712 -29.41 -12.30 -34.17
N SER A 1713 -28.74 -12.74 -33.09
CA SER A 1713 -27.96 -11.82 -32.27
C SER A 1713 -26.72 -11.35 -33.00
N ASN A 1714 -25.92 -12.28 -33.54
CA ASN A 1714 -24.65 -11.88 -34.14
C ASN A 1714 -24.77 -11.52 -35.62
N SER A 1715 -25.99 -11.54 -36.19
CA SER A 1715 -26.19 -10.93 -37.50
C SER A 1715 -25.86 -9.45 -37.47
N ASN A 1716 -26.45 -8.73 -36.53
CA ASN A 1716 -26.03 -7.38 -36.18
C ASN A 1716 -25.12 -7.45 -34.96
N GLU A 1717 -24.85 -6.30 -34.35
CA GLU A 1717 -24.09 -6.27 -33.10
C GLU A 1717 -25.00 -6.69 -31.96
N CYS A 1718 -24.69 -7.84 -31.34
CA CYS A 1718 -25.59 -8.48 -30.38
C CYS A 1718 -25.78 -7.63 -29.13
N GLN A 1719 -24.68 -7.11 -28.59
CA GLN A 1719 -24.74 -6.25 -27.41
C GLN A 1719 -25.56 -5.00 -27.67
N ARG A 1720 -25.41 -4.44 -28.87
CA ARG A 1720 -26.05 -3.17 -29.17
C ARG A 1720 -27.54 -3.38 -29.39
N LEU A 1721 -27.92 -4.49 -30.04
CA LEU A 1721 -29.33 -4.75 -30.26
C LEU A 1721 -30.04 -5.12 -28.96
N VAL A 1722 -29.36 -5.86 -28.07
CA VAL A 1722 -30.01 -6.21 -26.81
C VAL A 1722 -30.18 -4.98 -25.92
N LYS A 1723 -29.23 -4.02 -25.97
CA LYS A 1723 -29.48 -2.78 -25.26
C LYS A 1723 -30.59 -1.98 -25.95
N ALA A 1724 -30.65 -2.09 -27.28
CA ALA A 1724 -31.62 -1.35 -28.08
C ALA A 1724 -33.04 -1.76 -27.75
N CYS A 1725 -33.29 -3.06 -27.60
CA CYS A 1725 -34.58 -3.46 -27.04
C CYS A 1725 -34.67 -3.13 -25.56
N ASN A 1726 -33.54 -3.06 -24.87
CA ASN A 1726 -33.55 -2.92 -23.42
C ASN A 1726 -33.89 -1.52 -22.94
N TYR A 1727 -33.87 -0.49 -23.81
CA TYR A 1727 -34.50 0.77 -23.38
C TYR A 1727 -36.02 0.60 -23.15
N MET A 1728 -36.73 0.01 -24.10
CA MET A 1728 -38.18 -0.07 -23.94
C MET A 1728 -38.64 -1.23 -23.07
N ILE A 1729 -37.97 -2.38 -23.11
CA ILE A 1729 -38.47 -3.51 -22.33
C ILE A 1729 -38.16 -3.29 -20.86
N ALA A 1730 -39.12 -3.67 -20.01
CA ALA A 1730 -39.04 -3.47 -18.57
C ALA A 1730 -39.53 -4.72 -17.85
N ALA A 1731 -39.02 -5.87 -18.28
CA ALA A 1731 -39.42 -7.14 -17.66
C ALA A 1731 -38.87 -7.22 -16.24
N GLN A 1732 -37.54 -7.23 -16.09
CA GLN A 1732 -36.82 -7.23 -14.82
C GLN A 1732 -37.26 -8.38 -13.91
N ASN A 1733 -36.97 -9.58 -14.42
CA ASN A 1733 -37.45 -10.81 -13.80
C ASN A 1733 -36.74 -11.03 -12.46
N ARG A 1734 -37.46 -11.66 -11.53
CA ARG A 1734 -37.09 -11.81 -10.12
C ARG A 1734 -35.90 -12.75 -9.91
N LEU A 1735 -35.47 -13.45 -10.97
CA LEU A 1735 -34.35 -14.41 -10.95
C LEU A 1735 -34.67 -15.56 -9.98
N LEU A 1736 -35.70 -16.32 -10.33
CA LEU A 1736 -35.95 -17.62 -9.74
C LEU A 1736 -35.23 -18.73 -10.47
N ALA A 1737 -34.63 -18.41 -11.63
CA ALA A 1737 -33.85 -19.32 -12.48
C ALA A 1737 -34.65 -20.53 -12.96
N ILE A 1738 -35.98 -20.42 -12.99
CA ILE A 1738 -36.84 -21.43 -13.59
C ILE A 1738 -37.70 -20.77 -14.66
N ASN A 1739 -38.27 -19.60 -14.33
CA ASN A 1739 -39.05 -18.84 -15.29
C ASN A 1739 -38.19 -18.10 -16.30
N THR A 1740 -36.89 -17.99 -16.03
CA THR A 1740 -35.99 -17.32 -16.97
C THR A 1740 -35.89 -18.09 -18.29
N CYS A 1741 -35.77 -19.42 -18.21
CA CYS A 1741 -35.77 -20.23 -19.42
C CYS A 1741 -37.15 -20.29 -20.06
N PHE A 1742 -38.20 -20.13 -19.24
CA PHE A 1742 -39.56 -20.14 -19.77
C PHE A 1742 -39.88 -18.89 -20.57
N THR A 1743 -39.39 -17.73 -20.12
CA THR A 1743 -39.72 -16.44 -20.73
C THR A 1743 -39.23 -16.31 -22.15
N ARG A 1744 -37.91 -16.27 -22.34
CA ARG A 1744 -37.28 -16.06 -23.64
C ARG A 1744 -35.81 -16.41 -23.50
N LYS A 1745 -35.22 -16.89 -24.61
CA LYS A 1745 -33.97 -17.63 -24.57
C LYS A 1745 -32.74 -16.86 -25.02
N SER A 1746 -32.86 -15.61 -25.46
CA SER A 1746 -31.67 -14.82 -25.78
C SER A 1746 -31.59 -13.49 -25.05
N PHE A 1747 -32.62 -12.64 -25.23
CA PHE A 1747 -32.63 -11.32 -24.62
C PHE A 1747 -32.61 -11.35 -23.09
N PRO A 1748 -33.44 -12.14 -22.38
CA PRO A 1748 -33.26 -12.21 -20.93
C PRO A 1748 -31.95 -12.85 -20.51
N PHE A 1749 -31.43 -13.81 -21.29
CA PHE A 1749 -30.22 -14.50 -20.87
C PHE A 1749 -28.99 -13.61 -20.93
N TYR A 1750 -28.85 -12.80 -21.98
CA TYR A 1750 -27.73 -11.86 -21.97
C TYR A 1750 -28.18 -10.41 -21.74
N SER A 1751 -29.31 -10.22 -21.06
CA SER A 1751 -29.66 -8.92 -20.51
C SER A 1751 -29.83 -8.92 -19.01
N LYS A 1752 -30.66 -9.81 -18.45
CA LYS A 1752 -31.18 -9.60 -17.10
C LYS A 1752 -30.36 -10.26 -16.00
N PHE A 1753 -29.44 -11.17 -16.32
CA PHE A 1753 -28.47 -11.53 -15.28
C PHE A 1753 -27.22 -10.68 -15.32
N ASN A 1754 -27.35 -9.41 -15.68
CA ASN A 1754 -26.38 -8.39 -15.30
C ASN A 1754 -26.86 -7.53 -14.13
N LEU A 1755 -27.99 -7.91 -13.52
CA LEU A 1755 -28.60 -7.27 -12.35
C LEU A 1755 -28.98 -5.82 -12.58
N GLY A 1756 -29.18 -5.40 -13.82
CA GLY A 1756 -29.58 -4.03 -14.08
C GLY A 1756 -29.52 -3.73 -15.56
N ARG A 1757 -30.20 -2.65 -15.93
CA ARG A 1757 -30.24 -2.13 -17.29
C ARG A 1757 -29.55 -0.77 -17.33
N GLY A 1758 -29.59 -0.13 -18.49
CA GLY A 1758 -29.05 1.22 -18.59
C GLY A 1758 -29.99 2.25 -17.99
N PHE A 1759 -29.63 2.79 -16.82
CA PHE A 1759 -30.47 3.72 -16.11
C PHE A 1759 -29.62 4.90 -15.65
N ILE A 1760 -30.28 5.87 -15.01
CA ILE A 1760 -29.67 7.16 -14.69
C ILE A 1760 -28.66 7.02 -13.55
N SER A 1761 -27.84 8.04 -13.35
CA SER A 1761 -26.88 8.05 -12.27
C SER A 1761 -27.40 8.92 -11.13
N ASN A 1762 -26.62 8.99 -10.05
CA ASN A 1762 -26.98 9.78 -8.89
C ASN A 1762 -25.77 10.61 -8.44
N THR A 1763 -26.04 11.86 -8.07
CA THR A 1763 -24.99 12.79 -7.69
C THR A 1763 -25.19 13.21 -6.23
N LEU A 1764 -24.07 13.48 -5.56
CA LEU A 1764 -24.05 13.85 -4.15
C LEU A 1764 -23.64 15.32 -4.02
N ALA A 1765 -23.58 15.80 -2.77
CA ALA A 1765 -23.15 17.15 -2.45
C ALA A 1765 -21.67 17.22 -2.11
N LEU A 1766 -20.87 16.28 -2.64
CA LEU A 1766 -19.40 16.23 -2.60
C LEU A 1766 -18.82 15.98 -1.21
N LEU A 1767 -19.65 15.95 -0.18
CA LEU A 1767 -19.28 15.70 1.22
C LEU A 1767 -18.12 16.59 1.68
N SER A 1768 -18.41 17.89 1.71
CA SER A 1768 -17.47 18.86 2.25
C SER A 1768 -17.29 18.61 3.74
N THR A 1769 -16.13 18.06 4.14
CA THR A 1769 -15.88 17.64 5.50
C THR A 1769 -15.89 18.81 6.48
N ILE A 1770 -14.93 19.72 6.35
CA ILE A 1770 -14.88 20.90 7.21
C ILE A 1770 -14.17 22.04 6.49
N TYR A 1771 -14.26 23.23 7.08
CA TYR A 1771 -13.83 24.47 6.47
C TYR A 1771 -12.38 24.73 6.88
N SER A 1772 -11.63 25.38 6.01
CA SER A 1772 -10.29 25.79 6.37
C SER A 1772 -10.33 27.14 7.10
N LYS A 1773 -9.17 27.77 7.20
CA LYS A 1773 -9.09 29.12 7.77
C LYS A 1773 -9.85 30.11 6.88
N GLU A 1774 -10.62 30.99 7.52
CA GLU A 1774 -11.44 31.92 6.78
C GLU A 1774 -10.66 33.18 6.43
N GLU A 1775 -10.72 33.57 5.16
CA GLU A 1775 -10.12 34.82 4.69
C GLU A 1775 -11.18 35.62 3.94
N SER A 1776 -11.27 36.90 4.26
CA SER A 1776 -12.23 37.79 3.60
C SER A 1776 -11.61 39.15 3.36
#